data_3WCA
#
_entry.id   3WCA
#
_cell.length_a   79.129
_cell.length_b   132.869
_cell.length_c   141.915
_cell.angle_alpha   90.00
_cell.angle_beta   90.00
_cell.angle_gamma   90.00
#
_symmetry.space_group_name_H-M   'P 21 21 21'
#
loop_
_entity.id
_entity.type
_entity.pdbx_description
1 polymer 'Farnesyltransferase, putative'
2 non-polymer 'S-[(2E,6E)-3,7,11-TRIMETHYLDODECA-2,6,10-TRIENYL] TRIHYDROGEN THIODIPHOSPHATE'
3 non-polymer 'MAGNESIUM ION'
4 water water
#
_entity_poly.entity_id   1
_entity_poly.type   'polypeptide(L)'
_entity_poly.pdbx_seq_one_letter_code
;MGSSHHHHHHSSGLVPRGSHMACNDEDLRFCYDILQAVSRSFAVVIMELDEEMRDAVCIFYLVLRALDTVEDDMSIPVEF
KLRELPKFHEHLHDTTWCMSGVGVGRERELLERYTHVTRAYSRLGKAYQDVISGICERMANGMCDFLTRKVETKADYDLY
CHYVAGLVGHGLTLLYVSSGLEDVRLADDLTNANHMGLFLQKTNIIRDFYEDICEVPPRVFWPREIWEKYTDDLHAFKDE
LHEAKAVECLNAMVADALVHVPHVVEYLASLRDPSVFAFSAIPQVMAMATLSLVFNNKDVFHTKVKTTRGATARIFHYST
ELQATLQMLKTYTLRLAARMNAQDACYDRIEHLVNDAIRAMESHQ
;
_entity_poly.pdbx_strand_id   A,B,C,D
#
# COMPACT_ATOMS: atom_id res chain seq x y z
N ASP A 25 -38.23 -21.09 -28.27
CA ASP A 25 -37.46 -20.87 -27.00
C ASP A 25 -38.06 -19.73 -26.18
N GLU A 26 -39.31 -19.39 -26.46
CA GLU A 26 -40.00 -18.33 -25.75
C GLU A 26 -40.10 -18.65 -24.26
N ASP A 27 -40.16 -19.95 -23.94
CA ASP A 27 -40.27 -20.38 -22.56
C ASP A 27 -39.00 -19.99 -21.80
N LEU A 28 -37.84 -20.30 -22.36
CA LEU A 28 -36.58 -19.94 -21.73
C LEU A 28 -36.48 -18.43 -21.58
N ARG A 29 -36.89 -17.69 -22.60
CA ARG A 29 -36.83 -16.24 -22.54
C ARG A 29 -37.66 -15.69 -21.38
N PHE A 30 -38.85 -16.25 -21.18
CA PHE A 30 -39.70 -15.80 -20.08
C PHE A 30 -38.95 -16.08 -18.79
N CYS A 31 -38.40 -17.28 -18.69
CA CYS A 31 -37.66 -17.69 -17.51
C CYS A 31 -36.59 -16.66 -17.14
N TYR A 32 -35.76 -16.32 -18.11
CA TYR A 32 -34.69 -15.35 -17.89
C TYR A 32 -35.27 -13.97 -17.62
N ASP A 33 -36.44 -13.70 -18.18
CA ASP A 33 -37.10 -12.41 -17.98
C ASP A 33 -37.70 -12.32 -16.59
N ILE A 34 -38.29 -13.41 -16.12
CA ILE A 34 -38.89 -13.38 -14.80
C ILE A 34 -37.75 -13.38 -13.79
N LEU A 35 -36.68 -14.08 -14.11
CA LEU A 35 -35.51 -14.15 -13.24
C LEU A 35 -34.99 -12.75 -12.96
N GLN A 36 -34.87 -11.96 -14.02
CA GLN A 36 -34.38 -10.59 -13.91
C GLN A 36 -35.27 -9.69 -13.06
N ALA A 37 -36.57 -9.95 -13.08
CA ALA A 37 -37.51 -9.15 -12.32
C ALA A 37 -37.61 -9.63 -10.87
N VAL A 38 -37.61 -10.94 -10.72
CA VAL A 38 -37.72 -11.57 -9.40
C VAL A 38 -36.43 -11.56 -8.58
N SER A 39 -35.29 -11.30 -9.23
CA SER A 39 -34.01 -11.28 -8.54
C SER A 39 -32.89 -10.70 -9.38
N ARG A 40 -32.72 -9.39 -9.33
CA ARG A 40 -31.68 -8.74 -10.10
C ARG A 40 -30.27 -9.20 -9.73
N SER A 41 -30.06 -9.55 -8.46
CA SER A 41 -28.76 -9.99 -7.99
C SER A 41 -28.28 -11.25 -8.71
N PHE A 42 -29.02 -12.34 -8.51
CA PHE A 42 -28.70 -13.62 -9.11
C PHE A 42 -28.68 -13.56 -10.63
N ALA A 43 -29.62 -12.80 -11.19
CA ALA A 43 -29.76 -12.66 -12.64
C ALA A 43 -28.54 -12.07 -13.33
N VAL A 44 -27.65 -11.46 -12.56
CA VAL A 44 -26.45 -10.89 -13.16
C VAL A 44 -25.37 -11.96 -13.08
N VAL A 45 -25.21 -12.52 -11.90
CA VAL A 45 -24.19 -13.51 -11.67
C VAL A 45 -24.39 -14.76 -12.53
N ILE A 46 -25.64 -15.15 -12.72
CA ILE A 46 -25.93 -16.34 -13.50
C ILE A 46 -25.40 -16.21 -14.94
N MET A 47 -25.22 -14.99 -15.41
CA MET A 47 -24.74 -14.78 -16.77
C MET A 47 -23.29 -15.22 -16.97
N GLU A 48 -22.59 -15.47 -15.88
CA GLU A 48 -21.21 -15.95 -15.90
C GLU A 48 -21.16 -17.39 -16.44
N LEU A 49 -22.26 -18.10 -16.29
CA LEU A 49 -22.36 -19.49 -16.73
C LEU A 49 -22.61 -19.65 -18.21
N ASP A 50 -22.06 -20.72 -18.78
CA ASP A 50 -22.25 -21.02 -20.19
C ASP A 50 -23.71 -21.38 -20.40
N GLU A 51 -24.22 -21.07 -21.59
CA GLU A 51 -25.60 -21.33 -21.94
C GLU A 51 -26.27 -22.61 -21.42
N GLU A 52 -25.67 -23.78 -21.64
CA GLU A 52 -26.29 -25.03 -21.19
C GLU A 52 -26.48 -25.13 -19.68
N MET A 53 -25.42 -24.82 -18.95
CA MET A 53 -25.44 -24.86 -17.49
C MET A 53 -26.37 -23.76 -17.00
N ARG A 54 -26.31 -22.63 -17.69
CA ARG A 54 -27.09 -21.46 -17.33
C ARG A 54 -28.59 -21.70 -17.38
N ASP A 55 -29.03 -22.42 -18.40
CA ASP A 55 -30.46 -22.72 -18.55
C ASP A 55 -30.90 -23.58 -17.38
N ALA A 56 -30.11 -24.61 -17.08
CA ALA A 56 -30.43 -25.52 -15.99
C ALA A 56 -30.47 -24.78 -14.65
N VAL A 57 -29.48 -23.94 -14.39
CA VAL A 57 -29.42 -23.18 -13.15
C VAL A 57 -30.54 -22.15 -13.10
N CYS A 58 -30.86 -21.53 -14.22
CA CYS A 58 -31.94 -20.54 -14.24
C CYS A 58 -33.30 -21.16 -13.90
N ILE A 59 -33.56 -22.34 -14.44
CA ILE A 59 -34.81 -23.04 -14.19
C ILE A 59 -34.85 -23.55 -12.75
N PHE A 60 -33.70 -24.01 -12.28
CA PHE A 60 -33.53 -24.50 -10.93
C PHE A 60 -33.91 -23.40 -9.94
N TYR A 61 -33.38 -22.20 -10.19
CA TYR A 61 -33.63 -21.04 -9.35
C TYR A 61 -35.11 -20.64 -9.35
N LEU A 62 -35.75 -20.70 -10.50
CA LEU A 62 -37.16 -20.29 -10.55
C LEU A 62 -38.06 -21.28 -9.82
N VAL A 63 -37.73 -22.57 -9.91
CA VAL A 63 -38.52 -23.57 -9.22
C VAL A 63 -38.48 -23.26 -7.71
N LEU A 64 -37.29 -23.08 -7.17
CA LEU A 64 -37.11 -22.80 -5.74
C LEU A 64 -37.73 -21.45 -5.39
N ARG A 65 -37.67 -20.52 -6.34
CA ARG A 65 -38.21 -19.20 -6.14
C ARG A 65 -39.72 -19.31 -5.99
N ALA A 66 -40.32 -20.23 -6.73
CA ALA A 66 -41.75 -20.45 -6.65
C ALA A 66 -42.07 -20.95 -5.23
N LEU A 67 -41.31 -21.95 -4.76
CA LEU A 67 -41.51 -22.48 -3.41
C LEU A 67 -41.46 -21.35 -2.40
N ASP A 68 -40.41 -20.54 -2.50
CA ASP A 68 -40.21 -19.43 -1.60
C ASP A 68 -41.41 -18.51 -1.57
N THR A 69 -42.00 -18.28 -2.74
CA THR A 69 -43.16 -17.41 -2.86
C THR A 69 -44.35 -17.96 -2.07
N VAL A 70 -44.51 -19.27 -2.05
CA VAL A 70 -45.61 -19.87 -1.29
C VAL A 70 -45.30 -19.77 0.21
N GLU A 71 -44.08 -20.13 0.59
CA GLU A 71 -43.67 -20.07 1.99
C GLU A 71 -43.78 -18.68 2.61
N ASP A 72 -43.45 -17.66 1.81
CA ASP A 72 -43.46 -16.28 2.31
C ASP A 72 -44.78 -15.52 2.26
N ASP A 73 -45.77 -16.02 1.53
CA ASP A 73 -47.04 -15.30 1.49
C ASP A 73 -47.75 -15.51 2.81
N MET A 74 -47.77 -14.48 3.65
CA MET A 74 -48.40 -14.58 4.97
C MET A 74 -49.90 -14.32 4.96
N SER A 75 -50.45 -13.96 3.80
CA SER A 75 -51.89 -13.70 3.73
C SER A 75 -52.66 -14.99 3.46
N ILE A 76 -51.94 -16.05 3.08
CA ILE A 76 -52.60 -17.33 2.81
C ILE A 76 -52.35 -18.33 3.94
N PRO A 77 -53.38 -19.14 4.26
CA PRO A 77 -53.38 -20.15 5.32
C PRO A 77 -52.22 -21.13 5.29
N VAL A 78 -51.72 -21.49 6.47
CA VAL A 78 -50.62 -22.42 6.59
C VAL A 78 -51.00 -23.82 6.11
N GLU A 79 -52.21 -24.27 6.41
CA GLU A 79 -52.61 -25.60 5.95
C GLU A 79 -52.56 -25.62 4.41
N PHE A 80 -52.74 -24.46 3.80
CA PHE A 80 -52.66 -24.38 2.34
C PHE A 80 -51.22 -24.66 1.91
N LYS A 81 -50.25 -24.16 2.68
CA LYS A 81 -48.84 -24.34 2.36
C LYS A 81 -48.36 -25.77 2.67
N LEU A 82 -48.82 -26.33 3.79
CA LEU A 82 -48.43 -27.68 4.16
C LEU A 82 -49.03 -28.68 3.17
N ARG A 83 -50.09 -28.25 2.50
CA ARG A 83 -50.77 -29.09 1.52
C ARG A 83 -50.08 -29.03 0.15
N GLU A 84 -49.91 -27.82 -0.36
CA GLU A 84 -49.32 -27.63 -1.69
C GLU A 84 -47.81 -27.86 -1.84
N LEU A 85 -47.01 -27.38 -0.88
CA LEU A 85 -45.56 -27.51 -0.95
C LEU A 85 -44.97 -28.90 -1.20
N PRO A 86 -45.27 -29.90 -0.34
CA PRO A 86 -44.74 -31.26 -0.51
C PRO A 86 -44.86 -31.88 -1.88
N LYS A 87 -45.86 -31.47 -2.65
CA LYS A 87 -46.02 -32.03 -3.98
C LYS A 87 -45.66 -31.03 -5.07
N PHE A 88 -44.91 -29.99 -4.68
CA PHE A 88 -44.53 -28.98 -5.64
C PHE A 88 -43.65 -29.60 -6.71
N HIS A 89 -42.73 -30.45 -6.30
CA HIS A 89 -41.83 -31.10 -7.24
C HIS A 89 -42.56 -31.95 -8.27
N GLU A 90 -43.72 -32.49 -7.90
CA GLU A 90 -44.49 -33.31 -8.83
C GLU A 90 -44.99 -32.52 -10.02
N HIS A 91 -45.26 -31.23 -9.81
CA HIS A 91 -45.75 -30.37 -10.90
C HIS A 91 -44.72 -30.12 -12.00
N LEU A 92 -43.46 -30.41 -11.72
CA LEU A 92 -42.40 -30.22 -12.71
C LEU A 92 -42.68 -30.97 -14.01
N HIS A 93 -43.46 -32.05 -13.92
CA HIS A 93 -43.78 -32.86 -15.08
C HIS A 93 -45.21 -32.63 -15.57
N ASP A 94 -45.85 -31.56 -15.10
CA ASP A 94 -47.21 -31.23 -15.50
C ASP A 94 -47.25 -29.85 -16.14
N THR A 95 -46.97 -29.79 -17.43
CA THR A 95 -46.92 -28.54 -18.19
C THR A 95 -48.19 -27.69 -18.18
N THR A 96 -49.22 -28.13 -17.45
CA THR A 96 -50.45 -27.35 -17.42
C THR A 96 -50.72 -26.79 -16.03
N TRP A 97 -49.89 -27.18 -15.06
CA TRP A 97 -50.06 -26.70 -13.71
C TRP A 97 -49.64 -25.24 -13.50
N CYS A 98 -50.32 -24.56 -12.59
CA CYS A 98 -50.04 -23.17 -12.24
C CYS A 98 -50.87 -22.77 -11.02
N MET A 99 -50.46 -21.69 -10.35
CA MET A 99 -51.14 -21.21 -9.14
C MET A 99 -51.58 -19.75 -9.33
N SER A 100 -52.84 -19.47 -9.03
CA SER A 100 -53.40 -18.13 -9.24
C SER A 100 -53.43 -17.08 -8.14
N GLY A 101 -53.67 -17.45 -6.88
CA GLY A 101 -53.75 -16.42 -5.85
C GLY A 101 -52.65 -16.38 -4.81
N VAL A 102 -51.40 -16.40 -5.24
CA VAL A 102 -50.30 -16.39 -4.31
C VAL A 102 -49.16 -15.48 -4.74
N GLY A 103 -48.61 -14.75 -3.78
CA GLY A 103 -47.49 -13.86 -4.04
C GLY A 103 -47.81 -12.44 -4.45
N VAL A 104 -46.78 -11.60 -4.46
CA VAL A 104 -46.91 -10.20 -4.84
C VAL A 104 -46.03 -9.90 -6.06
N GLY A 105 -46.46 -8.94 -6.87
CA GLY A 105 -45.68 -8.56 -8.04
C GLY A 105 -45.34 -9.70 -9.00
N ARG A 106 -44.13 -9.64 -9.55
CA ARG A 106 -43.67 -10.64 -10.51
C ARG A 106 -43.70 -12.08 -9.99
N GLU A 107 -43.46 -12.26 -8.69
CA GLU A 107 -43.49 -13.59 -8.11
C GLU A 107 -44.85 -14.21 -8.42
N ARG A 108 -45.89 -13.40 -8.22
CA ARG A 108 -47.26 -13.82 -8.47
C ARG A 108 -47.34 -14.32 -9.92
N GLU A 109 -46.76 -13.53 -10.82
CA GLU A 109 -46.75 -13.86 -12.24
C GLU A 109 -45.99 -15.16 -12.52
N LEU A 110 -44.92 -15.40 -11.76
CA LEU A 110 -44.12 -16.61 -11.92
C LEU A 110 -44.99 -17.85 -11.73
N LEU A 111 -45.82 -17.82 -10.70
CA LEU A 111 -46.69 -18.94 -10.42
C LEU A 111 -47.86 -19.05 -11.40
N GLU A 112 -48.47 -17.93 -11.77
CA GLU A 112 -49.60 -17.95 -12.70
C GLU A 112 -49.20 -18.44 -14.09
N ARG A 113 -48.01 -18.03 -14.54
CA ARG A 113 -47.52 -18.44 -15.85
C ARG A 113 -46.41 -19.46 -15.65
N TYR A 114 -46.54 -20.25 -14.60
CA TYR A 114 -45.55 -21.26 -14.25
C TYR A 114 -45.35 -22.31 -15.36
N THR A 115 -46.20 -22.26 -16.37
CA THR A 115 -46.10 -23.20 -17.48
C THR A 115 -44.76 -23.09 -18.22
N HIS A 116 -44.30 -21.86 -18.41
CA HIS A 116 -43.04 -21.66 -19.13
C HIS A 116 -41.87 -22.35 -18.48
N VAL A 117 -41.89 -22.41 -17.14
CA VAL A 117 -40.81 -23.04 -16.39
C VAL A 117 -40.84 -24.56 -16.56
N THR A 118 -42.02 -25.16 -16.43
CA THR A 118 -42.12 -26.60 -16.57
C THR A 118 -41.81 -27.04 -17.99
N ARG A 119 -42.20 -26.23 -18.98
CA ARG A 119 -41.90 -26.58 -20.37
C ARG A 119 -40.38 -26.60 -20.54
N ALA A 120 -39.75 -25.49 -20.18
CA ALA A 120 -38.31 -25.36 -20.28
C ALA A 120 -37.66 -26.52 -19.53
N TYR A 121 -38.27 -26.88 -18.41
CA TYR A 121 -37.78 -27.97 -17.58
C TYR A 121 -37.77 -29.29 -18.36
N SER A 122 -38.87 -29.56 -19.06
CA SER A 122 -39.00 -30.79 -19.83
C SER A 122 -37.98 -30.93 -20.95
N ARG A 123 -37.35 -29.82 -21.34
CA ARG A 123 -36.35 -29.86 -22.40
C ARG A 123 -34.92 -29.93 -21.85
N LEU A 124 -34.79 -30.17 -20.55
CA LEU A 124 -33.47 -30.27 -19.94
C LEU A 124 -33.01 -31.71 -19.91
N GLY A 125 -31.70 -31.91 -19.77
CA GLY A 125 -31.18 -33.26 -19.73
C GLY A 125 -31.84 -34.00 -18.58
N LYS A 126 -31.83 -35.33 -18.67
CA LYS A 126 -32.43 -36.18 -17.65
C LYS A 126 -31.78 -35.93 -16.29
N ALA A 127 -30.46 -35.91 -16.25
CA ALA A 127 -29.71 -35.70 -15.02
C ALA A 127 -29.97 -34.33 -14.35
N TYR A 128 -30.18 -33.27 -15.15
CA TYR A 128 -30.44 -31.95 -14.59
C TYR A 128 -31.83 -31.92 -13.96
N GLN A 129 -32.79 -32.57 -14.62
CA GLN A 129 -34.17 -32.62 -14.13
C GLN A 129 -34.23 -33.29 -12.77
N ASP A 130 -33.49 -34.37 -12.59
CA ASP A 130 -33.50 -35.12 -11.33
C ASP A 130 -32.90 -34.37 -10.15
N VAL A 131 -31.82 -33.64 -10.40
CA VAL A 131 -31.18 -32.87 -9.34
C VAL A 131 -32.19 -31.84 -8.85
N ILE A 132 -32.77 -31.11 -9.81
CA ILE A 132 -33.74 -30.07 -9.54
C ILE A 132 -34.98 -30.59 -8.81
N SER A 133 -35.54 -31.69 -9.31
CA SER A 133 -36.72 -32.28 -8.70
C SER A 133 -36.39 -32.75 -7.30
N GLY A 134 -35.19 -33.31 -7.15
CA GLY A 134 -34.75 -33.82 -5.86
C GLY A 134 -34.54 -32.75 -4.80
N ILE A 135 -33.94 -31.63 -5.19
CA ILE A 135 -33.68 -30.54 -4.27
C ILE A 135 -34.99 -29.83 -3.95
N CYS A 136 -35.84 -29.68 -4.96
CA CYS A 136 -37.13 -29.01 -4.80
C CYS A 136 -37.98 -29.65 -3.70
N GLU A 137 -38.07 -30.97 -3.73
CA GLU A 137 -38.82 -31.74 -2.75
C GLU A 137 -38.24 -31.59 -1.34
N ARG A 138 -36.94 -31.81 -1.21
CA ARG A 138 -36.31 -31.69 0.10
C ARG A 138 -36.41 -30.28 0.69
N MET A 139 -36.30 -29.23 -0.13
CA MET A 139 -36.42 -27.87 0.39
C MET A 139 -37.85 -27.59 0.82
N ALA A 140 -38.80 -28.04 0.02
CA ALA A 140 -40.21 -27.85 0.32
C ALA A 140 -40.58 -28.46 1.67
N ASN A 141 -40.18 -29.71 1.90
CA ASN A 141 -40.50 -30.37 3.17
C ASN A 141 -39.81 -29.67 4.34
N GLY A 142 -38.61 -29.16 4.09
CA GLY A 142 -37.89 -28.46 5.14
C GLY A 142 -38.64 -27.19 5.48
N MET A 143 -39.12 -26.48 4.46
CA MET A 143 -39.86 -25.26 4.70
C MET A 143 -41.11 -25.59 5.52
N CYS A 144 -41.77 -26.70 5.18
CA CYS A 144 -42.97 -27.11 5.90
C CYS A 144 -42.67 -27.28 7.37
N ASP A 145 -41.53 -27.90 7.68
CA ASP A 145 -41.13 -28.12 9.05
C ASP A 145 -41.04 -26.80 9.83
N PHE A 146 -40.43 -25.78 9.22
CA PHE A 146 -40.29 -24.49 9.89
C PHE A 146 -41.45 -23.53 9.70
N LEU A 147 -42.50 -23.97 9.00
CA LEU A 147 -43.66 -23.12 8.83
C LEU A 147 -44.53 -23.34 10.07
N THR A 148 -44.31 -24.46 10.74
CA THR A 148 -45.06 -24.82 11.93
C THR A 148 -44.25 -24.66 13.23
N ARG A 149 -43.15 -23.91 13.18
CA ARG A 149 -42.34 -23.67 14.37
C ARG A 149 -41.30 -22.57 14.19
N LYS A 150 -40.77 -22.10 15.31
CA LYS A 150 -39.76 -21.05 15.31
C LYS A 150 -38.33 -21.56 15.24
N VAL A 151 -37.39 -20.63 15.11
CA VAL A 151 -35.98 -20.97 15.08
C VAL A 151 -35.49 -20.62 16.47
N GLU A 152 -35.47 -21.61 17.35
CA GLU A 152 -35.05 -21.37 18.72
C GLU A 152 -33.55 -21.57 18.94
N THR A 153 -33.04 -22.70 18.47
CA THR A 153 -31.63 -23.03 18.66
C THR A 153 -30.72 -22.72 17.47
N LYS A 154 -29.42 -22.83 17.72
CA LYS A 154 -28.41 -22.60 16.70
C LYS A 154 -28.53 -23.75 15.72
N ALA A 155 -28.91 -24.91 16.25
CA ALA A 155 -29.12 -26.11 15.45
C ALA A 155 -30.28 -25.82 14.51
N ASP A 156 -31.33 -25.21 15.04
CA ASP A 156 -32.50 -24.85 14.24
C ASP A 156 -32.05 -23.87 13.14
N TYR A 157 -31.29 -22.84 13.55
CA TYR A 157 -30.79 -21.82 12.63
C TYR A 157 -30.04 -22.49 11.47
N ASP A 158 -29.05 -23.32 11.80
CA ASP A 158 -28.27 -24.05 10.82
C ASP A 158 -29.11 -24.96 9.91
N LEU A 159 -30.05 -25.70 10.51
CA LEU A 159 -30.87 -26.59 9.70
C LEU A 159 -31.77 -25.83 8.75
N TYR A 160 -32.36 -24.74 9.23
CA TYR A 160 -33.24 -23.95 8.36
C TYR A 160 -32.42 -23.36 7.20
N CYS A 161 -31.20 -22.93 7.47
CA CYS A 161 -30.34 -22.37 6.45
C CYS A 161 -30.03 -23.47 5.43
N HIS A 162 -29.87 -24.68 5.94
CA HIS A 162 -29.58 -25.84 5.09
C HIS A 162 -30.71 -26.03 4.07
N TYR A 163 -31.95 -26.04 4.56
CA TYR A 163 -33.11 -26.24 3.71
C TYR A 163 -33.35 -25.16 2.65
N VAL A 164 -33.07 -23.90 2.97
CA VAL A 164 -33.35 -22.86 2.01
C VAL A 164 -32.16 -22.30 1.24
N ALA A 165 -30.95 -22.72 1.62
CA ALA A 165 -29.74 -22.23 0.97
C ALA A 165 -28.67 -23.31 0.83
N GLY A 166 -28.43 -24.04 1.91
CA GLY A 166 -27.43 -25.10 1.86
C GLY A 166 -27.73 -26.10 0.76
N LEU A 167 -29.01 -26.38 0.54
CA LEU A 167 -29.43 -27.33 -0.48
C LEU A 167 -29.21 -26.77 -1.90
N VAL A 168 -29.28 -25.44 -2.03
CA VAL A 168 -29.04 -24.82 -3.32
C VAL A 168 -27.59 -25.15 -3.60
N GLY A 169 -26.77 -25.10 -2.56
CA GLY A 169 -25.36 -25.41 -2.70
C GLY A 169 -25.17 -26.85 -3.15
N HIS A 170 -25.96 -27.77 -2.60
CA HIS A 170 -25.89 -29.17 -2.97
C HIS A 170 -26.29 -29.28 -4.45
N GLY A 171 -27.48 -28.77 -4.76
CA GLY A 171 -28.01 -28.78 -6.11
C GLY A 171 -27.03 -28.28 -7.15
N LEU A 172 -26.52 -27.06 -6.95
CA LEU A 172 -25.55 -26.49 -7.88
C LEU A 172 -24.36 -27.42 -8.04
N THR A 173 -23.80 -27.88 -6.93
CA THR A 173 -22.66 -28.78 -6.97
C THR A 173 -22.99 -30.03 -7.82
N LEU A 174 -24.22 -30.53 -7.70
CA LEU A 174 -24.62 -31.70 -8.49
C LEU A 174 -24.84 -31.33 -9.95
N LEU A 175 -25.22 -30.08 -10.21
CA LEU A 175 -25.41 -29.66 -11.59
C LEU A 175 -24.03 -29.47 -12.23
N TYR A 176 -23.04 -29.04 -11.46
CA TYR A 176 -21.69 -28.85 -12.00
C TYR A 176 -21.08 -30.17 -12.43
N VAL A 177 -21.24 -31.19 -11.59
CA VAL A 177 -20.70 -32.52 -11.89
C VAL A 177 -21.43 -33.13 -13.08
N SER A 178 -22.76 -33.13 -13.01
CA SER A 178 -23.58 -33.68 -14.07
C SER A 178 -23.25 -33.07 -15.44
N SER A 179 -22.82 -31.82 -15.44
CA SER A 179 -22.50 -31.11 -16.67
C SER A 179 -21.16 -31.55 -17.26
N GLY A 180 -20.28 -32.06 -16.40
CA GLY A 180 -18.97 -32.47 -16.86
C GLY A 180 -17.94 -31.38 -16.62
N LEU A 181 -18.40 -30.14 -16.44
CA LEU A 181 -17.52 -29.00 -16.21
C LEU A 181 -16.60 -29.18 -15.01
N GLU A 182 -17.08 -29.83 -13.96
CA GLU A 182 -16.25 -30.07 -12.78
C GLU A 182 -16.09 -31.58 -12.61
N ASP A 183 -15.07 -31.99 -11.85
CA ASP A 183 -14.82 -33.41 -11.64
C ASP A 183 -15.83 -34.08 -10.71
N VAL A 184 -16.17 -35.33 -11.01
CA VAL A 184 -17.13 -36.10 -10.21
C VAL A 184 -16.79 -36.14 -8.73
N ARG A 185 -15.53 -35.91 -8.41
CA ARG A 185 -15.09 -35.94 -7.01
C ARG A 185 -15.76 -34.82 -6.20
N LEU A 186 -16.16 -33.76 -6.88
CA LEU A 186 -16.77 -32.61 -6.22
C LEU A 186 -17.97 -33.01 -5.36
N ALA A 187 -18.80 -33.91 -5.87
CA ALA A 187 -19.98 -34.35 -5.16
C ALA A 187 -19.75 -35.43 -4.10
N ASP A 188 -18.49 -35.77 -3.85
CA ASP A 188 -18.20 -36.79 -2.84
C ASP A 188 -18.76 -36.41 -1.48
N ASP A 189 -18.29 -35.27 -0.97
CA ASP A 189 -18.75 -34.76 0.32
C ASP A 189 -19.32 -33.35 0.09
N LEU A 190 -20.63 -33.23 0.27
CA LEU A 190 -21.34 -31.97 0.07
C LEU A 190 -21.36 -31.01 1.26
N THR A 191 -20.56 -31.30 2.28
CA THR A 191 -20.50 -30.45 3.46
C THR A 191 -20.10 -29.02 3.10
N ASN A 192 -18.99 -28.88 2.38
CA ASN A 192 -18.53 -27.56 1.99
C ASN A 192 -19.50 -26.84 1.06
N ALA A 193 -20.28 -27.59 0.31
CA ALA A 193 -21.26 -26.96 -0.58
C ALA A 193 -22.34 -26.34 0.31
N ASN A 194 -22.66 -27.04 1.40
CA ASN A 194 -23.66 -26.58 2.34
C ASN A 194 -23.14 -25.34 3.07
N HIS A 195 -21.85 -25.36 3.41
CA HIS A 195 -21.23 -24.21 4.06
C HIS A 195 -21.37 -22.98 3.14
N MET A 196 -21.13 -23.18 1.85
CA MET A 196 -21.22 -22.10 0.86
C MET A 196 -22.61 -21.47 0.93
N GLY A 197 -23.64 -22.31 0.95
CA GLY A 197 -24.99 -21.79 1.03
C GLY A 197 -25.26 -21.08 2.34
N LEU A 198 -24.75 -21.63 3.45
CA LEU A 198 -24.98 -21.02 4.75
C LEU A 198 -24.32 -19.67 4.90
N PHE A 199 -23.12 -19.51 4.36
CA PHE A 199 -22.44 -18.24 4.47
C PHE A 199 -23.26 -17.14 3.81
N LEU A 200 -23.83 -17.44 2.65
CA LEU A 200 -24.63 -16.45 1.95
C LEU A 200 -25.94 -16.16 2.69
N GLN A 201 -26.66 -17.22 3.07
CA GLN A 201 -27.93 -17.03 3.73
C GLN A 201 -27.75 -16.28 5.05
N LYS A 202 -26.76 -16.66 5.84
CA LYS A 202 -26.54 -16.01 7.12
C LYS A 202 -26.17 -14.54 7.01
N THR A 203 -25.33 -14.20 6.03
CA THR A 203 -24.95 -12.80 5.85
C THR A 203 -26.20 -12.01 5.50
N ASN A 204 -27.10 -12.58 4.70
CA ASN A 204 -28.29 -11.84 4.36
C ASN A 204 -29.21 -11.74 5.57
N ILE A 205 -29.36 -12.81 6.33
CA ILE A 205 -30.22 -12.78 7.52
C ILE A 205 -29.74 -11.71 8.50
N ILE A 206 -28.41 -11.59 8.62
CA ILE A 206 -27.82 -10.60 9.50
C ILE A 206 -28.08 -9.19 8.97
N ARG A 207 -27.80 -8.98 7.69
CA ARG A 207 -28.00 -7.67 7.05
C ARG A 207 -29.44 -7.20 7.04
N ASP A 208 -30.37 -8.13 6.83
CA ASP A 208 -31.79 -7.78 6.75
C ASP A 208 -32.60 -7.81 8.04
N PHE A 209 -31.91 -7.86 9.19
CA PHE A 209 -32.62 -7.88 10.47
C PHE A 209 -33.74 -6.86 10.61
N TYR A 210 -33.41 -5.57 10.46
CA TYR A 210 -34.41 -4.52 10.63
C TYR A 210 -35.58 -4.64 9.68
N GLU A 211 -35.27 -4.79 8.40
CA GLU A 211 -36.29 -4.93 7.37
C GLU A 211 -37.20 -6.12 7.68
N ASP A 212 -36.60 -7.21 8.15
CA ASP A 212 -37.39 -8.40 8.47
C ASP A 212 -38.28 -8.24 9.69
N ILE A 213 -37.74 -7.65 10.75
CA ILE A 213 -38.49 -7.48 12.00
C ILE A 213 -39.56 -6.40 11.88
N CYS A 214 -39.43 -5.55 10.87
CA CYS A 214 -40.37 -4.45 10.63
C CYS A 214 -41.54 -4.83 9.75
N GLU A 215 -41.66 -6.11 9.39
CA GLU A 215 -42.77 -6.52 8.54
C GLU A 215 -43.96 -7.03 9.34
N VAL A 216 -45.09 -7.18 8.66
CA VAL A 216 -46.32 -7.63 9.29
C VAL A 216 -46.82 -8.93 8.69
N PRO A 217 -46.73 -10.04 9.44
CA PRO A 217 -46.19 -10.12 10.80
C PRO A 217 -44.67 -9.96 10.77
N PRO A 218 -44.03 -9.80 11.93
CA PRO A 218 -42.57 -9.65 11.95
C PRO A 218 -41.87 -10.96 11.62
N ARG A 219 -40.87 -10.90 10.74
CA ARG A 219 -40.10 -12.09 10.38
C ARG A 219 -38.84 -12.11 11.22
N VAL A 220 -38.58 -13.25 11.87
CA VAL A 220 -37.40 -13.39 12.71
C VAL A 220 -36.64 -14.67 12.39
N PHE A 221 -35.33 -14.54 12.20
CA PHE A 221 -34.47 -15.66 11.89
C PHE A 221 -33.35 -15.84 12.89
N TRP A 222 -32.89 -14.74 13.48
CA TRP A 222 -31.82 -14.84 14.47
C TRP A 222 -32.30 -15.86 15.52
N PRO A 223 -31.46 -16.85 15.86
CA PRO A 223 -31.83 -17.87 16.85
C PRO A 223 -31.88 -17.38 18.30
N ARG A 224 -32.95 -17.75 19.00
CA ARG A 224 -33.10 -17.36 20.40
C ARG A 224 -31.84 -17.76 21.18
N GLU A 225 -31.33 -18.95 20.91
CA GLU A 225 -30.14 -19.41 21.61
C GLU A 225 -29.06 -18.36 21.60
N ILE A 226 -29.01 -17.54 20.55
CA ILE A 226 -27.98 -16.51 20.49
C ILE A 226 -28.44 -15.16 21.04
N TRP A 227 -29.64 -14.70 20.66
CA TRP A 227 -30.07 -13.41 21.16
C TRP A 227 -30.54 -13.33 22.62
N GLU A 228 -30.96 -14.46 23.20
CA GLU A 228 -31.43 -14.41 24.59
C GLU A 228 -30.34 -14.09 25.61
N LYS A 229 -29.11 -14.00 25.12
CA LYS A 229 -27.96 -13.69 25.96
C LYS A 229 -27.77 -12.17 26.06
N TYR A 230 -28.54 -11.43 25.27
CA TYR A 230 -28.44 -9.97 25.25
C TYR A 230 -29.77 -9.28 25.46
N THR A 231 -30.86 -10.02 25.30
CA THR A 231 -32.17 -9.40 25.47
C THR A 231 -33.24 -10.46 25.66
N ASP A 232 -34.42 -10.02 26.12
CA ASP A 232 -35.56 -10.91 26.33
C ASP A 232 -36.55 -10.63 25.20
N ASP A 233 -36.39 -9.46 24.57
CA ASP A 233 -37.25 -9.06 23.46
C ASP A 233 -36.40 -8.57 22.30
N LEU A 234 -36.36 -9.36 21.24
CA LEU A 234 -35.60 -9.06 20.04
C LEU A 234 -35.95 -7.67 19.52
N HIS A 235 -37.24 -7.34 19.56
CA HIS A 235 -37.70 -6.04 19.10
C HIS A 235 -37.05 -4.86 19.85
N ALA A 236 -36.35 -5.14 20.94
CA ALA A 236 -35.70 -4.09 21.71
C ALA A 236 -34.52 -3.48 20.96
N PHE A 237 -33.93 -4.26 20.06
CA PHE A 237 -32.78 -3.81 19.28
C PHE A 237 -33.12 -2.66 18.35
N LYS A 238 -34.41 -2.35 18.22
CA LYS A 238 -34.80 -1.25 17.35
C LYS A 238 -34.65 0.11 18.03
N ASP A 239 -34.50 0.07 19.36
CA ASP A 239 -34.39 1.27 20.20
C ASP A 239 -32.93 1.65 20.49
N GLU A 240 -32.59 2.92 20.31
CA GLU A 240 -31.23 3.36 20.61
C GLU A 240 -30.89 3.02 22.07
N LEU A 241 -31.91 2.94 22.91
CA LEU A 241 -31.75 2.62 24.33
C LEU A 241 -30.91 1.36 24.55
N HIS A 242 -31.15 0.33 23.75
CA HIS A 242 -30.43 -0.94 23.89
C HIS A 242 -29.39 -1.15 22.80
N GLU A 243 -28.92 -0.04 22.25
CA GLU A 243 -27.93 -0.05 21.19
C GLU A 243 -26.71 -0.93 21.48
N ALA A 244 -26.26 -0.92 22.73
CA ALA A 244 -25.07 -1.71 23.10
C ALA A 244 -25.31 -3.21 23.00
N LYS A 245 -26.45 -3.66 23.52
CA LYS A 245 -26.78 -5.08 23.47
C LYS A 245 -27.08 -5.52 22.05
N ALA A 246 -27.70 -4.65 21.26
CA ALA A 246 -28.02 -5.02 19.88
C ALA A 246 -26.71 -5.29 19.13
N VAL A 247 -25.76 -4.37 19.27
CA VAL A 247 -24.47 -4.51 18.61
C VAL A 247 -23.70 -5.74 19.06
N GLU A 248 -23.73 -6.06 20.35
CA GLU A 248 -23.03 -7.24 20.86
C GLU A 248 -23.64 -8.50 20.29
N CYS A 249 -24.96 -8.50 20.12
CA CYS A 249 -25.65 -9.66 19.58
C CYS A 249 -25.36 -9.72 18.08
N LEU A 250 -25.40 -8.56 17.42
CA LEU A 250 -25.08 -8.47 15.99
C LEU A 250 -23.69 -9.06 15.79
N ASN A 251 -22.76 -8.70 16.67
CA ASN A 251 -21.39 -9.22 16.55
C ASN A 251 -21.30 -10.73 16.78
N ALA A 252 -22.18 -11.25 17.62
CA ALA A 252 -22.19 -12.69 17.89
C ALA A 252 -22.75 -13.41 16.66
N MET A 253 -23.62 -12.73 15.93
CA MET A 253 -24.18 -13.35 14.73
C MET A 253 -23.07 -13.45 13.69
N VAL A 254 -22.31 -12.36 13.54
CA VAL A 254 -21.21 -12.32 12.60
C VAL A 254 -20.23 -13.45 12.91
N ALA A 255 -19.86 -13.58 14.19
CA ALA A 255 -18.94 -14.63 14.62
C ALA A 255 -19.47 -15.98 14.18
N ASP A 256 -20.78 -16.16 14.28
CA ASP A 256 -21.38 -17.42 13.88
C ASP A 256 -21.23 -17.66 12.38
N ALA A 257 -21.37 -16.61 11.57
CA ALA A 257 -21.25 -16.77 10.12
C ALA A 257 -19.81 -17.01 9.68
N LEU A 258 -18.86 -16.44 10.40
CA LEU A 258 -17.45 -16.59 10.07
C LEU A 258 -16.97 -18.04 10.10
N VAL A 259 -17.70 -18.87 10.85
CA VAL A 259 -17.37 -20.30 10.96
C VAL A 259 -17.29 -20.95 9.58
N HIS A 260 -18.12 -20.46 8.66
CA HIS A 260 -18.19 -21.04 7.33
C HIS A 260 -17.12 -20.65 6.31
N VAL A 261 -16.41 -19.55 6.57
CA VAL A 261 -15.42 -19.05 5.63
C VAL A 261 -14.28 -19.98 5.24
N PRO A 262 -13.67 -20.68 6.21
CA PRO A 262 -12.58 -21.57 5.81
C PRO A 262 -13.05 -22.62 4.79
N HIS A 263 -14.31 -23.03 4.93
CA HIS A 263 -14.94 -24.04 4.08
C HIS A 263 -15.32 -23.48 2.71
N VAL A 264 -15.64 -22.19 2.69
CA VAL A 264 -15.96 -21.52 1.44
C VAL A 264 -14.65 -21.45 0.65
N VAL A 265 -13.54 -21.19 1.34
CA VAL A 265 -12.25 -21.12 0.68
C VAL A 265 -11.91 -22.47 0.05
N GLU A 266 -12.13 -23.55 0.78
CA GLU A 266 -11.84 -24.89 0.27
C GLU A 266 -12.70 -25.23 -0.95
N TYR A 267 -13.99 -24.98 -0.87
CA TYR A 267 -14.87 -25.26 -1.98
C TYR A 267 -14.45 -24.45 -3.22
N LEU A 268 -14.24 -23.14 -3.06
CA LEU A 268 -13.85 -22.33 -4.22
C LEU A 268 -12.53 -22.81 -4.83
N ALA A 269 -11.60 -23.23 -3.97
CA ALA A 269 -10.30 -23.70 -4.44
C ALA A 269 -10.36 -25.09 -5.09
N SER A 270 -11.49 -25.78 -4.98
CA SER A 270 -11.60 -27.10 -5.59
C SER A 270 -12.20 -27.02 -6.98
N LEU A 271 -12.65 -25.83 -7.37
CA LEU A 271 -13.25 -25.62 -8.69
C LEU A 271 -12.19 -25.46 -9.78
N ARG A 272 -12.42 -26.06 -10.95
CA ARG A 272 -11.44 -25.99 -12.04
C ARG A 272 -11.93 -25.20 -13.24
N ASP A 273 -13.24 -25.16 -13.44
CA ASP A 273 -13.81 -24.44 -14.57
C ASP A 273 -14.00 -22.97 -14.27
N PRO A 274 -13.51 -22.08 -15.15
CA PRO A 274 -13.63 -20.63 -14.97
C PRO A 274 -15.02 -20.05 -14.90
N SER A 275 -15.96 -20.59 -15.67
CA SER A 275 -17.34 -20.09 -15.62
C SER A 275 -17.96 -20.47 -14.27
N VAL A 276 -17.80 -21.74 -13.90
CA VAL A 276 -18.34 -22.26 -12.65
C VAL A 276 -17.68 -21.49 -11.51
N PHE A 277 -16.38 -21.27 -11.60
CA PHE A 277 -15.69 -20.55 -10.55
C PHE A 277 -16.21 -19.12 -10.36
N ALA A 278 -16.31 -18.34 -11.43
CA ALA A 278 -16.78 -16.96 -11.28
C ALA A 278 -18.21 -16.91 -10.73
N PHE A 279 -19.08 -17.77 -11.25
CA PHE A 279 -20.47 -17.83 -10.81
C PHE A 279 -20.56 -18.17 -9.31
N SER A 280 -19.66 -19.05 -8.85
CA SER A 280 -19.62 -19.49 -7.45
C SER A 280 -18.93 -18.52 -6.48
N ALA A 281 -17.88 -17.87 -6.98
CA ALA A 281 -17.08 -16.95 -6.18
C ALA A 281 -17.67 -15.58 -5.90
N ILE A 282 -18.25 -14.96 -6.92
CA ILE A 282 -18.80 -13.62 -6.78
C ILE A 282 -19.75 -13.42 -5.61
N PRO A 283 -20.75 -14.29 -5.46
CA PRO A 283 -21.67 -14.10 -4.34
C PRO A 283 -20.94 -14.25 -2.99
N GLN A 284 -19.97 -15.16 -2.92
CA GLN A 284 -19.22 -15.34 -1.69
C GLN A 284 -18.41 -14.08 -1.36
N VAL A 285 -17.71 -13.53 -2.34
CA VAL A 285 -16.93 -12.33 -2.08
C VAL A 285 -17.84 -11.17 -1.67
N MET A 286 -19.02 -11.08 -2.28
CA MET A 286 -19.99 -10.04 -1.95
C MET A 286 -20.50 -10.20 -0.51
N ALA A 287 -20.69 -11.44 -0.11
CA ALA A 287 -21.17 -11.74 1.23
C ALA A 287 -20.13 -11.31 2.26
N MET A 288 -18.86 -11.60 1.99
CA MET A 288 -17.81 -11.22 2.91
C MET A 288 -17.68 -9.69 2.99
N ALA A 289 -17.94 -9.00 1.88
CA ALA A 289 -17.86 -7.53 1.87
C ALA A 289 -19.01 -6.98 2.73
N THR A 290 -20.20 -7.55 2.55
CA THR A 290 -21.35 -7.13 3.34
C THR A 290 -21.10 -7.41 4.82
N LEU A 291 -20.62 -8.61 5.11
CA LEU A 291 -20.33 -9.02 6.47
C LEU A 291 -19.32 -8.10 7.14
N SER A 292 -18.30 -7.66 6.40
CA SER A 292 -17.30 -6.76 6.97
C SER A 292 -17.92 -5.41 7.27
N LEU A 293 -18.94 -5.04 6.51
CA LEU A 293 -19.63 -3.77 6.69
C LEU A 293 -20.66 -3.80 7.82
N VAL A 294 -21.36 -4.91 8.00
CA VAL A 294 -22.37 -4.97 9.05
C VAL A 294 -21.77 -5.21 10.41
N PHE A 295 -20.58 -5.79 10.46
CA PHE A 295 -19.94 -6.09 11.72
C PHE A 295 -19.74 -4.84 12.59
N ASN A 296 -20.15 -4.92 13.85
CA ASN A 296 -19.99 -3.84 14.80
C ASN A 296 -20.57 -2.53 14.26
N ASN A 297 -21.61 -2.64 13.43
CA ASN A 297 -22.25 -1.47 12.82
C ASN A 297 -23.67 -1.30 13.34
N LYS A 298 -23.90 -0.31 14.18
CA LYS A 298 -25.23 -0.14 14.74
C LYS A 298 -26.29 0.35 13.74
N ASP A 299 -25.85 0.74 12.55
CA ASP A 299 -26.78 1.21 11.52
C ASP A 299 -27.63 0.05 11.05
N VAL A 300 -27.13 -1.16 11.26
CA VAL A 300 -27.84 -2.37 10.87
C VAL A 300 -29.24 -2.42 11.50
N PHE A 301 -29.42 -1.75 12.63
CA PHE A 301 -30.70 -1.80 13.30
C PHE A 301 -31.74 -0.76 12.92
N HIS A 302 -31.47 -0.01 11.85
CA HIS A 302 -32.42 0.98 11.38
C HIS A 302 -32.37 1.19 9.85
N THR A 303 -31.56 0.41 9.15
CA THR A 303 -31.47 0.52 7.70
C THR A 303 -30.67 -0.62 7.09
N LYS A 304 -30.71 -0.74 5.76
CA LYS A 304 -29.95 -1.78 5.07
C LYS A 304 -28.56 -1.30 4.73
N VAL A 305 -27.56 -2.00 5.24
CA VAL A 305 -26.18 -1.64 4.96
C VAL A 305 -25.76 -2.35 3.67
N LYS A 306 -25.27 -1.58 2.70
CA LYS A 306 -24.87 -2.10 1.40
C LYS A 306 -23.51 -1.59 0.93
N THR A 307 -22.84 -2.40 0.11
CA THR A 307 -21.55 -2.02 -0.44
C THR A 307 -21.82 -0.98 -1.52
N THR A 308 -20.78 -0.30 -1.96
CA THR A 308 -20.97 0.67 -3.02
C THR A 308 -21.12 -0.06 -4.34
N ARG A 309 -21.65 0.62 -5.34
CA ARG A 309 -21.84 0.04 -6.64
C ARG A 309 -20.47 -0.14 -7.30
N GLY A 310 -19.51 0.67 -6.88
CA GLY A 310 -18.15 0.56 -7.41
C GLY A 310 -17.43 -0.66 -6.87
N ALA A 311 -17.60 -0.92 -5.59
CA ALA A 311 -16.98 -2.11 -4.98
C ALA A 311 -17.59 -3.35 -5.64
N THR A 312 -18.89 -3.29 -5.92
CA THR A 312 -19.56 -4.43 -6.55
C THR A 312 -18.95 -4.69 -7.93
N ALA A 313 -18.81 -3.63 -8.72
CA ALA A 313 -18.24 -3.78 -10.06
C ALA A 313 -16.84 -4.37 -9.96
N ARG A 314 -16.07 -3.91 -8.98
CA ARG A 314 -14.71 -4.41 -8.81
C ARG A 314 -14.72 -5.89 -8.47
N ILE A 315 -15.64 -6.29 -7.59
CA ILE A 315 -15.73 -7.69 -7.20
C ILE A 315 -16.10 -8.55 -8.42
N PHE A 316 -17.07 -8.09 -9.19
CA PHE A 316 -17.46 -8.82 -10.38
C PHE A 316 -16.29 -8.93 -11.37
N HIS A 317 -15.48 -7.88 -11.44
CA HIS A 317 -14.37 -7.87 -12.37
C HIS A 317 -13.22 -8.83 -12.07
N TYR A 318 -12.78 -8.88 -10.82
CA TYR A 318 -11.65 -9.71 -10.45
C TYR A 318 -11.89 -11.13 -9.97
N SER A 319 -13.11 -11.46 -9.57
CA SER A 319 -13.39 -12.81 -9.08
C SER A 319 -13.53 -13.83 -10.21
N THR A 320 -12.54 -13.87 -11.10
CA THR A 320 -12.56 -14.80 -12.23
C THR A 320 -11.63 -15.97 -12.00
N GLU A 321 -10.67 -15.80 -11.09
CA GLU A 321 -9.73 -16.85 -10.77
C GLU A 321 -9.42 -16.82 -9.28
N LEU A 322 -8.98 -17.96 -8.74
CA LEU A 322 -8.68 -18.14 -7.34
C LEU A 322 -7.83 -17.09 -6.62
N GLN A 323 -6.61 -16.87 -7.11
CA GLN A 323 -5.71 -15.93 -6.46
C GLN A 323 -6.32 -14.56 -6.17
N ALA A 324 -6.88 -13.92 -7.18
CA ALA A 324 -7.49 -12.60 -6.98
C ALA A 324 -8.66 -12.67 -5.98
N THR A 325 -9.42 -13.75 -6.05
CA THR A 325 -10.56 -13.94 -5.18
C THR A 325 -10.11 -14.10 -3.74
N LEU A 326 -9.03 -14.84 -3.54
CA LEU A 326 -8.49 -15.05 -2.21
C LEU A 326 -8.01 -13.73 -1.64
N GLN A 327 -7.33 -12.93 -2.46
CA GLN A 327 -6.86 -11.66 -1.94
C GLN A 327 -8.01 -10.69 -1.61
N MET A 328 -9.08 -10.67 -2.41
CA MET A 328 -10.20 -9.80 -2.07
C MET A 328 -10.88 -10.27 -0.77
N LEU A 329 -10.96 -11.58 -0.57
CA LEU A 329 -11.57 -12.12 0.65
C LEU A 329 -10.67 -11.79 1.85
N LYS A 330 -9.36 -11.87 1.62
CA LYS A 330 -8.42 -11.55 2.69
C LYS A 330 -8.59 -10.08 3.04
N THR A 331 -8.63 -9.24 2.01
CA THR A 331 -8.81 -7.80 2.19
C THR A 331 -10.05 -7.47 3.02
N TYR A 332 -11.18 -8.05 2.65
CA TYR A 332 -12.42 -7.80 3.39
C TYR A 332 -12.37 -8.41 4.78
N THR A 333 -11.78 -9.58 4.89
CA THR A 333 -11.67 -10.24 6.19
C THR A 333 -10.85 -9.34 7.11
N LEU A 334 -9.80 -8.75 6.57
CA LEU A 334 -8.94 -7.87 7.36
C LEU A 334 -9.65 -6.56 7.73
N ARG A 335 -10.61 -6.14 6.89
CA ARG A 335 -11.36 -4.92 7.18
C ARG A 335 -12.33 -5.17 8.31
N LEU A 336 -12.86 -6.39 8.36
CA LEU A 336 -13.81 -6.76 9.39
C LEU A 336 -13.08 -6.70 10.73
N ALA A 337 -11.95 -7.38 10.82
CA ALA A 337 -11.15 -7.42 12.04
C ALA A 337 -10.71 -6.04 12.50
N ALA A 338 -10.33 -5.19 11.56
CA ALA A 338 -9.88 -3.85 11.88
C ALA A 338 -10.97 -3.00 12.56
N ARG A 339 -12.23 -3.35 12.31
CA ARG A 339 -13.35 -2.60 12.87
C ARG A 339 -13.71 -2.89 14.32
N MET A 340 -12.89 -3.64 15.05
CA MET A 340 -13.22 -3.93 16.45
C MET A 340 -12.14 -3.49 17.44
N ASN A 341 -12.47 -3.59 18.73
CA ASN A 341 -11.56 -3.22 19.83
C ASN A 341 -11.43 -4.33 20.87
N ALA A 342 -10.42 -4.22 21.72
CA ALA A 342 -10.18 -5.20 22.77
C ALA A 342 -11.27 -5.08 23.83
N GLN A 343 -12.04 -3.98 23.76
CA GLN A 343 -13.13 -3.70 24.69
C GLN A 343 -14.33 -4.59 24.42
N ASP A 344 -14.66 -4.77 23.14
CA ASP A 344 -15.79 -5.57 22.72
C ASP A 344 -15.76 -6.99 23.28
N ALA A 345 -16.94 -7.48 23.68
CA ALA A 345 -17.06 -8.82 24.25
C ALA A 345 -16.96 -9.91 23.18
N CYS A 346 -16.42 -9.53 22.02
CA CYS A 346 -16.25 -10.47 20.92
C CYS A 346 -14.78 -10.56 20.48
N TYR A 347 -14.05 -9.47 20.62
CA TYR A 347 -12.65 -9.39 20.22
C TYR A 347 -11.93 -10.74 20.30
N ASP A 348 -12.22 -11.49 21.35
CA ASP A 348 -11.61 -12.79 21.56
C ASP A 348 -12.13 -13.82 20.55
N ARG A 349 -13.46 -13.96 20.51
CA ARG A 349 -14.10 -14.90 19.62
C ARG A 349 -13.92 -14.55 18.15
N ILE A 350 -13.88 -13.27 17.84
CA ILE A 350 -13.73 -12.86 16.43
C ILE A 350 -12.31 -13.07 15.95
N GLU A 351 -11.33 -12.79 16.81
CA GLU A 351 -9.93 -12.91 16.42
C GLU A 351 -9.51 -14.28 15.91
N HIS A 352 -9.83 -15.35 16.63
CA HIS A 352 -9.43 -16.67 16.16
C HIS A 352 -10.21 -17.06 14.92
N LEU A 353 -11.41 -16.53 14.78
CA LEU A 353 -12.21 -16.83 13.60
C LEU A 353 -11.62 -16.14 12.38
N VAL A 354 -11.09 -14.94 12.57
CA VAL A 354 -10.47 -14.20 11.49
C VAL A 354 -9.19 -14.92 11.10
N ASN A 355 -8.42 -15.34 12.10
CA ASN A 355 -7.17 -16.05 11.85
C ASN A 355 -7.40 -17.37 11.12
N ASP A 356 -8.47 -18.07 11.46
CA ASP A 356 -8.78 -19.32 10.78
C ASP A 356 -9.08 -19.04 9.30
N ALA A 357 -9.84 -17.98 9.05
CA ALA A 357 -10.21 -17.60 7.70
C ALA A 357 -8.98 -17.19 6.87
N ILE A 358 -8.20 -16.26 7.41
CA ILE A 358 -7.01 -15.78 6.73
C ILE A 358 -6.01 -16.92 6.55
N ARG A 359 -5.95 -17.80 7.53
CA ARG A 359 -5.04 -18.92 7.48
C ARG A 359 -5.45 -19.82 6.33
N ALA A 360 -6.75 -20.07 6.21
CA ALA A 360 -7.29 -20.92 5.17
C ALA A 360 -7.00 -20.31 3.79
N MET A 361 -6.99 -18.99 3.73
CA MET A 361 -6.72 -18.27 2.49
C MET A 361 -5.25 -18.40 2.10
N GLU A 362 -4.35 -18.04 3.02
CA GLU A 362 -2.92 -18.11 2.78
C GLU A 362 -2.55 -19.55 2.48
N SER A 363 -3.39 -20.48 2.94
CA SER A 363 -3.19 -21.91 2.72
C SER A 363 -3.26 -22.25 1.23
N HIS A 364 -3.71 -21.31 0.40
CA HIS A 364 -3.83 -21.55 -1.04
C HIS A 364 -3.09 -20.49 -1.85
N GLN A 365 -2.30 -19.65 -1.18
CA GLN A 365 -1.55 -18.59 -1.85
C GLN A 365 -0.07 -18.92 -2.05
N ASP B 25 -15.11 3.79 16.29
CA ASP B 25 -16.33 3.95 15.52
C ASP B 25 -16.88 5.35 15.74
N GLU B 26 -16.80 5.79 17.00
CA GLU B 26 -17.26 7.11 17.42
C GLU B 26 -16.54 8.21 16.62
N ASP B 27 -15.21 8.15 16.58
CA ASP B 27 -14.43 9.15 15.86
C ASP B 27 -14.82 9.26 14.38
N LEU B 28 -14.80 8.14 13.68
CA LEU B 28 -15.14 8.13 12.26
C LEU B 28 -16.56 8.62 12.00
N ARG B 29 -17.50 8.22 12.85
CA ARG B 29 -18.88 8.65 12.69
C ARG B 29 -19.02 10.16 12.82
N PHE B 30 -18.21 10.76 13.67
CA PHE B 30 -18.26 12.21 13.83
C PHE B 30 -17.80 12.83 12.51
N CYS B 31 -16.74 12.28 11.95
CA CYS B 31 -16.20 12.77 10.70
C CYS B 31 -17.25 12.80 9.59
N TYR B 32 -17.92 11.67 9.34
CA TYR B 32 -18.95 11.62 8.31
C TYR B 32 -20.14 12.54 8.60
N ASP B 33 -20.45 12.71 9.87
CA ASP B 33 -21.55 13.58 10.29
C ASP B 33 -21.21 15.04 9.97
N ILE B 34 -20.00 15.45 10.33
CA ILE B 34 -19.55 16.81 10.07
C ILE B 34 -19.45 17.02 8.57
N LEU B 35 -18.88 16.05 7.88
CA LEU B 35 -18.74 16.13 6.43
C LEU B 35 -20.09 16.41 5.78
N GLN B 36 -21.06 15.56 6.10
CA GLN B 36 -22.42 15.71 5.55
C GLN B 36 -23.01 17.06 5.94
N ALA B 37 -22.67 17.53 7.13
CA ALA B 37 -23.18 18.80 7.63
C ALA B 37 -22.58 20.03 6.97
N VAL B 38 -21.26 20.05 6.83
CA VAL B 38 -20.59 21.21 6.25
C VAL B 38 -20.40 21.18 4.74
N SER B 39 -20.45 19.99 4.15
CA SER B 39 -20.28 19.86 2.71
C SER B 39 -21.58 19.53 2.02
N ARG B 40 -21.83 20.15 0.88
CA ARG B 40 -23.06 19.90 0.17
C ARG B 40 -22.87 18.92 -0.98
N SER B 41 -22.10 19.30 -1.99
CA SER B 41 -21.88 18.43 -3.14
C SER B 41 -21.01 17.22 -2.81
N PHE B 42 -19.85 17.48 -2.24
CA PHE B 42 -18.91 16.41 -1.92
C PHE B 42 -19.31 15.29 -0.99
N ALA B 43 -20.14 15.57 0.01
CA ALA B 43 -20.56 14.53 0.93
C ALA B 43 -21.25 13.40 0.17
N VAL B 44 -21.94 13.73 -0.91
CA VAL B 44 -22.60 12.69 -1.70
C VAL B 44 -21.56 11.97 -2.56
N VAL B 45 -20.79 12.73 -3.33
CA VAL B 45 -19.79 12.13 -4.20
C VAL B 45 -18.87 11.16 -3.49
N ILE B 46 -18.42 11.53 -2.30
CA ILE B 46 -17.50 10.72 -1.51
C ILE B 46 -18.03 9.31 -1.18
N MET B 47 -19.34 9.16 -1.13
CA MET B 47 -19.93 7.86 -0.83
C MET B 47 -19.72 6.88 -1.98
N GLU B 48 -19.09 7.35 -3.05
CA GLU B 48 -18.82 6.46 -4.18
C GLU B 48 -17.63 5.57 -3.82
N LEU B 49 -16.74 6.12 -3.00
CA LEU B 49 -15.55 5.40 -2.57
C LEU B 49 -15.95 4.43 -1.48
N ASP B 50 -15.09 3.46 -1.18
CA ASP B 50 -15.43 2.50 -0.13
C ASP B 50 -14.25 2.21 0.76
N GLU B 51 -14.54 1.55 1.88
CA GLU B 51 -13.52 1.16 2.86
C GLU B 51 -12.54 2.24 3.32
N GLU B 52 -11.28 1.86 3.43
CA GLU B 52 -10.25 2.78 3.90
C GLU B 52 -10.04 3.97 2.98
N MET B 53 -10.28 3.79 1.69
CA MET B 53 -10.12 4.87 0.72
C MET B 53 -11.05 6.04 1.06
N ARG B 54 -12.31 5.72 1.34
CA ARG B 54 -13.30 6.74 1.66
C ARG B 54 -13.03 7.45 2.97
N ASP B 55 -12.51 6.71 3.95
CA ASP B 55 -12.20 7.28 5.27
C ASP B 55 -11.06 8.29 5.13
N ALA B 56 -10.03 7.91 4.39
CA ALA B 56 -8.86 8.76 4.17
C ALA B 56 -9.26 10.06 3.49
N VAL B 57 -10.09 9.93 2.46
CA VAL B 57 -10.58 11.09 1.72
C VAL B 57 -11.51 11.92 2.61
N CYS B 58 -12.31 11.28 3.46
CA CYS B 58 -13.20 12.03 4.34
C CYS B 58 -12.38 12.85 5.33
N ILE B 59 -11.33 12.23 5.90
CA ILE B 59 -10.46 12.91 6.85
C ILE B 59 -9.66 14.02 6.15
N PHE B 60 -9.20 13.72 4.93
CA PHE B 60 -8.43 14.66 4.13
C PHE B 60 -9.27 15.92 3.88
N TYR B 61 -10.55 15.72 3.59
CA TYR B 61 -11.45 16.83 3.33
C TYR B 61 -11.64 17.73 4.55
N LEU B 62 -11.91 17.11 5.68
CA LEU B 62 -12.15 17.82 6.92
C LEU B 62 -10.89 18.59 7.37
N VAL B 63 -9.72 17.95 7.26
CA VAL B 63 -8.47 18.61 7.62
C VAL B 63 -8.33 19.90 6.82
N LEU B 64 -8.57 19.83 5.51
CA LEU B 64 -8.47 21.01 4.66
C LEU B 64 -9.61 22.02 4.92
N ARG B 65 -10.79 21.51 5.24
CA ARG B 65 -11.93 22.37 5.53
C ARG B 65 -11.65 23.15 6.83
N ALA B 66 -11.00 22.48 7.78
CA ALA B 66 -10.64 23.11 9.05
C ALA B 66 -9.62 24.21 8.77
N LEU B 67 -8.57 23.86 8.05
CA LEU B 67 -7.54 24.82 7.69
C LEU B 67 -8.19 26.04 7.05
N ASP B 68 -9.04 25.78 6.06
CA ASP B 68 -9.74 26.84 5.34
C ASP B 68 -10.60 27.73 6.26
N THR B 69 -11.20 27.13 7.29
CA THR B 69 -12.04 27.88 8.21
C THR B 69 -11.21 28.95 8.92
N VAL B 70 -10.08 28.53 9.49
CA VAL B 70 -9.19 29.45 10.17
C VAL B 70 -8.73 30.55 9.20
N GLU B 71 -8.33 30.12 8.00
CA GLU B 71 -7.85 31.01 6.94
C GLU B 71 -8.87 32.07 6.55
N ASP B 72 -10.14 31.67 6.50
CA ASP B 72 -11.22 32.55 6.08
C ASP B 72 -11.74 33.55 7.14
N ASP B 73 -11.52 33.26 8.42
CA ASP B 73 -12.00 34.16 9.48
C ASP B 73 -11.25 35.49 9.47
N MET B 74 -11.94 36.56 9.09
CA MET B 74 -11.28 37.86 9.04
C MET B 74 -11.09 38.56 10.38
N SER B 75 -11.64 37.97 11.44
CA SER B 75 -11.46 38.57 12.76
C SER B 75 -10.17 38.02 13.39
N ILE B 76 -9.53 37.08 12.70
CA ILE B 76 -8.29 36.48 13.19
C ILE B 76 -7.10 37.24 12.63
N PRO B 77 -6.21 37.72 13.51
CA PRO B 77 -5.02 38.48 13.12
C PRO B 77 -4.21 37.76 12.05
N VAL B 78 -3.84 38.49 11.01
CA VAL B 78 -3.05 37.94 9.90
C VAL B 78 -1.74 37.37 10.40
N GLU B 79 -1.08 38.09 11.30
CA GLU B 79 0.20 37.64 11.84
C GLU B 79 0.02 36.29 12.53
N PHE B 80 -1.15 36.07 13.10
CA PHE B 80 -1.45 34.80 13.75
C PHE B 80 -1.53 33.72 12.67
N LYS B 81 -2.28 34.00 11.60
CA LYS B 81 -2.43 33.05 10.51
C LYS B 81 -1.09 32.72 9.86
N LEU B 82 -0.27 33.75 9.66
CA LEU B 82 1.03 33.56 9.03
C LEU B 82 1.96 32.64 9.77
N ARG B 83 1.81 32.57 11.09
CA ARG B 83 2.67 31.68 11.86
C ARG B 83 1.96 30.38 12.24
N GLU B 84 0.63 30.44 12.30
CA GLU B 84 -0.15 29.27 12.66
C GLU B 84 -0.48 28.32 11.51
N LEU B 85 -0.93 28.86 10.38
CA LEU B 85 -1.29 28.01 9.25
C LEU B 85 -0.20 27.06 8.76
N PRO B 86 1.05 27.53 8.64
CA PRO B 86 2.19 26.72 8.18
C PRO B 86 2.46 25.47 9.02
N LYS B 87 1.96 25.44 10.25
CA LYS B 87 2.14 24.26 11.11
C LYS B 87 0.82 23.58 11.50
N PHE B 88 -0.26 23.95 10.83
CA PHE B 88 -1.57 23.36 11.09
C PHE B 88 -1.51 21.84 10.92
N HIS B 89 -0.75 21.38 9.92
CA HIS B 89 -0.61 19.95 9.68
C HIS B 89 0.00 19.21 10.86
N GLU B 90 0.78 19.93 11.67
CA GLU B 90 1.42 19.34 12.83
C GLU B 90 0.42 18.94 13.90
N HIS B 91 -0.79 19.51 13.84
CA HIS B 91 -1.79 19.18 14.83
C HIS B 91 -2.36 17.80 14.55
N LEU B 92 -2.13 17.30 13.34
CA LEU B 92 -2.62 15.98 12.96
C LEU B 92 -2.08 14.89 13.86
N HIS B 93 -0.94 15.16 14.49
CA HIS B 93 -0.29 14.19 15.36
C HIS B 93 -0.39 14.56 16.85
N ASP B 94 -1.40 15.35 17.18
CA ASP B 94 -1.65 15.78 18.54
C ASP B 94 -3.16 15.62 18.79
N THR B 95 -3.56 14.41 19.17
CA THR B 95 -4.97 14.10 19.41
C THR B 95 -5.66 14.91 20.51
N THR B 96 -5.00 15.94 21.03
CA THR B 96 -5.61 16.75 22.08
C THR B 96 -5.88 18.17 21.58
N TRP B 97 -5.30 18.49 20.42
CA TRP B 97 -5.46 19.82 19.85
C TRP B 97 -6.85 20.12 19.29
N CYS B 98 -7.32 21.34 19.52
CA CYS B 98 -8.59 21.81 19.01
C CYS B 98 -8.55 23.33 19.07
N MET B 99 -9.59 23.97 18.56
CA MET B 99 -9.70 25.42 18.54
C MET B 99 -11.15 25.68 18.91
N SER B 100 -11.39 26.57 19.86
CA SER B 100 -12.74 26.81 20.36
C SER B 100 -13.61 28.01 19.98
N GLY B 101 -13.11 29.01 19.26
CA GLY B 101 -14.01 30.12 18.98
C GLY B 101 -14.15 30.64 17.56
N VAL B 102 -14.04 29.76 16.55
CA VAL B 102 -14.16 30.25 15.18
C VAL B 102 -14.90 29.31 14.24
N GLY B 103 -15.45 29.88 13.16
CA GLY B 103 -16.17 29.08 12.20
C GLY B 103 -17.65 29.38 12.10
N VAL B 104 -18.20 29.11 10.93
CA VAL B 104 -19.62 29.32 10.65
C VAL B 104 -20.37 28.02 10.90
N GLY B 105 -21.31 28.09 11.85
CA GLY B 105 -22.10 26.92 12.17
C GLY B 105 -21.26 25.69 12.47
N ARG B 106 -21.69 24.57 11.88
CA ARG B 106 -21.06 23.27 12.06
C ARG B 106 -19.54 23.27 11.90
N GLU B 107 -18.99 24.33 11.33
CA GLU B 107 -17.54 24.42 11.18
C GLU B 107 -16.91 24.65 12.55
N ARG B 108 -17.68 25.27 13.46
CA ARG B 108 -17.16 25.51 14.81
C ARG B 108 -16.93 24.19 15.49
N GLU B 109 -17.94 23.33 15.41
CA GLU B 109 -17.88 22.02 16.03
C GLU B 109 -16.73 21.20 15.45
N LEU B 110 -16.47 21.37 14.15
CA LEU B 110 -15.38 20.65 13.53
C LEU B 110 -14.09 21.02 14.28
N LEU B 111 -13.81 22.32 14.35
CA LEU B 111 -12.63 22.81 15.03
C LEU B 111 -12.63 22.48 16.52
N GLU B 112 -13.76 22.73 17.19
CA GLU B 112 -13.86 22.45 18.61
C GLU B 112 -13.71 20.98 18.97
N ARG B 113 -14.23 20.08 18.12
CA ARG B 113 -14.13 18.64 18.38
C ARG B 113 -13.13 17.97 17.43
N TYR B 114 -12.12 18.73 17.03
CA TYR B 114 -11.11 18.26 16.11
C TYR B 114 -10.43 16.97 16.54
N THR B 115 -10.42 16.71 17.84
CA THR B 115 -9.79 15.51 18.37
C THR B 115 -10.30 14.23 17.68
N HIS B 116 -11.56 14.23 17.29
CA HIS B 116 -12.13 13.07 16.59
C HIS B 116 -11.43 12.83 15.26
N VAL B 117 -11.23 13.91 14.50
CA VAL B 117 -10.56 13.88 13.21
C VAL B 117 -9.13 13.34 13.36
N THR B 118 -8.39 13.91 14.30
CA THR B 118 -7.01 13.47 14.53
C THR B 118 -6.91 12.04 15.04
N ARG B 119 -7.92 11.57 15.76
CA ARG B 119 -7.91 10.18 16.25
C ARG B 119 -8.15 9.23 15.09
N ALA B 120 -9.10 9.58 14.22
CA ALA B 120 -9.41 8.73 13.06
C ALA B 120 -8.19 8.73 12.15
N TYR B 121 -7.52 9.88 12.11
CA TYR B 121 -6.32 10.05 11.28
C TYR B 121 -5.20 9.13 11.75
N SER B 122 -5.01 9.06 13.06
CA SER B 122 -3.95 8.24 13.64
C SER B 122 -4.14 6.77 13.30
N ARG B 123 -5.34 6.39 12.86
CA ARG B 123 -5.60 5.00 12.53
C ARG B 123 -5.47 4.70 11.04
N LEU B 124 -5.34 5.73 10.22
CA LEU B 124 -5.16 5.51 8.79
C LEU B 124 -3.77 4.90 8.59
N GLY B 125 -3.56 4.27 7.45
CA GLY B 125 -2.26 3.68 7.18
C GLY B 125 -1.24 4.81 7.03
N LYS B 126 0.03 4.50 7.25
CA LYS B 126 1.08 5.51 7.17
C LYS B 126 1.09 6.30 5.85
N ALA B 127 0.90 5.61 4.73
CA ALA B 127 0.90 6.27 3.43
C ALA B 127 -0.15 7.38 3.33
N TYR B 128 -1.39 7.08 3.73
CA TYR B 128 -2.46 8.06 3.66
C TYR B 128 -2.13 9.24 4.56
N GLN B 129 -1.61 8.94 5.74
CA GLN B 129 -1.23 9.97 6.70
C GLN B 129 -0.25 10.96 6.09
N ASP B 130 0.80 10.42 5.46
CA ASP B 130 1.83 11.25 4.86
C ASP B 130 1.28 12.15 3.76
N VAL B 131 0.43 11.61 2.88
CA VAL B 131 -0.13 12.42 1.81
C VAL B 131 -0.94 13.59 2.38
N ILE B 132 -1.81 13.30 3.34
CA ILE B 132 -2.66 14.33 3.96
C ILE B 132 -1.84 15.43 4.64
N SER B 133 -0.85 15.03 5.43
CA SER B 133 -0.02 16.00 6.12
C SER B 133 0.72 16.87 5.10
N GLY B 134 1.33 16.22 4.11
CA GLY B 134 2.07 16.93 3.09
C GLY B 134 1.25 17.98 2.36
N ILE B 135 0.07 17.58 1.87
CA ILE B 135 -0.79 18.47 1.13
C ILE B 135 -1.27 19.62 2.00
N CYS B 136 -1.68 19.29 3.21
CA CYS B 136 -2.15 20.30 4.13
C CYS B 136 -1.13 21.42 4.32
N GLU B 137 0.14 21.05 4.49
CA GLU B 137 1.21 22.03 4.66
C GLU B 137 1.47 22.85 3.40
N ARG B 138 1.48 22.21 2.23
CA ARG B 138 1.71 22.96 1.01
C ARG B 138 0.57 23.94 0.75
N MET B 139 -0.66 23.51 1.00
CA MET B 139 -1.82 24.39 0.79
C MET B 139 -1.77 25.53 1.81
N ALA B 140 -1.45 25.18 3.05
CA ALA B 140 -1.36 26.17 4.12
C ALA B 140 -0.32 27.25 3.80
N ASN B 141 0.82 26.83 3.26
CA ASN B 141 1.88 27.76 2.90
C ASN B 141 1.44 28.58 1.70
N GLY B 142 0.70 27.93 0.81
CA GLY B 142 0.19 28.62 -0.35
C GLY B 142 -0.82 29.69 0.05
N MET B 143 -1.65 29.38 1.04
CA MET B 143 -2.64 30.35 1.51
C MET B 143 -1.92 31.56 2.13
N CYS B 144 -0.87 31.29 2.89
CA CYS B 144 -0.12 32.37 3.53
C CYS B 144 0.41 33.35 2.50
N ASP B 145 0.90 32.82 1.37
CA ASP B 145 1.43 33.67 0.31
C ASP B 145 0.35 34.62 -0.21
N PHE B 146 -0.90 34.17 -0.25
CA PHE B 146 -1.96 35.01 -0.75
C PHE B 146 -2.72 35.82 0.29
N LEU B 147 -2.29 35.70 1.55
CA LEU B 147 -2.89 36.48 2.63
C LEU B 147 -2.27 37.88 2.61
N THR B 148 -1.09 37.99 1.98
CA THR B 148 -0.37 39.26 1.91
C THR B 148 -0.32 39.88 0.51
N ARG B 149 -1.05 39.31 -0.45
CA ARG B 149 -1.10 39.85 -1.80
C ARG B 149 -2.34 39.38 -2.55
N LYS B 150 -2.77 40.14 -3.54
CA LYS B 150 -3.95 39.80 -4.32
C LYS B 150 -3.64 39.09 -5.63
N VAL B 151 -4.69 38.58 -6.27
CA VAL B 151 -4.54 37.90 -7.55
C VAL B 151 -4.63 38.95 -8.64
N GLU B 152 -3.51 39.22 -9.30
CA GLU B 152 -3.46 40.23 -10.34
C GLU B 152 -3.30 39.66 -11.74
N THR B 153 -2.32 38.78 -11.89
CA THR B 153 -2.05 38.18 -13.18
C THR B 153 -2.74 36.84 -13.35
N LYS B 154 -2.80 36.38 -14.60
CA LYS B 154 -3.38 35.08 -14.89
C LYS B 154 -2.54 34.04 -14.16
N ALA B 155 -1.23 34.26 -14.15
CA ALA B 155 -0.31 33.35 -13.49
C ALA B 155 -0.57 33.27 -11.98
N ASP B 156 -1.02 34.38 -11.39
CA ASP B 156 -1.36 34.45 -9.97
C ASP B 156 -2.64 33.67 -9.73
N TYR B 157 -3.52 33.73 -10.73
CA TYR B 157 -4.81 33.07 -10.70
C TYR B 157 -4.60 31.55 -10.72
N ASP B 158 -3.75 31.08 -11.63
CA ASP B 158 -3.44 29.66 -11.76
C ASP B 158 -2.72 29.10 -10.54
N LEU B 159 -1.87 29.91 -9.91
CA LEU B 159 -1.15 29.44 -8.72
C LEU B 159 -2.08 29.43 -7.52
N TYR B 160 -2.95 30.44 -7.44
CA TYR B 160 -3.89 30.51 -6.33
C TYR B 160 -4.79 29.25 -6.39
N CYS B 161 -5.30 28.95 -7.59
CA CYS B 161 -6.16 27.78 -7.78
C CYS B 161 -5.39 26.50 -7.49
N HIS B 162 -4.10 26.50 -7.82
CA HIS B 162 -3.27 25.33 -7.56
C HIS B 162 -3.18 25.09 -6.04
N TYR B 163 -3.09 26.16 -5.28
CA TYR B 163 -2.98 26.05 -3.83
C TYR B 163 -4.23 25.53 -3.11
N VAL B 164 -5.40 25.94 -3.59
CA VAL B 164 -6.65 25.55 -2.93
C VAL B 164 -7.45 24.45 -3.60
N ALA B 165 -7.09 24.05 -4.82
CA ALA B 165 -7.80 23.00 -5.54
C ALA B 165 -6.88 22.03 -6.28
N GLY B 166 -5.90 22.58 -6.99
CA GLY B 166 -4.95 21.76 -7.73
C GLY B 166 -4.22 20.77 -6.83
N LEU B 167 -3.82 21.23 -5.65
CA LEU B 167 -3.14 20.37 -4.71
C LEU B 167 -4.12 19.31 -4.18
N VAL B 168 -5.42 19.61 -4.21
CA VAL B 168 -6.36 18.60 -3.76
C VAL B 168 -6.31 17.51 -4.82
N GLY B 169 -6.08 17.92 -6.05
CA GLY B 169 -5.95 16.99 -7.16
C GLY B 169 -4.69 16.13 -6.94
N HIS B 170 -3.59 16.79 -6.55
CA HIS B 170 -2.33 16.07 -6.28
C HIS B 170 -2.55 15.07 -5.15
N GLY B 171 -3.18 15.52 -4.06
CA GLY B 171 -3.41 14.66 -2.91
C GLY B 171 -4.27 13.43 -3.18
N LEU B 172 -5.39 13.62 -3.86
CA LEU B 172 -6.28 12.51 -4.16
C LEU B 172 -5.57 11.47 -5.03
N THR B 173 -4.80 11.96 -5.99
CA THR B 173 -4.09 11.06 -6.90
C THR B 173 -3.16 10.18 -6.09
N LEU B 174 -2.37 10.80 -5.22
CA LEU B 174 -1.46 10.06 -4.37
C LEU B 174 -2.24 9.04 -3.54
N LEU B 175 -3.43 9.43 -3.07
CA LEU B 175 -4.24 8.51 -2.29
C LEU B 175 -4.70 7.31 -3.12
N TYR B 176 -5.02 7.55 -4.40
CA TYR B 176 -5.46 6.47 -5.26
C TYR B 176 -4.34 5.44 -5.40
N VAL B 177 -3.11 5.93 -5.40
CA VAL B 177 -1.93 5.07 -5.52
C VAL B 177 -1.64 4.33 -4.23
N SER B 178 -1.65 5.05 -3.12
CA SER B 178 -1.39 4.45 -1.82
C SER B 178 -2.39 3.36 -1.46
N SER B 179 -3.55 3.40 -2.11
CA SER B 179 -4.61 2.42 -1.86
C SER B 179 -4.38 1.17 -2.69
N GLY B 180 -3.65 1.35 -3.79
CA GLY B 180 -3.37 0.24 -4.68
C GLY B 180 -4.46 0.04 -5.71
N LEU B 181 -5.54 0.82 -5.62
CA LEU B 181 -6.65 0.71 -6.55
C LEU B 181 -6.34 1.22 -7.96
N GLU B 182 -5.29 2.02 -8.08
CA GLU B 182 -4.86 2.56 -9.37
C GLU B 182 -3.35 2.33 -9.49
N ASP B 183 -2.84 2.35 -10.71
CA ASP B 183 -1.42 2.12 -10.95
C ASP B 183 -0.48 3.09 -10.24
N VAL B 184 0.67 2.59 -9.81
CA VAL B 184 1.65 3.41 -9.12
C VAL B 184 2.22 4.53 -9.98
N ARG B 185 2.11 4.40 -11.29
CA ARG B 185 2.63 5.43 -12.17
C ARG B 185 1.68 6.62 -12.31
N LEU B 186 0.41 6.42 -11.95
CA LEU B 186 -0.59 7.49 -12.04
C LEU B 186 -0.06 8.78 -11.42
N ALA B 187 0.87 8.66 -10.47
CA ALA B 187 1.44 9.83 -9.80
C ALA B 187 2.78 10.35 -10.33
N ASP B 188 3.26 9.82 -11.45
CA ASP B 188 4.54 10.28 -11.99
C ASP B 188 4.52 11.74 -12.43
N ASP B 189 3.44 12.14 -13.10
CA ASP B 189 3.28 13.51 -13.57
C ASP B 189 1.90 14.01 -13.12
N LEU B 190 1.89 14.84 -12.09
CA LEU B 190 0.64 15.37 -11.54
C LEU B 190 0.07 16.62 -12.21
N THR B 191 0.50 16.89 -13.43
CA THR B 191 0.02 18.06 -14.17
C THR B 191 -1.49 17.96 -14.42
N ASN B 192 -1.94 16.80 -14.87
CA ASN B 192 -3.35 16.62 -15.15
C ASN B 192 -4.21 16.60 -13.88
N ALA B 193 -3.60 16.22 -12.75
CA ALA B 193 -4.31 16.21 -11.48
C ALA B 193 -4.52 17.67 -11.10
N ASN B 194 -3.57 18.51 -11.49
CA ASN B 194 -3.66 19.93 -11.19
C ASN B 194 -4.77 20.51 -12.04
N HIS B 195 -4.82 20.11 -13.31
CA HIS B 195 -5.85 20.58 -14.23
C HIS B 195 -7.25 20.19 -13.73
N MET B 196 -7.35 19.01 -13.11
CA MET B 196 -8.63 18.54 -12.59
C MET B 196 -9.12 19.51 -11.51
N GLY B 197 -8.20 19.86 -10.60
CA GLY B 197 -8.53 20.79 -9.53
C GLY B 197 -8.83 22.20 -10.01
N LEU B 198 -8.09 22.68 -11.02
CA LEU B 198 -8.34 24.03 -11.53
C LEU B 198 -9.67 24.12 -12.25
N PHE B 199 -10.06 23.07 -12.97
CA PHE B 199 -11.33 23.11 -13.69
C PHE B 199 -12.50 23.27 -12.73
N LEU B 200 -12.48 22.52 -11.64
CA LEU B 200 -13.54 22.60 -10.63
C LEU B 200 -13.53 23.97 -9.95
N GLN B 201 -12.35 24.36 -9.46
CA GLN B 201 -12.21 25.63 -8.76
C GLN B 201 -12.54 26.84 -9.62
N LYS B 202 -12.05 26.89 -10.86
CA LYS B 202 -12.33 28.03 -11.72
C LYS B 202 -13.82 28.09 -12.08
N THR B 203 -14.43 26.94 -12.31
CA THR B 203 -15.86 26.94 -12.62
C THR B 203 -16.64 27.52 -11.45
N ASN B 204 -16.24 27.19 -10.22
CA ASN B 204 -16.92 27.72 -9.03
C ASN B 204 -16.69 29.22 -8.84
N ILE B 205 -15.50 29.69 -9.22
CA ILE B 205 -15.18 31.11 -9.09
C ILE B 205 -15.99 31.92 -10.09
N ILE B 206 -16.24 31.33 -11.25
CA ILE B 206 -17.01 32.00 -12.28
C ILE B 206 -18.47 32.11 -11.85
N ARG B 207 -19.07 30.96 -11.59
CA ARG B 207 -20.46 30.87 -11.17
C ARG B 207 -20.81 31.71 -9.93
N ASP B 208 -19.93 31.73 -8.93
CA ASP B 208 -20.17 32.49 -7.70
C ASP B 208 -19.80 33.97 -7.73
N PHE B 209 -19.58 34.53 -8.91
CA PHE B 209 -19.20 35.94 -8.98
C PHE B 209 -20.17 36.87 -8.22
N TYR B 210 -21.46 36.75 -8.50
CA TYR B 210 -22.46 37.58 -7.86
C TYR B 210 -22.46 37.44 -6.34
N GLU B 211 -22.46 36.20 -5.87
CA GLU B 211 -22.46 35.91 -4.45
C GLU B 211 -21.22 36.50 -3.76
N ASP B 212 -20.05 36.28 -4.36
CA ASP B 212 -18.79 36.76 -3.80
C ASP B 212 -18.55 38.26 -3.86
N ILE B 213 -19.01 38.91 -4.92
CA ILE B 213 -18.81 40.35 -5.07
C ILE B 213 -19.66 41.18 -4.10
N CYS B 214 -20.87 40.70 -3.84
CA CYS B 214 -21.78 41.39 -2.91
C CYS B 214 -21.49 40.94 -1.48
N GLU B 215 -20.25 41.15 -1.05
CA GLU B 215 -19.84 40.76 0.31
C GLU B 215 -19.10 41.92 0.96
N VAL B 216 -18.70 41.73 2.22
CA VAL B 216 -17.97 42.77 2.94
C VAL B 216 -16.81 42.16 3.73
N PRO B 217 -15.57 42.42 3.30
CA PRO B 217 -15.20 43.23 2.13
C PRO B 217 -15.56 42.53 0.81
N PRO B 218 -16.14 43.26 -0.15
CA PRO B 218 -16.49 42.65 -1.43
C PRO B 218 -15.28 41.86 -1.96
N ARG B 219 -15.36 40.55 -1.84
CA ARG B 219 -14.27 39.66 -2.26
C ARG B 219 -14.44 39.06 -3.65
N VAL B 220 -13.34 38.97 -4.38
CA VAL B 220 -13.37 38.41 -5.72
C VAL B 220 -12.03 37.76 -6.06
N PHE B 221 -12.08 36.79 -6.99
CA PHE B 221 -10.89 36.04 -7.37
C PHE B 221 -10.50 36.26 -8.83
N TRP B 222 -11.42 36.80 -9.62
CA TRP B 222 -11.15 37.05 -11.03
C TRP B 222 -9.89 37.88 -11.15
N PRO B 223 -8.89 37.41 -11.93
CA PRO B 223 -7.63 38.12 -12.11
C PRO B 223 -7.75 39.45 -12.84
N ARG B 224 -7.11 40.47 -12.29
CA ARG B 224 -7.14 41.81 -12.90
C ARG B 224 -6.70 41.71 -14.36
N GLU B 225 -5.68 40.88 -14.62
CA GLU B 225 -5.17 40.71 -15.98
C GLU B 225 -6.26 40.39 -17.00
N ILE B 226 -7.37 39.82 -16.56
CA ILE B 226 -8.45 39.50 -17.48
C ILE B 226 -9.54 40.57 -17.46
N TRP B 227 -10.00 40.95 -16.26
CA TRP B 227 -11.07 41.94 -16.17
C TRP B 227 -10.68 43.40 -16.41
N GLU B 228 -9.39 43.73 -16.27
CA GLU B 228 -8.96 45.11 -16.46
C GLU B 228 -9.23 45.60 -17.89
N LYS B 229 -9.11 44.71 -18.86
CA LYS B 229 -9.35 45.08 -20.25
C LYS B 229 -10.84 45.08 -20.56
N TYR B 230 -11.66 45.12 -19.52
CA TYR B 230 -13.11 45.14 -19.66
C TYR B 230 -13.74 46.21 -18.79
N THR B 231 -13.03 46.63 -17.73
CA THR B 231 -13.52 47.66 -16.83
C THR B 231 -12.44 48.05 -15.82
N ASP B 232 -12.65 49.17 -15.15
CA ASP B 232 -11.72 49.66 -14.13
C ASP B 232 -12.26 49.23 -12.78
N ASP B 233 -13.55 48.92 -12.76
CA ASP B 233 -14.22 48.50 -11.53
C ASP B 233 -15.03 47.25 -11.81
N LEU B 234 -14.77 46.20 -11.03
CA LEU B 234 -15.46 44.94 -11.19
C LEU B 234 -16.93 45.01 -10.77
N HIS B 235 -17.27 46.02 -9.98
CA HIS B 235 -18.65 46.21 -9.52
C HIS B 235 -19.51 46.73 -10.65
N ALA B 236 -18.89 47.25 -11.69
CA ALA B 236 -19.61 47.79 -12.84
C ALA B 236 -20.48 46.70 -13.47
N PHE B 237 -19.95 45.47 -13.52
CA PHE B 237 -20.67 44.35 -14.09
C PHE B 237 -21.93 44.08 -13.27
N LYS B 238 -21.91 44.53 -12.02
CA LYS B 238 -23.04 44.36 -11.11
C LYS B 238 -24.20 45.21 -11.63
N ASP B 239 -23.88 46.27 -12.36
CA ASP B 239 -24.89 47.17 -12.92
C ASP B 239 -25.46 46.66 -14.25
N GLU B 240 -26.77 46.82 -14.39
CA GLU B 240 -27.53 46.40 -15.56
C GLU B 240 -27.06 46.96 -16.92
N LEU B 241 -26.56 48.19 -16.94
CA LEU B 241 -26.13 48.80 -18.19
C LEU B 241 -24.70 48.45 -18.61
N HIS B 242 -24.10 47.48 -17.93
CA HIS B 242 -22.73 47.08 -18.25
C HIS B 242 -22.63 45.61 -18.64
N GLU B 243 -23.77 44.96 -18.85
CA GLU B 243 -23.78 43.56 -19.22
C GLU B 243 -22.84 43.31 -20.39
N ALA B 244 -23.00 44.10 -21.44
CA ALA B 244 -22.19 43.99 -22.66
C ALA B 244 -20.76 43.52 -22.39
N LYS B 245 -20.01 44.31 -21.63
CA LYS B 245 -18.63 43.95 -21.31
C LYS B 245 -18.57 42.91 -20.19
N ALA B 246 -19.51 42.96 -19.25
CA ALA B 246 -19.53 41.99 -18.17
C ALA B 246 -19.57 40.60 -18.78
N VAL B 247 -20.43 40.46 -19.79
CA VAL B 247 -20.61 39.20 -20.49
C VAL B 247 -19.35 38.80 -21.25
N GLU B 248 -18.77 39.77 -21.94
CA GLU B 248 -17.54 39.55 -22.70
C GLU B 248 -16.45 39.08 -21.76
N CYS B 249 -16.44 39.64 -20.55
CA CYS B 249 -15.43 39.28 -19.54
C CYS B 249 -15.70 37.87 -19.05
N LEU B 250 -16.97 37.57 -18.82
CA LEU B 250 -17.39 36.25 -18.36
C LEU B 250 -16.94 35.22 -19.37
N ASN B 251 -17.22 35.48 -20.64
CA ASN B 251 -16.83 34.57 -21.71
C ASN B 251 -15.32 34.36 -21.74
N ALA B 252 -14.58 35.39 -21.33
CA ALA B 252 -13.12 35.30 -21.28
C ALA B 252 -12.73 34.39 -20.12
N MET B 253 -13.53 34.42 -19.06
CA MET B 253 -13.26 33.59 -17.88
C MET B 253 -13.57 32.13 -18.22
N VAL B 254 -14.66 31.92 -18.96
CA VAL B 254 -15.06 30.58 -19.37
C VAL B 254 -13.97 29.99 -20.25
N ALA B 255 -13.58 30.73 -21.29
CA ALA B 255 -12.52 30.28 -22.19
C ALA B 255 -11.31 29.85 -21.36
N ASP B 256 -10.90 30.71 -20.42
CA ASP B 256 -9.76 30.41 -19.58
C ASP B 256 -9.94 29.09 -18.86
N ALA B 257 -11.19 28.81 -18.45
CA ALA B 257 -11.50 27.58 -17.75
C ALA B 257 -11.45 26.39 -18.70
N LEU B 258 -11.95 26.57 -19.91
CA LEU B 258 -11.99 25.49 -20.90
C LEU B 258 -10.62 24.91 -21.27
N VAL B 259 -9.57 25.69 -21.01
CA VAL B 259 -8.21 25.25 -21.30
C VAL B 259 -7.92 23.91 -20.64
N HIS B 260 -8.54 23.70 -19.48
CA HIS B 260 -8.30 22.50 -18.69
C HIS B 260 -9.00 21.21 -19.10
N VAL B 261 -10.03 21.31 -19.91
CA VAL B 261 -10.80 20.12 -20.28
C VAL B 261 -10.08 18.94 -20.94
N PRO B 262 -9.20 19.20 -21.92
CA PRO B 262 -8.51 18.06 -22.54
C PRO B 262 -7.68 17.25 -21.53
N HIS B 263 -7.15 17.93 -20.51
CA HIS B 263 -6.32 17.28 -19.50
C HIS B 263 -7.21 16.54 -18.52
N VAL B 264 -8.42 17.07 -18.35
CA VAL B 264 -9.40 16.45 -17.47
C VAL B 264 -9.79 15.13 -18.13
N VAL B 265 -10.07 15.19 -19.43
CA VAL B 265 -10.44 13.99 -20.18
C VAL B 265 -9.33 12.95 -20.08
N GLU B 266 -8.10 13.40 -20.31
CA GLU B 266 -6.94 12.54 -20.25
C GLU B 266 -6.78 11.90 -18.85
N TYR B 267 -6.96 12.70 -17.80
CA TYR B 267 -6.83 12.16 -16.44
C TYR B 267 -7.89 11.08 -16.18
N LEU B 268 -9.12 11.33 -16.60
CA LEU B 268 -10.20 10.38 -16.38
C LEU B 268 -10.00 9.07 -17.19
N ALA B 269 -9.36 9.17 -18.34
CA ALA B 269 -9.12 8.01 -19.18
C ALA B 269 -8.04 7.11 -18.62
N SER B 270 -7.28 7.60 -17.67
CA SER B 270 -6.23 6.81 -17.07
C SER B 270 -6.66 6.08 -15.80
N LEU B 271 -7.90 6.31 -15.35
CA LEU B 271 -8.37 5.65 -14.13
C LEU B 271 -8.98 4.27 -14.42
N ARG B 272 -8.60 3.28 -13.62
CA ARG B 272 -9.11 1.91 -13.81
C ARG B 272 -10.15 1.44 -12.80
N ASP B 273 -9.98 1.79 -11.53
CA ASP B 273 -10.93 1.39 -10.48
C ASP B 273 -12.27 2.10 -10.65
N PRO B 274 -13.38 1.34 -10.64
CA PRO B 274 -14.70 1.95 -10.80
C PRO B 274 -15.11 2.96 -9.70
N SER B 275 -14.71 2.73 -8.46
CA SER B 275 -15.06 3.66 -7.38
C SER B 275 -14.32 4.98 -7.56
N VAL B 276 -13.00 4.87 -7.67
CA VAL B 276 -12.15 6.02 -7.88
C VAL B 276 -12.62 6.80 -9.11
N PHE B 277 -12.98 6.09 -10.17
CA PHE B 277 -13.43 6.77 -11.40
C PHE B 277 -14.71 7.57 -11.22
N ALA B 278 -15.72 6.95 -10.62
CA ALA B 278 -16.99 7.64 -10.41
C ALA B 278 -16.79 8.86 -9.51
N PHE B 279 -16.04 8.69 -8.43
CA PHE B 279 -15.77 9.78 -7.50
C PHE B 279 -15.04 10.94 -8.19
N SER B 280 -14.06 10.60 -9.04
CA SER B 280 -13.28 11.60 -9.77
C SER B 280 -14.03 12.30 -10.89
N ALA B 281 -14.84 11.54 -11.60
CA ALA B 281 -15.57 12.08 -12.76
C ALA B 281 -16.81 12.91 -12.51
N ILE B 282 -17.67 12.47 -11.59
CA ILE B 282 -18.92 13.20 -11.33
C ILE B 282 -18.74 14.70 -11.13
N PRO B 283 -17.73 15.12 -10.35
CA PRO B 283 -17.55 16.56 -10.17
C PRO B 283 -17.14 17.28 -11.46
N GLN B 284 -16.36 16.59 -12.29
CA GLN B 284 -15.89 17.17 -13.55
C GLN B 284 -17.05 17.38 -14.52
N VAL B 285 -17.89 16.37 -14.68
CA VAL B 285 -19.06 16.50 -15.55
C VAL B 285 -19.96 17.60 -14.97
N MET B 286 -20.20 17.59 -13.66
CA MET B 286 -21.02 18.62 -13.03
C MET B 286 -20.41 19.99 -13.37
N ALA B 287 -19.09 20.10 -13.30
CA ALA B 287 -18.42 21.36 -13.61
C ALA B 287 -18.67 21.76 -15.07
N MET B 288 -18.56 20.82 -15.99
CA MET B 288 -18.77 21.14 -17.40
C MET B 288 -20.21 21.57 -17.66
N ALA B 289 -21.16 20.95 -16.94
CA ALA B 289 -22.58 21.30 -17.09
C ALA B 289 -22.80 22.72 -16.59
N THR B 290 -22.23 23.04 -15.44
CA THR B 290 -22.37 24.38 -14.89
C THR B 290 -21.76 25.36 -15.90
N LEU B 291 -20.56 25.04 -16.36
CA LEU B 291 -19.86 25.88 -17.31
C LEU B 291 -20.67 26.13 -18.59
N SER B 292 -21.28 25.07 -19.12
CA SER B 292 -22.09 25.19 -20.33
C SER B 292 -23.34 26.04 -20.12
N LEU B 293 -23.64 26.38 -18.87
CA LEU B 293 -24.82 27.17 -18.57
C LEU B 293 -24.47 28.63 -18.27
N VAL B 294 -23.29 28.84 -17.67
CA VAL B 294 -22.88 30.18 -17.34
C VAL B 294 -22.32 30.93 -18.55
N PHE B 295 -21.75 30.18 -19.49
CA PHE B 295 -21.17 30.76 -20.70
C PHE B 295 -22.12 31.61 -21.52
N ASN B 296 -21.74 32.87 -21.74
CA ASN B 296 -22.52 33.82 -22.52
C ASN B 296 -23.92 34.07 -21.94
N ASN B 297 -24.02 34.00 -20.61
CA ASN B 297 -25.27 34.22 -19.91
C ASN B 297 -25.09 35.37 -18.93
N LYS B 298 -25.86 36.44 -19.14
CA LYS B 298 -25.76 37.61 -18.28
C LYS B 298 -26.38 37.43 -16.90
N ASP B 299 -27.28 36.46 -16.77
CA ASP B 299 -27.94 36.21 -15.48
C ASP B 299 -26.91 35.82 -14.42
N VAL B 300 -25.73 35.41 -14.88
CA VAL B 300 -24.64 35.01 -13.99
C VAL B 300 -24.24 36.15 -13.06
N PHE B 301 -24.48 37.38 -13.50
CA PHE B 301 -24.10 38.56 -12.73
C PHE B 301 -25.10 39.04 -11.68
N HIS B 302 -26.30 38.47 -11.66
CA HIS B 302 -27.28 38.88 -10.66
C HIS B 302 -28.04 37.72 -10.03
N THR B 303 -27.47 36.52 -10.12
CA THR B 303 -28.07 35.30 -9.54
C THR B 303 -27.06 34.14 -9.60
N LYS B 304 -27.41 33.02 -8.97
CA LYS B 304 -26.57 31.84 -8.99
C LYS B 304 -27.11 30.86 -10.02
N VAL B 305 -26.32 30.61 -11.06
CA VAL B 305 -26.73 29.69 -12.12
C VAL B 305 -26.51 28.26 -11.64
N LYS B 306 -27.50 27.40 -11.91
CA LYS B 306 -27.43 26.01 -11.49
C LYS B 306 -28.07 25.04 -12.48
N THR B 307 -27.64 23.79 -12.43
CA THR B 307 -28.16 22.73 -13.29
C THR B 307 -29.49 22.24 -12.74
N THR B 308 -30.27 21.56 -13.56
CA THR B 308 -31.56 21.04 -13.12
C THR B 308 -31.35 19.83 -12.21
N ARG B 309 -32.35 19.48 -11.41
CA ARG B 309 -32.21 18.34 -10.52
C ARG B 309 -32.15 17.07 -11.36
N GLY B 310 -32.74 17.10 -12.53
CA GLY B 310 -32.73 15.95 -13.43
C GLY B 310 -31.35 15.70 -14.00
N ALA B 311 -30.70 16.76 -14.48
CA ALA B 311 -29.37 16.66 -15.06
C ALA B 311 -28.39 16.14 -14.00
N THR B 312 -28.47 16.72 -12.81
CA THR B 312 -27.60 16.32 -11.72
C THR B 312 -27.77 14.83 -11.46
N ALA B 313 -29.02 14.39 -11.38
CA ALA B 313 -29.29 12.97 -11.12
C ALA B 313 -28.73 12.13 -12.25
N ARG B 314 -28.83 12.62 -13.47
CA ARG B 314 -28.32 11.85 -14.61
C ARG B 314 -26.80 11.70 -14.55
N ILE B 315 -26.12 12.80 -14.22
CA ILE B 315 -24.68 12.76 -14.13
C ILE B 315 -24.21 11.78 -13.05
N PHE B 316 -24.79 11.86 -11.86
CA PHE B 316 -24.38 10.94 -10.80
C PHE B 316 -24.61 9.49 -11.21
N HIS B 317 -25.66 9.23 -11.96
CA HIS B 317 -25.93 7.85 -12.33
C HIS B 317 -25.14 7.27 -13.49
N TYR B 318 -24.87 8.07 -14.51
CA TYR B 318 -24.15 7.53 -15.67
C TYR B 318 -22.63 7.70 -15.67
N SER B 319 -22.10 8.57 -14.81
CA SER B 319 -20.67 8.80 -14.77
C SER B 319 -19.88 7.72 -14.06
N THR B 320 -20.26 6.46 -14.27
CA THR B 320 -19.56 5.34 -13.65
C THR B 320 -18.52 4.69 -14.56
N GLU B 321 -18.55 5.03 -15.84
CA GLU B 321 -17.59 4.49 -16.80
C GLU B 321 -17.20 5.54 -17.86
N LEU B 322 -15.96 5.47 -18.32
CA LEU B 322 -15.41 6.41 -19.29
C LEU B 322 -16.29 6.79 -20.47
N GLN B 323 -16.61 5.84 -21.34
CA GLN B 323 -17.43 6.11 -22.51
C GLN B 323 -18.67 6.96 -22.23
N ALA B 324 -19.49 6.52 -21.29
CA ALA B 324 -20.69 7.27 -20.93
C ALA B 324 -20.32 8.66 -20.46
N THR B 325 -19.22 8.76 -19.71
CA THR B 325 -18.77 10.04 -19.18
C THR B 325 -18.34 10.98 -20.31
N LEU B 326 -17.49 10.47 -21.20
CA LEU B 326 -17.01 11.26 -22.34
C LEU B 326 -18.18 11.75 -23.16
N GLN B 327 -19.20 10.91 -23.26
CA GLN B 327 -20.39 11.24 -24.03
C GLN B 327 -21.15 12.43 -23.43
N MET B 328 -21.21 12.50 -22.11
CA MET B 328 -21.92 13.59 -21.46
C MET B 328 -21.10 14.87 -21.56
N LEU B 329 -19.79 14.75 -21.48
CA LEU B 329 -18.92 15.91 -21.61
C LEU B 329 -19.05 16.49 -23.02
N LYS B 330 -19.00 15.63 -24.03
CA LYS B 330 -19.12 16.11 -25.40
C LYS B 330 -20.42 16.89 -25.56
N THR B 331 -21.52 16.31 -25.10
CA THR B 331 -22.83 16.95 -25.16
C THR B 331 -22.80 18.32 -24.52
N TYR B 332 -22.30 18.39 -23.28
CA TYR B 332 -22.25 19.68 -22.61
C TYR B 332 -21.32 20.64 -23.34
N THR B 333 -20.27 20.11 -23.97
CA THR B 333 -19.33 20.96 -24.71
C THR B 333 -20.00 21.56 -25.95
N LEU B 334 -20.67 20.73 -26.74
CA LEU B 334 -21.37 21.21 -27.94
C LEU B 334 -22.40 22.24 -27.52
N ARG B 335 -23.11 21.93 -26.44
CA ARG B 335 -24.14 22.80 -25.89
C ARG B 335 -23.55 24.18 -25.61
N LEU B 336 -22.36 24.19 -25.04
CA LEU B 336 -21.67 25.41 -24.69
C LEU B 336 -21.37 26.24 -25.93
N ALA B 337 -20.72 25.62 -26.91
CA ALA B 337 -20.37 26.29 -28.14
C ALA B 337 -21.59 26.69 -28.98
N ALA B 338 -22.69 25.97 -28.78
CA ALA B 338 -23.92 26.24 -29.52
C ALA B 338 -24.59 27.51 -29.02
N ARG B 339 -24.13 28.02 -27.89
CA ARG B 339 -24.72 29.23 -27.30
C ARG B 339 -24.11 30.56 -27.74
N MET B 340 -23.25 30.51 -28.75
CA MET B 340 -22.62 31.72 -29.30
C MET B 340 -22.90 31.74 -30.80
N ASN B 341 -22.75 32.91 -31.43
CA ASN B 341 -23.03 33.02 -32.86
C ASN B 341 -21.85 33.12 -33.81
N ALA B 342 -21.11 34.23 -33.72
CA ALA B 342 -19.94 34.47 -34.58
C ALA B 342 -19.65 35.95 -34.52
N GLN B 343 -20.58 36.69 -33.94
CA GLN B 343 -20.46 38.12 -33.79
C GLN B 343 -20.03 38.40 -32.36
N ASP B 344 -19.81 37.33 -31.60
CA ASP B 344 -19.35 37.43 -30.22
C ASP B 344 -17.83 37.55 -30.27
N ALA B 345 -17.28 38.35 -29.36
CA ALA B 345 -15.84 38.59 -29.32
C ALA B 345 -14.98 37.36 -29.01
N CYS B 346 -15.58 36.37 -28.36
CA CYS B 346 -14.85 35.16 -28.01
C CYS B 346 -15.10 33.99 -28.94
N TYR B 347 -15.95 34.19 -29.94
CA TYR B 347 -16.31 33.12 -30.88
C TYR B 347 -15.15 32.25 -31.31
N ASP B 348 -14.19 32.83 -32.03
CA ASP B 348 -13.04 32.08 -32.52
C ASP B 348 -12.26 31.36 -31.44
N ARG B 349 -11.94 32.05 -30.35
CA ARG B 349 -11.19 31.41 -29.28
C ARG B 349 -11.97 30.21 -28.71
N ILE B 350 -13.24 30.43 -28.39
CA ILE B 350 -14.07 29.36 -27.84
C ILE B 350 -14.14 28.17 -28.78
N GLU B 351 -14.40 28.44 -30.05
CA GLU B 351 -14.50 27.38 -31.04
C GLU B 351 -13.24 26.52 -31.06
N HIS B 352 -12.08 27.16 -30.89
CA HIS B 352 -10.82 26.41 -30.87
C HIS B 352 -10.75 25.58 -29.60
N LEU B 353 -11.21 26.17 -28.49
CA LEU B 353 -11.22 25.48 -27.19
C LEU B 353 -12.19 24.30 -27.23
N VAL B 354 -13.38 24.54 -27.78
CA VAL B 354 -14.40 23.49 -27.90
C VAL B 354 -13.86 22.35 -28.76
N ASN B 355 -13.20 22.71 -29.86
CA ASN B 355 -12.61 21.73 -30.77
C ASN B 355 -11.53 20.89 -30.12
N ASP B 356 -10.66 21.52 -29.33
CA ASP B 356 -9.59 20.77 -28.67
C ASP B 356 -10.20 19.80 -27.67
N ALA B 357 -11.25 20.24 -26.99
CA ALA B 357 -11.92 19.41 -26.00
C ALA B 357 -12.53 18.17 -26.65
N ILE B 358 -13.32 18.39 -27.69
CA ILE B 358 -13.95 17.26 -28.37
C ILE B 358 -12.93 16.31 -28.95
N ARG B 359 -11.84 16.88 -29.47
CA ARG B 359 -10.77 16.08 -30.05
C ARG B 359 -10.21 15.12 -29.01
N ALA B 360 -9.96 15.65 -27.81
CA ALA B 360 -9.44 14.85 -26.70
C ALA B 360 -10.41 13.73 -26.35
N MET B 361 -11.70 14.04 -26.33
CA MET B 361 -12.72 13.04 -26.00
C MET B 361 -12.76 11.90 -27.04
N GLU B 362 -12.99 12.24 -28.30
CA GLU B 362 -13.02 11.24 -29.37
C GLU B 362 -11.70 10.44 -29.36
N SER B 363 -10.64 11.09 -28.89
CA SER B 363 -9.32 10.47 -28.80
C SER B 363 -9.32 9.21 -27.92
N HIS B 364 -10.39 9.03 -27.14
CA HIS B 364 -10.49 7.88 -26.25
C HIS B 364 -11.71 7.02 -26.57
N GLN B 365 -12.44 7.42 -27.61
CA GLN B 365 -13.63 6.69 -28.02
C GLN B 365 -13.32 5.69 -29.14
N ASP C 25 18.71 12.19 43.74
CA ASP C 25 19.89 13.06 43.79
C ASP C 25 21.08 12.36 43.14
N GLU C 26 21.07 11.03 43.17
CA GLU C 26 22.14 10.23 42.59
C GLU C 26 21.84 10.09 41.11
N ASP C 27 20.57 9.96 40.79
CA ASP C 27 20.10 9.81 39.42
C ASP C 27 20.57 10.99 38.59
N LEU C 28 20.47 12.18 39.18
CA LEU C 28 20.86 13.39 38.50
C LEU C 28 22.36 13.42 38.16
N ARG C 29 23.20 13.06 39.14
CA ARG C 29 24.64 13.06 38.86
C ARG C 29 25.01 11.98 37.84
N PHE C 30 24.22 10.92 37.80
CA PHE C 30 24.46 9.85 36.83
C PHE C 30 24.22 10.47 35.45
N CYS C 31 23.18 11.30 35.38
CA CYS C 31 22.82 11.97 34.14
C CYS C 31 23.97 12.88 33.67
N TYR C 32 24.46 13.73 34.57
CA TYR C 32 25.54 14.63 34.23
C TYR C 32 26.84 13.89 33.93
N ASP C 33 27.03 12.74 34.58
CA ASP C 33 28.23 11.92 34.35
C ASP C 33 28.19 11.33 32.95
N ILE C 34 27.05 10.76 32.59
CA ILE C 34 26.88 10.15 31.28
C ILE C 34 26.92 11.25 30.20
N LEU C 35 26.32 12.39 30.53
CA LEU C 35 26.27 13.53 29.60
C LEU C 35 27.68 13.97 29.22
N GLN C 36 28.50 14.24 30.23
CA GLN C 36 29.88 14.69 30.02
C GLN C 36 30.71 13.62 29.32
N ALA C 37 30.34 12.37 29.52
CA ALA C 37 31.05 11.26 28.92
C ALA C 37 30.65 11.11 27.44
N VAL C 38 29.36 11.16 27.16
CA VAL C 38 28.85 10.99 25.80
C VAL C 38 28.89 12.23 24.90
N SER C 39 28.84 13.42 25.50
CA SER C 39 28.86 14.64 24.71
C SER C 39 30.18 15.37 24.79
N ARG C 40 30.60 15.97 23.68
CA ARG C 40 31.84 16.71 23.65
C ARG C 40 31.65 18.03 22.90
N SER C 41 30.41 18.49 22.83
CA SER C 41 30.10 19.74 22.16
C SER C 41 29.11 20.54 22.99
N PHE C 42 28.27 19.85 23.74
CA PHE C 42 27.27 20.52 24.55
C PHE C 42 27.45 20.30 26.04
N ALA C 43 28.28 19.33 26.40
CA ALA C 43 28.55 19.04 27.80
C ALA C 43 28.94 20.31 28.53
N VAL C 44 29.93 21.04 28.02
CA VAL C 44 30.36 22.26 28.66
C VAL C 44 29.29 23.36 28.73
N VAL C 45 28.70 23.74 27.60
CA VAL C 45 27.69 24.79 27.63
C VAL C 45 26.46 24.42 28.44
N ILE C 46 26.11 23.14 28.47
CA ILE C 46 24.96 22.68 29.25
C ILE C 46 25.29 22.76 30.74
N MET C 47 26.51 22.38 31.12
CA MET C 47 26.92 22.43 32.53
C MET C 47 26.91 23.87 33.06
N GLU C 48 27.17 24.83 32.17
CA GLU C 48 27.22 26.24 32.54
C GLU C 48 25.87 26.92 32.73
N LEU C 49 24.80 26.26 32.32
CA LEU C 49 23.45 26.81 32.45
C LEU C 49 23.02 27.01 33.89
N ASP C 50 22.11 27.96 34.08
CA ASP C 50 21.53 28.24 35.39
C ASP C 50 20.86 26.92 35.80
N GLU C 51 21.20 26.44 36.99
CA GLU C 51 20.70 25.17 37.52
C GLU C 51 19.28 24.75 37.16
N GLU C 52 18.29 25.55 37.57
CA GLU C 52 16.88 25.26 37.32
C GLU C 52 16.62 24.58 35.97
N MET C 53 16.83 25.31 34.88
CA MET C 53 16.58 24.77 33.56
C MET C 53 17.67 23.80 33.07
N ARG C 54 18.83 23.81 33.71
CA ARG C 54 19.91 22.92 33.30
C ARG C 54 19.54 21.44 33.39
N ASP C 55 18.90 21.03 34.49
CA ASP C 55 18.51 19.63 34.65
C ASP C 55 17.61 19.23 33.48
N ALA C 56 16.70 20.12 33.14
CA ALA C 56 15.76 19.90 32.04
C ALA C 56 16.50 19.69 30.72
N VAL C 57 17.48 20.55 30.44
CA VAL C 57 18.27 20.45 29.22
C VAL C 57 19.11 19.17 29.23
N CYS C 58 19.70 18.86 30.37
CA CYS C 58 20.53 17.66 30.50
C CYS C 58 19.69 16.43 30.18
N ILE C 59 18.58 16.27 30.90
CA ILE C 59 17.70 15.12 30.70
C ILE C 59 17.24 15.10 29.24
N PHE C 60 16.79 16.26 28.73
CA PHE C 60 16.34 16.38 27.36
C PHE C 60 17.40 15.88 26.39
N TYR C 61 18.66 16.18 26.69
CA TYR C 61 19.76 15.73 25.83
C TYR C 61 19.86 14.21 25.87
N LEU C 62 19.83 13.65 27.09
CA LEU C 62 19.93 12.20 27.26
C LEU C 62 18.79 11.45 26.58
N VAL C 63 17.56 11.89 26.81
CA VAL C 63 16.41 11.24 26.19
C VAL C 63 16.66 11.11 24.68
N LEU C 64 17.03 12.22 24.05
CA LEU C 64 17.31 12.22 22.62
C LEU C 64 18.53 11.39 22.28
N ARG C 65 19.54 11.44 23.13
CA ARG C 65 20.77 10.69 22.91
C ARG C 65 20.45 9.19 22.88
N ALA C 66 19.62 8.75 23.82
CA ALA C 66 19.20 7.35 23.89
C ALA C 66 18.49 6.98 22.60
N LEU C 67 17.52 7.80 22.22
CA LEU C 67 16.74 7.59 21.01
C LEU C 67 17.63 7.39 19.77
N ASP C 68 18.68 8.18 19.67
CA ASP C 68 19.61 8.08 18.54
C ASP C 68 20.41 6.79 18.58
N THR C 69 20.72 6.33 19.79
CA THR C 69 21.49 5.10 19.95
C THR C 69 20.71 3.91 19.42
N VAL C 70 19.49 3.74 19.93
CA VAL C 70 18.60 2.66 19.51
C VAL C 70 18.36 2.68 18.00
N GLU C 71 18.41 3.88 17.42
CA GLU C 71 18.20 4.05 15.99
C GLU C 71 19.49 3.93 15.20
N ASP C 72 20.61 4.28 15.82
CA ASP C 72 21.90 4.22 15.17
C ASP C 72 22.50 2.82 15.19
N ASP C 73 21.75 1.86 15.70
CA ASP C 73 22.22 0.47 15.77
C ASP C 73 21.91 -0.31 14.49
N MET C 74 22.91 -1.01 13.97
CA MET C 74 22.74 -1.80 12.76
C MET C 74 22.34 -3.24 13.05
N SER C 75 22.85 -3.79 14.15
CA SER C 75 22.56 -5.16 14.53
C SER C 75 21.09 -5.36 14.94
N ILE C 76 20.31 -4.28 14.93
CA ILE C 76 18.90 -4.37 15.29
C ILE C 76 18.01 -4.34 14.06
N PRO C 77 17.01 -5.22 14.02
CA PRO C 77 16.09 -5.27 12.88
C PRO C 77 15.34 -3.96 12.70
N VAL C 78 15.46 -3.37 11.53
CA VAL C 78 14.79 -2.11 11.24
C VAL C 78 13.34 -2.20 11.66
N GLU C 79 12.71 -3.32 11.33
CA GLU C 79 11.31 -3.55 11.67
C GLU C 79 11.03 -3.33 13.16
N PHE C 80 12.02 -3.60 14.00
CA PHE C 80 11.87 -3.42 15.44
C PHE C 80 11.80 -1.93 15.75
N LYS C 81 12.70 -1.17 15.12
CA LYS C 81 12.77 0.27 15.31
C LYS C 81 11.46 0.95 14.92
N LEU C 82 11.01 0.65 13.71
CA LEU C 82 9.78 1.24 13.18
C LEU C 82 8.55 1.07 14.06
N ARG C 83 8.62 0.17 15.03
CA ARG C 83 7.47 -0.06 15.91
C ARG C 83 7.74 0.37 17.36
N GLU C 84 9.01 0.32 17.76
CA GLU C 84 9.36 0.72 19.12
C GLU C 84 9.79 2.17 19.24
N LEU C 85 10.49 2.70 18.23
CA LEU C 85 10.93 4.09 18.28
C LEU C 85 9.73 5.01 18.52
N PRO C 86 8.70 4.93 17.66
CA PRO C 86 7.50 5.77 17.82
C PRO C 86 6.89 5.69 19.21
N LYS C 87 7.34 4.72 20.00
CA LYS C 87 6.83 4.52 21.36
C LYS C 87 7.86 4.91 22.42
N PHE C 88 9.11 5.02 22.02
CA PHE C 88 10.19 5.36 22.94
C PHE C 88 9.83 6.42 23.99
N HIS C 89 9.07 7.44 23.59
CA HIS C 89 8.68 8.51 24.51
C HIS C 89 7.69 8.07 25.59
N GLU C 90 6.98 6.97 25.35
CA GLU C 90 6.00 6.47 26.31
C GLU C 90 6.69 5.92 27.57
N HIS C 91 7.92 5.44 27.39
CA HIS C 91 8.67 4.88 28.50
C HIS C 91 9.11 5.93 29.51
N LEU C 92 9.06 7.20 29.13
CA LEU C 92 9.47 8.28 30.03
C LEU C 92 8.74 8.24 31.37
N HIS C 93 7.47 7.84 31.35
CA HIS C 93 6.68 7.79 32.57
C HIS C 93 6.78 6.45 33.29
N ASP C 94 7.59 5.56 32.76
CA ASP C 94 7.80 4.24 33.35
C ASP C 94 9.22 4.11 33.92
N THR C 95 9.33 4.27 35.23
CA THR C 95 10.60 4.21 35.95
C THR C 95 11.38 2.91 35.81
N THR C 96 10.72 1.83 35.41
CA THR C 96 11.37 0.54 35.29
C THR C 96 11.92 0.19 33.91
N TRP C 97 11.36 0.78 32.87
CA TRP C 97 11.82 0.49 31.51
C TRP C 97 13.32 0.75 31.32
N CYS C 98 13.96 -0.06 30.47
CA CYS C 98 15.38 0.07 30.17
C CYS C 98 15.82 -1.02 29.20
N MET C 99 16.43 -0.62 28.09
CA MET C 99 16.90 -1.55 27.07
C MET C 99 18.27 -2.11 27.44
N SER C 100 18.80 -2.99 26.60
CA SER C 100 20.11 -3.60 26.89
C SER C 100 20.78 -4.22 25.67
N GLY C 101 19.97 -4.64 24.71
CA GLY C 101 20.49 -5.29 23.51
C GLY C 101 21.37 -4.45 22.58
N VAL C 102 21.48 -3.15 22.84
CA VAL C 102 22.29 -2.29 21.98
C VAL C 102 22.94 -1.12 22.71
N GLY C 103 23.95 -0.55 22.07
CA GLY C 103 24.67 0.57 22.63
C GLY C 103 26.10 0.19 23.00
N VAL C 104 27.05 1.03 22.62
CA VAL C 104 28.45 0.81 22.93
C VAL C 104 28.85 1.91 23.91
N GLY C 105 30.14 2.23 23.96
CA GLY C 105 30.61 3.27 24.86
C GLY C 105 29.78 3.33 26.13
N ARG C 106 29.57 4.54 26.65
CA ARG C 106 28.76 4.68 27.85
C ARG C 106 27.30 4.90 27.46
N GLU C 107 27.02 4.69 26.18
CA GLU C 107 25.68 4.84 25.66
C GLU C 107 24.79 3.66 26.08
N ARG C 108 25.33 2.45 25.96
CA ARG C 108 24.57 1.26 26.37
C ARG C 108 24.22 1.42 27.83
N GLU C 109 25.20 1.91 28.59
CA GLU C 109 25.01 2.14 30.02
C GLU C 109 23.77 3.01 30.16
N LEU C 110 23.64 3.98 29.25
CA LEU C 110 22.49 4.89 29.26
C LEU C 110 21.19 4.11 29.11
N LEU C 111 21.07 3.29 28.08
CA LEU C 111 19.88 2.49 27.87
C LEU C 111 19.64 1.49 29.01
N GLU C 112 20.71 0.80 29.43
CA GLU C 112 20.60 -0.18 30.50
C GLU C 112 20.14 0.46 31.82
N ARG C 113 20.78 1.57 32.18
CA ARG C 113 20.44 2.26 33.42
C ARG C 113 19.55 3.47 33.17
N TYR C 114 18.78 3.41 32.09
CA TYR C 114 17.87 4.49 31.73
C TYR C 114 16.99 4.84 32.92
N THR C 115 16.85 3.90 33.84
CA THR C 115 16.04 4.11 35.05
C THR C 115 16.41 5.41 35.76
N HIS C 116 17.66 5.81 35.66
CA HIS C 116 18.10 7.05 36.30
C HIS C 116 17.52 8.29 35.61
N VAL C 117 17.46 8.25 34.29
CA VAL C 117 16.94 9.36 33.51
C VAL C 117 15.45 9.57 33.80
N THR C 118 14.64 8.57 33.44
CA THR C 118 13.21 8.64 33.65
C THR C 118 12.90 8.95 35.10
N ARG C 119 13.82 8.60 36.00
CA ARG C 119 13.63 8.85 37.42
C ARG C 119 13.77 10.35 37.72
N ALA C 120 14.78 10.97 37.14
CA ALA C 120 15.00 12.40 37.34
C ALA C 120 13.93 13.17 36.56
N TYR C 121 13.54 12.61 35.43
CA TYR C 121 12.54 13.19 34.54
C TYR C 121 11.18 13.37 35.21
N SER C 122 10.91 12.59 36.25
CA SER C 122 9.63 12.69 36.94
C SER C 122 9.66 13.80 37.99
N ARG C 123 10.86 14.21 38.37
CA ARG C 123 11.02 15.25 39.37
C ARG C 123 11.07 16.65 38.75
N LEU C 124 11.04 16.71 37.42
CA LEU C 124 11.04 17.98 36.72
C LEU C 124 9.62 18.53 36.73
N GLY C 125 9.47 19.81 36.39
CA GLY C 125 8.13 20.37 36.35
C GLY C 125 7.37 19.64 35.26
N LYS C 126 6.04 19.79 35.23
CA LYS C 126 5.22 19.11 34.23
C LYS C 126 5.41 19.71 32.84
N ALA C 127 5.57 21.03 32.77
CA ALA C 127 5.77 21.70 31.48
C ALA C 127 7.03 21.17 30.80
N TYR C 128 8.10 20.99 31.56
CA TYR C 128 9.36 20.47 31.02
C TYR C 128 9.15 19.07 30.47
N GLN C 129 8.47 18.25 31.25
CA GLN C 129 8.19 16.87 30.86
C GLN C 129 7.48 16.77 29.52
N ASP C 130 6.47 17.61 29.32
CA ASP C 130 5.71 17.59 28.07
C ASP C 130 6.51 18.01 26.84
N VAL C 131 7.34 19.04 26.98
CA VAL C 131 8.16 19.49 25.88
C VAL C 131 9.03 18.33 25.42
N ILE C 132 9.77 17.74 26.36
CA ILE C 132 10.66 16.63 26.06
C ILE C 132 9.91 15.47 25.39
N SER C 133 8.78 15.05 25.96
CA SER C 133 8.00 13.95 25.37
C SER C 133 7.62 14.31 23.94
N GLY C 134 7.08 15.51 23.77
CA GLY C 134 6.66 15.97 22.45
C GLY C 134 7.75 15.94 21.40
N ILE C 135 8.90 16.56 21.67
CA ILE C 135 10.00 16.55 20.69
C ILE C 135 10.53 15.14 20.46
N CYS C 136 10.66 14.39 21.55
CA CYS C 136 11.13 13.02 21.48
C CYS C 136 10.30 12.21 20.47
N GLU C 137 8.99 12.18 20.70
CA GLU C 137 8.07 11.45 19.82
C GLU C 137 8.16 11.95 18.38
N ARG C 138 8.15 13.26 18.21
CA ARG C 138 8.24 13.83 16.86
C ARG C 138 9.56 13.50 16.18
N MET C 139 10.66 13.47 16.94
CA MET C 139 11.95 13.15 16.36
C MET C 139 11.98 11.66 16.05
N ALA C 140 11.49 10.85 16.98
CA ALA C 140 11.44 9.40 16.79
C ALA C 140 10.74 9.05 15.48
N ASN C 141 9.58 9.65 15.23
CA ASN C 141 8.83 9.37 14.02
C ASN C 141 9.52 9.88 12.76
N GLY C 142 10.31 10.94 12.92
CA GLY C 142 11.03 11.48 11.78
C GLY C 142 12.15 10.54 11.38
N MET C 143 12.74 9.88 12.38
CA MET C 143 13.82 8.92 12.13
C MET C 143 13.26 7.72 11.37
N CYS C 144 12.13 7.21 11.84
CA CYS C 144 11.50 6.07 11.19
C CYS C 144 11.32 6.42 9.71
N ASP C 145 10.81 7.62 9.46
CA ASP C 145 10.58 8.07 8.08
C ASP C 145 11.80 7.83 7.19
N PHE C 146 12.97 8.31 7.63
CA PHE C 146 14.21 8.14 6.86
C PHE C 146 14.92 6.83 7.18
N LEU C 147 14.27 6.00 7.98
CA LEU C 147 14.85 4.71 8.36
C LEU C 147 14.55 3.72 7.23
N THR C 148 13.57 4.07 6.40
CA THR C 148 13.17 3.24 5.28
C THR C 148 13.16 4.05 3.98
N ARG C 149 13.58 5.31 4.08
CA ARG C 149 13.65 6.21 2.93
C ARG C 149 15.08 6.76 2.86
N LYS C 150 15.39 7.53 1.83
CA LYS C 150 16.74 8.08 1.68
C LYS C 150 16.72 9.56 1.29
N VAL C 151 17.77 10.28 1.68
CA VAL C 151 17.89 11.71 1.40
C VAL C 151 18.40 11.94 -0.02
N GLU C 152 17.50 12.32 -0.93
CA GLU C 152 17.86 12.57 -2.31
C GLU C 152 17.93 14.04 -2.68
N THR C 153 16.86 14.77 -2.36
CA THR C 153 16.76 16.19 -2.67
C THR C 153 17.11 17.10 -1.51
N LYS C 154 17.19 18.39 -1.81
CA LYS C 154 17.50 19.41 -0.82
C LYS C 154 16.37 19.49 0.19
N ALA C 155 15.15 19.18 -0.24
CA ALA C 155 13.99 19.21 0.65
C ALA C 155 14.15 18.07 1.65
N ASP C 156 14.60 16.93 1.17
CA ASP C 156 14.82 15.78 2.03
C ASP C 156 15.94 16.14 3.01
N TYR C 157 16.96 16.83 2.50
CA TYR C 157 18.11 17.25 3.28
C TYR C 157 17.65 18.17 4.42
N ASP C 158 16.90 19.21 4.08
CA ASP C 158 16.37 20.15 5.06
C ASP C 158 15.43 19.45 6.04
N LEU C 159 14.62 18.53 5.53
CA LEU C 159 13.68 17.80 6.37
C LEU C 159 14.40 16.86 7.33
N TYR C 160 15.44 16.21 6.83
CA TYR C 160 16.21 15.30 7.66
C TYR C 160 16.83 16.07 8.82
N CYS C 161 17.42 17.22 8.51
CA CYS C 161 18.07 18.05 9.52
C CYS C 161 17.06 18.56 10.54
N HIS C 162 15.84 18.83 10.05
CA HIS C 162 14.78 19.31 10.94
C HIS C 162 14.49 18.25 11.99
N TYR C 163 14.38 17.00 11.56
CA TYR C 163 14.08 15.91 12.49
C TYR C 163 15.11 15.69 13.60
N VAL C 164 16.40 15.78 13.27
CA VAL C 164 17.43 15.52 14.27
C VAL C 164 18.09 16.76 14.87
N ALA C 165 17.91 17.92 14.25
CA ALA C 165 18.53 19.16 14.75
C ALA C 165 17.54 20.30 14.97
N GLY C 166 16.77 20.63 13.94
CA GLY C 166 15.79 21.70 14.05
C GLY C 166 14.83 21.47 15.20
N LEU C 167 14.39 20.22 15.36
CA LEU C 167 13.46 19.89 16.44
C LEU C 167 14.11 20.11 17.80
N VAL C 168 15.43 19.98 17.85
CA VAL C 168 16.13 20.20 19.11
C VAL C 168 16.05 21.70 19.37
N GLY C 169 16.08 22.49 18.30
CA GLY C 169 15.96 23.92 18.44
C GLY C 169 14.58 24.25 19.00
N HIS C 170 13.54 23.63 18.44
CA HIS C 170 12.16 23.83 18.92
C HIS C 170 12.09 23.49 20.40
N GLY C 171 12.62 22.31 20.76
CA GLY C 171 12.59 21.89 22.15
C GLY C 171 13.23 22.86 23.12
N LEU C 172 14.42 23.35 22.77
CA LEU C 172 15.13 24.27 23.64
C LEU C 172 14.35 25.56 23.79
N THR C 173 13.87 26.08 22.66
CA THR C 173 13.08 27.30 22.69
C THR C 173 11.89 27.10 23.61
N LEU C 174 11.20 25.98 23.45
CA LEU C 174 10.05 25.68 24.29
C LEU C 174 10.50 25.66 25.74
N LEU C 175 11.66 25.04 25.99
CA LEU C 175 12.17 24.97 27.36
C LEU C 175 12.48 26.34 27.91
N TYR C 176 13.03 27.25 27.09
CA TYR C 176 13.35 28.61 27.56
C TYR C 176 12.09 29.34 28.02
N VAL C 177 10.98 29.14 27.33
CA VAL C 177 9.73 29.78 27.69
C VAL C 177 9.19 29.15 28.96
N SER C 178 9.09 27.83 28.96
CA SER C 178 8.60 27.10 30.10
C SER C 178 9.36 27.38 31.39
N SER C 179 10.61 27.82 31.26
CA SER C 179 11.46 28.11 32.42
C SER C 179 11.18 29.50 32.98
N GLY C 180 10.55 30.35 32.18
CA GLY C 180 10.25 31.70 32.61
C GLY C 180 11.36 32.68 32.29
N LEU C 181 12.52 32.13 31.87
CA LEU C 181 13.68 32.94 31.56
C LEU C 181 13.52 33.82 30.31
N GLU C 182 12.75 33.35 29.34
CA GLU C 182 12.50 34.12 28.12
C GLU C 182 10.99 34.40 28.00
N ASP C 183 10.65 35.51 27.33
CA ASP C 183 9.26 35.90 27.13
C ASP C 183 8.48 34.77 26.46
N VAL C 184 7.23 34.58 26.89
CA VAL C 184 6.38 33.53 26.33
C VAL C 184 6.18 33.64 24.82
N ARG C 185 6.44 34.83 24.27
CA ARG C 185 6.27 35.07 22.84
C ARG C 185 7.40 34.48 22.01
N LEU C 186 8.47 34.06 22.66
CA LEU C 186 9.64 33.48 21.98
C LEU C 186 9.27 32.27 21.14
N ALA C 187 8.40 31.42 21.67
CA ALA C 187 7.98 30.21 20.96
C ALA C 187 6.82 30.40 19.96
N ASP C 188 6.40 31.65 19.73
CA ASP C 188 5.31 31.86 18.78
C ASP C 188 5.66 31.27 17.42
N ASP C 189 6.74 31.76 16.83
CA ASP C 189 7.21 31.27 15.54
C ASP C 189 8.50 30.49 15.80
N LEU C 190 8.51 29.22 15.41
CA LEU C 190 9.69 28.39 15.63
C LEU C 190 10.58 28.19 14.41
N THR C 191 10.35 28.98 13.37
CA THR C 191 11.14 28.89 12.15
C THR C 191 12.62 29.25 12.35
N ASN C 192 12.91 30.25 13.17
CA ASN C 192 14.30 30.63 13.37
C ASN C 192 14.95 29.61 14.31
N ALA C 193 14.17 29.02 15.19
CA ALA C 193 14.69 28.01 16.10
C ALA C 193 15.17 26.86 15.23
N ASN C 194 14.40 26.55 14.20
CA ASN C 194 14.72 25.47 13.26
C ASN C 194 15.95 25.84 12.44
N HIS C 195 16.09 27.12 12.13
CA HIS C 195 17.26 27.57 11.37
C HIS C 195 18.52 27.33 12.20
N MET C 196 18.42 27.64 13.49
CA MET C 196 19.53 27.47 14.43
C MET C 196 20.02 26.02 14.38
N GLY C 197 19.08 25.07 14.47
CA GLY C 197 19.40 23.66 14.43
C GLY C 197 20.05 23.22 13.13
N LEU C 198 19.47 23.64 12.00
CA LEU C 198 19.99 23.27 10.71
C LEU C 198 21.40 23.79 10.46
N PHE C 199 21.71 24.98 10.93
CA PHE C 199 23.03 25.52 10.73
C PHE C 199 24.09 24.65 11.40
N LEU C 200 23.83 24.23 12.64
CA LEU C 200 24.78 23.38 13.35
C LEU C 200 24.92 22.05 12.61
N GLN C 201 23.81 21.32 12.53
CA GLN C 201 23.78 20.03 11.89
C GLN C 201 24.45 20.04 10.53
N LYS C 202 24.08 20.98 9.67
CA LYS C 202 24.66 21.06 8.34
C LYS C 202 26.17 21.31 8.34
N THR C 203 26.65 22.08 9.30
CA THR C 203 28.09 22.33 9.35
C THR C 203 28.81 21.03 9.74
N ASN C 204 28.22 20.25 10.63
CA ASN C 204 28.86 18.99 11.00
C ASN C 204 28.83 17.98 9.84
N ILE C 205 27.73 17.97 9.10
CA ILE C 205 27.57 17.08 7.95
C ILE C 205 28.60 17.40 6.87
N ILE C 206 28.90 18.68 6.72
CA ILE C 206 29.86 19.11 5.74
C ILE C 206 31.27 18.73 6.21
N ARG C 207 31.57 19.08 7.45
CA ARG C 207 32.88 18.79 8.03
C ARG C 207 33.17 17.30 8.16
N ASP C 208 32.17 16.51 8.53
CA ASP C 208 32.36 15.07 8.71
C ASP C 208 32.22 14.20 7.48
N PHE C 209 32.35 14.78 6.30
CA PHE C 209 32.21 13.99 5.07
C PHE C 209 33.08 12.75 4.99
N TYR C 210 34.40 12.94 5.03
CA TYR C 210 35.33 11.81 4.94
C TYR C 210 35.04 10.77 6.01
N GLU C 211 35.04 11.20 7.26
CA GLU C 211 34.77 10.33 8.39
C GLU C 211 33.49 9.52 8.22
N ASP C 212 32.46 10.15 7.65
CA ASP C 212 31.18 9.48 7.45
C ASP C 212 31.16 8.52 6.26
N ILE C 213 32.17 8.61 5.41
CA ILE C 213 32.23 7.74 4.25
C ILE C 213 33.30 6.65 4.45
N CYS C 214 34.03 6.76 5.55
CA CYS C 214 35.06 5.78 5.89
C CYS C 214 34.58 4.93 7.05
N GLU C 215 33.29 4.62 7.02
CA GLU C 215 32.65 3.78 8.01
C GLU C 215 31.81 2.78 7.23
N VAL C 216 32.17 1.50 7.30
CA VAL C 216 31.39 0.50 6.58
C VAL C 216 30.28 -0.01 7.48
N PRO C 217 29.03 0.05 7.02
CA PRO C 217 28.57 0.56 5.72
C PRO C 217 28.60 2.08 5.61
N PRO C 218 29.35 2.62 4.63
CA PRO C 218 29.49 4.06 4.39
C PRO C 218 28.20 4.87 4.58
N ARG C 219 28.34 6.04 5.21
CA ARG C 219 27.21 6.93 5.45
C ARG C 219 27.29 8.15 4.53
N VAL C 220 26.21 8.41 3.81
CA VAL C 220 26.15 9.55 2.92
C VAL C 220 25.07 10.48 3.46
N PHE C 221 25.36 11.78 3.48
CA PHE C 221 24.40 12.75 3.98
C PHE C 221 24.18 13.87 2.98
N TRP C 222 25.22 14.16 2.21
CA TRP C 222 25.14 15.21 1.20
C TRP C 222 24.01 14.85 0.23
N PRO C 223 23.17 15.83 -0.16
CA PRO C 223 22.05 15.66 -1.09
C PRO C 223 22.38 15.49 -2.57
N ARG C 224 21.86 14.41 -3.15
CA ARG C 224 22.07 14.11 -4.56
C ARG C 224 21.76 15.32 -5.43
N GLU C 225 20.67 16.01 -5.11
CA GLU C 225 20.27 17.18 -5.88
C GLU C 225 21.40 18.21 -5.95
N ILE C 226 22.36 18.09 -5.04
CA ILE C 226 23.50 19.01 -5.03
C ILE C 226 24.76 18.41 -5.64
N TRP C 227 25.17 17.24 -5.18
CA TRP C 227 26.38 16.63 -5.70
C TRP C 227 26.23 15.95 -7.06
N GLU C 228 25.02 15.55 -7.43
CA GLU C 228 24.78 14.87 -8.69
C GLU C 228 25.34 15.66 -9.87
N LYS C 229 25.49 16.97 -9.70
CA LYS C 229 26.03 17.80 -10.77
C LYS C 229 27.52 18.06 -10.64
N TYR C 230 28.17 17.27 -9.79
CA TYR C 230 29.61 17.38 -9.57
C TYR C 230 30.23 16.01 -9.78
N THR C 231 29.44 14.97 -9.50
CA THR C 231 29.91 13.60 -9.66
C THR C 231 28.72 12.63 -9.76
N ASP C 232 29.01 11.41 -10.19
CA ASP C 232 27.99 10.38 -10.33
C ASP C 232 28.23 9.27 -9.32
N ASP C 233 29.23 9.48 -8.47
CA ASP C 233 29.58 8.53 -7.42
C ASP C 233 30.25 9.36 -6.32
N LEU C 234 29.51 9.60 -5.25
CA LEU C 234 30.00 10.39 -4.14
C LEU C 234 31.29 9.84 -3.55
N HIS C 235 31.63 8.59 -3.88
CA HIS C 235 32.86 8.00 -3.37
C HIS C 235 34.08 8.54 -4.11
N ALA C 236 33.86 8.97 -5.34
CA ALA C 236 34.93 9.52 -6.16
C ALA C 236 35.70 10.60 -5.42
N PHE C 237 34.98 11.43 -4.67
CA PHE C 237 35.60 12.51 -3.92
C PHE C 237 36.70 12.08 -2.97
N LYS C 238 36.82 10.76 -2.72
CA LYS C 238 37.86 10.28 -1.83
C LYS C 238 39.23 10.32 -2.49
N ASP C 239 39.25 10.22 -3.83
CA ASP C 239 40.51 10.26 -4.56
C ASP C 239 40.84 11.66 -5.04
N GLU C 240 42.12 11.96 -5.03
CA GLU C 240 42.66 13.26 -5.41
C GLU C 240 42.42 13.69 -6.86
N LEU C 241 42.28 12.74 -7.77
CA LEU C 241 42.07 13.06 -9.18
C LEU C 241 40.79 13.84 -9.40
N HIS C 242 39.87 13.80 -8.44
CA HIS C 242 38.61 14.51 -8.57
C HIS C 242 38.44 15.65 -7.58
N GLU C 243 39.51 16.02 -6.88
CA GLU C 243 39.42 17.10 -5.91
C GLU C 243 38.99 18.42 -6.55
N ALA C 244 38.98 18.45 -7.88
CA ALA C 244 38.57 19.65 -8.60
C ALA C 244 37.06 19.81 -8.45
N LYS C 245 36.34 18.72 -8.65
CA LYS C 245 34.89 18.72 -8.53
C LYS C 245 34.51 18.51 -7.06
N ALA C 246 35.47 18.02 -6.28
CA ALA C 246 35.24 17.80 -4.86
C ALA C 246 35.00 19.13 -4.16
N VAL C 247 36.01 19.99 -4.21
CA VAL C 247 35.92 21.30 -3.59
C VAL C 247 34.72 22.08 -4.11
N GLU C 248 34.48 22.00 -5.41
CA GLU C 248 33.35 22.71 -6.03
C GLU C 248 32.04 22.27 -5.40
N CYS C 249 31.91 20.99 -5.09
CA CYS C 249 30.70 20.48 -4.47
C CYS C 249 30.66 20.96 -3.01
N LEU C 250 31.77 20.77 -2.31
CA LEU C 250 31.91 21.20 -0.92
C LEU C 250 31.47 22.66 -0.77
N ASN C 251 31.89 23.50 -1.71
CA ASN C 251 31.53 24.92 -1.66
C ASN C 251 30.04 25.16 -1.87
N ALA C 252 29.37 24.23 -2.55
CA ALA C 252 27.93 24.34 -2.77
C ALA C 252 27.23 23.93 -1.47
N MET C 253 27.83 22.99 -0.75
CA MET C 253 27.27 22.54 0.51
C MET C 253 27.34 23.70 1.52
N VAL C 254 28.44 24.45 1.49
CA VAL C 254 28.63 25.59 2.39
C VAL C 254 27.65 26.71 2.05
N ALA C 255 27.40 26.91 0.76
CA ALA C 255 26.46 27.94 0.33
C ALA C 255 25.08 27.59 0.89
N ASP C 256 24.74 26.31 0.84
CA ASP C 256 23.46 25.84 1.34
C ASP C 256 23.34 26.11 2.83
N ALA C 257 24.40 25.85 3.59
CA ALA C 257 24.39 26.09 5.02
C ALA C 257 24.34 27.58 5.35
N LEU C 258 25.03 28.40 4.56
CA LEU C 258 25.06 29.84 4.82
C LEU C 258 23.68 30.51 4.77
N VAL C 259 22.73 29.84 4.14
CA VAL C 259 21.36 30.36 4.05
C VAL C 259 20.75 30.60 5.43
N HIS C 260 21.14 29.81 6.41
CA HIS C 260 20.56 29.95 7.75
C HIS C 260 21.11 31.05 8.66
N VAL C 261 22.27 31.61 8.32
CA VAL C 261 22.91 32.60 9.17
C VAL C 261 22.10 33.84 9.55
N PRO C 262 21.49 34.50 8.56
CA PRO C 262 20.72 35.70 8.91
C PRO C 262 19.67 35.38 9.96
N HIS C 263 19.12 34.17 9.90
CA HIS C 263 18.09 33.73 10.84
C HIS C 263 18.72 33.37 12.19
N VAL C 264 19.95 32.85 12.17
CA VAL C 264 20.63 32.52 13.43
C VAL C 264 20.82 33.85 14.15
N VAL C 265 21.23 34.87 13.38
CA VAL C 265 21.43 36.20 13.94
C VAL C 265 20.16 36.73 14.57
N GLU C 266 19.02 36.63 13.87
CA GLU C 266 17.77 37.12 14.43
C GLU C 266 17.41 36.37 15.70
N TYR C 267 17.60 35.06 15.72
CA TYR C 267 17.27 34.30 16.91
C TYR C 267 18.11 34.75 18.11
N LEU C 268 19.42 34.84 17.95
CA LEU C 268 20.27 35.27 19.07
C LEU C 268 19.86 36.64 19.57
N ALA C 269 19.54 37.54 18.64
CA ALA C 269 19.16 38.90 18.98
C ALA C 269 17.86 39.02 19.76
N SER C 270 17.03 37.99 19.70
CA SER C 270 15.75 38.03 20.42
C SER C 270 15.83 37.52 21.86
N LEU C 271 16.91 36.85 22.21
CA LEU C 271 17.07 36.30 23.57
C LEU C 271 17.31 37.39 24.63
N ARG C 272 16.65 37.26 25.77
CA ARG C 272 16.80 38.25 26.84
C ARG C 272 17.63 37.76 28.03
N ASP C 273 17.60 36.46 28.31
CA ASP C 273 18.36 35.93 29.44
C ASP C 273 19.82 35.67 29.12
N PRO C 274 20.74 36.17 29.95
CA PRO C 274 22.19 36.01 29.78
C PRO C 274 22.63 34.56 29.67
N SER C 275 22.09 33.69 30.53
CA SER C 275 22.43 32.27 30.51
C SER C 275 21.91 31.63 29.23
N VAL C 276 20.66 31.88 28.91
CA VAL C 276 20.07 31.33 27.69
C VAL C 276 20.89 31.78 26.48
N PHE C 277 21.27 33.07 26.46
CA PHE C 277 22.04 33.58 25.34
C PHE C 277 23.39 32.91 25.11
N ALA C 278 24.19 32.78 26.16
CA ALA C 278 25.50 32.16 26.06
C ALA C 278 25.40 30.72 25.59
N PHE C 279 24.44 29.99 26.14
CA PHE C 279 24.24 28.58 25.78
C PHE C 279 23.82 28.47 24.31
N SER C 280 22.98 29.38 23.88
CA SER C 280 22.47 29.37 22.51
C SER C 280 23.51 29.83 21.51
N ALA C 281 24.19 30.91 21.86
CA ALA C 281 25.21 31.53 21.00
C ALA C 281 26.51 30.78 20.78
N ILE C 282 27.15 30.33 21.86
CA ILE C 282 28.42 29.64 21.75
C ILE C 282 28.53 28.60 20.65
N PRO C 283 27.56 27.66 20.58
CA PRO C 283 27.65 26.64 19.53
C PRO C 283 27.51 27.22 18.13
N GLN C 284 26.72 28.27 17.98
CA GLN C 284 26.55 28.89 16.67
C GLN C 284 27.87 29.53 16.21
N VAL C 285 28.58 30.20 17.12
CA VAL C 285 29.87 30.81 16.72
C VAL C 285 30.88 29.73 16.33
N MET C 286 30.89 28.61 17.06
CA MET C 286 31.79 27.49 16.76
C MET C 286 31.51 26.92 15.37
N ALA C 287 30.24 26.84 15.00
CA ALA C 287 29.85 26.31 13.70
C ALA C 287 30.35 27.21 12.58
N MET C 288 30.22 28.52 12.77
CA MET C 288 30.68 29.45 11.75
C MET C 288 32.20 29.39 11.65
N ALA C 289 32.89 29.32 12.79
CA ALA C 289 34.34 29.23 12.77
C ALA C 289 34.70 27.97 11.99
N THR C 290 34.02 26.88 12.30
CA THR C 290 34.27 25.61 11.61
C THR C 290 33.94 25.71 10.11
N LEU C 291 32.81 26.34 9.80
CA LEU C 291 32.41 26.48 8.41
C LEU C 291 33.43 27.31 7.63
N SER C 292 33.93 28.39 8.23
CA SER C 292 34.92 29.23 7.56
C SER C 292 36.23 28.47 7.30
N LEU C 293 36.44 27.34 7.97
CA LEU C 293 37.65 26.57 7.77
C LEU C 293 37.47 25.42 6.76
N VAL C 294 36.31 24.78 6.75
CA VAL C 294 36.07 23.71 5.79
C VAL C 294 35.83 24.31 4.41
N PHE C 295 35.32 25.52 4.37
CA PHE C 295 35.03 26.17 3.09
C PHE C 295 36.23 26.21 2.16
N ASN C 296 36.01 25.84 0.91
CA ASN C 296 37.04 25.85 -0.12
C ASN C 296 38.35 25.25 0.39
N ASN C 297 38.23 24.14 1.11
CA ASN C 297 39.39 23.45 1.69
C ASN C 297 39.34 21.98 1.35
N LYS C 298 40.16 21.55 0.39
CA LYS C 298 40.18 20.15 -0.02
C LYS C 298 40.63 19.16 1.06
N ASP C 299 41.12 19.66 2.19
CA ASP C 299 41.53 18.78 3.28
C ASP C 299 40.31 18.09 3.88
N VAL C 300 39.13 18.62 3.56
CA VAL C 300 37.89 18.07 4.07
C VAL C 300 37.68 16.64 3.58
N PHE C 301 38.33 16.28 2.48
CA PHE C 301 38.18 14.96 1.88
C PHE C 301 39.15 13.86 2.31
N HIS C 302 39.99 14.14 3.30
CA HIS C 302 40.92 13.14 3.81
C HIS C 302 41.32 13.40 5.27
N THR C 303 40.51 14.18 5.97
CA THR C 303 40.77 14.48 7.37
C THR C 303 39.67 15.31 8.03
N LYS C 304 39.65 15.31 9.35
CA LYS C 304 38.65 16.07 10.08
C LYS C 304 39.21 17.45 10.41
N VAL C 305 38.72 18.46 9.72
CA VAL C 305 39.17 19.83 9.94
C VAL C 305 38.47 20.42 11.15
N LYS C 306 39.21 21.19 11.94
CA LYS C 306 38.66 21.79 13.13
C LYS C 306 39.43 22.99 13.62
N THR C 307 38.72 23.83 14.38
CA THR C 307 39.32 25.03 14.93
C THR C 307 40.34 24.62 15.99
N THR C 308 41.21 25.54 16.38
CA THR C 308 42.20 25.23 17.40
C THR C 308 41.48 25.31 18.73
N ARG C 309 42.02 24.64 19.74
CA ARG C 309 41.42 24.69 21.07
C ARG C 309 41.46 26.11 21.62
N GLY C 310 42.44 26.89 21.18
CA GLY C 310 42.53 28.27 21.66
C GLY C 310 41.37 29.11 21.13
N ALA C 311 41.00 28.88 19.88
CA ALA C 311 39.87 29.60 19.28
C ALA C 311 38.57 29.19 19.98
N THR C 312 38.39 27.90 20.26
CA THR C 312 37.16 27.47 20.92
C THR C 312 37.10 28.07 22.33
N ALA C 313 38.25 28.23 22.98
CA ALA C 313 38.27 28.84 24.31
C ALA C 313 37.94 30.32 24.20
N ARG C 314 38.40 30.96 23.13
CA ARG C 314 38.13 32.38 22.95
C ARG C 314 36.62 32.58 22.73
N ILE C 315 36.04 31.72 21.90
CA ILE C 315 34.61 31.79 21.61
C ILE C 315 33.80 31.58 22.88
N PHE C 316 34.17 30.58 23.68
CA PHE C 316 33.47 30.32 24.94
C PHE C 316 33.51 31.48 25.89
N HIS C 317 34.68 32.09 26.02
CA HIS C 317 34.83 33.21 26.93
C HIS C 317 34.09 34.47 26.49
N TYR C 318 34.11 34.76 25.20
CA TYR C 318 33.48 35.97 24.72
C TYR C 318 32.01 35.99 24.31
N SER C 319 31.50 34.92 23.72
CA SER C 319 30.10 34.90 23.26
C SER C 319 29.06 34.81 24.36
N THR C 320 29.01 35.82 25.21
CA THR C 320 28.06 35.82 26.33
C THR C 320 27.05 36.97 26.29
N GLU C 321 27.18 37.82 25.28
CA GLU C 321 26.26 38.93 25.12
C GLU C 321 26.26 39.22 23.63
N LEU C 322 25.15 39.75 23.14
CA LEU C 322 24.95 40.01 21.72
C LEU C 322 26.05 40.67 20.90
N GLN C 323 26.52 41.83 21.33
CA GLN C 323 27.55 42.53 20.54
C GLN C 323 28.82 41.75 20.26
N ALA C 324 29.39 41.12 21.29
CA ALA C 324 30.62 40.37 21.10
C ALA C 324 30.40 39.17 20.17
N THR C 325 29.23 38.55 20.28
CA THR C 325 28.92 37.40 19.44
C THR C 325 28.85 37.83 17.98
N LEU C 326 28.13 38.91 17.72
CA LEU C 326 27.98 39.41 16.37
C LEU C 326 29.34 39.73 15.78
N GLN C 327 30.17 40.43 16.57
CA GLN C 327 31.50 40.78 16.10
C GLN C 327 32.30 39.54 15.74
N MET C 328 32.21 38.49 16.55
CA MET C 328 32.95 37.27 16.23
C MET C 328 32.37 36.58 15.00
N LEU C 329 31.05 36.54 14.91
CA LEU C 329 30.39 35.89 13.77
C LEU C 329 30.81 36.58 12.47
N LYS C 330 30.80 37.91 12.52
CA LYS C 330 31.17 38.69 11.34
C LYS C 330 32.61 38.39 10.96
N THR C 331 33.51 38.43 11.93
CA THR C 331 34.92 38.16 11.66
C THR C 331 35.09 36.83 10.96
N TYR C 332 34.44 35.79 11.48
CA TYR C 332 34.55 34.48 10.87
C TYR C 332 33.90 34.43 9.50
N THR C 333 32.82 35.18 9.32
CA THR C 333 32.15 35.21 8.03
C THR C 333 33.06 35.91 7.01
N LEU C 334 33.72 36.97 7.43
CA LEU C 334 34.63 37.68 6.55
C LEU C 334 35.84 36.79 6.22
N ARG C 335 36.22 35.91 7.14
CA ARG C 335 37.34 35.01 6.89
C ARG C 335 36.94 34.00 5.83
N LEU C 336 35.68 33.57 5.88
CA LEU C 336 35.18 32.59 4.92
C LEU C 336 35.22 33.18 3.51
N ALA C 337 34.65 34.37 3.34
CA ALA C 337 34.63 35.03 2.04
C ALA C 337 36.03 35.23 1.46
N ALA C 338 36.97 35.59 2.33
CA ALA C 338 38.34 35.85 1.92
C ALA C 338 39.07 34.61 1.40
N ARG C 339 38.45 33.45 1.49
CA ARG C 339 39.09 32.23 1.04
C ARG C 339 38.76 31.82 -0.39
N MET C 340 38.09 32.70 -1.13
CA MET C 340 37.75 32.41 -2.53
C MET C 340 38.13 33.60 -3.40
N ASN C 341 37.87 33.48 -4.70
CA ASN C 341 38.15 34.55 -5.65
C ASN C 341 37.45 34.33 -6.98
N ALA C 342 37.34 35.41 -7.76
CA ALA C 342 36.68 35.41 -9.06
C ALA C 342 36.50 34.06 -9.74
N GLN C 343 37.58 33.44 -10.19
CA GLN C 343 37.48 32.15 -10.88
C GLN C 343 36.73 31.04 -10.16
N ASP C 344 36.51 31.19 -8.85
CA ASP C 344 35.79 30.16 -8.11
C ASP C 344 34.33 30.18 -8.59
N ALA C 345 33.82 29.02 -8.99
CA ALA C 345 32.45 28.93 -9.48
C ALA C 345 31.42 29.42 -8.48
N CYS C 346 31.68 29.20 -7.20
CA CYS C 346 30.76 29.58 -6.13
C CYS C 346 30.80 31.06 -5.80
N TYR C 347 31.81 31.76 -6.30
CA TYR C 347 32.00 33.18 -5.99
C TYR C 347 30.74 34.03 -5.82
N ASP C 348 29.96 34.18 -6.88
CA ASP C 348 28.76 35.02 -6.83
C ASP C 348 27.71 34.57 -5.82
N ARG C 349 27.44 33.26 -5.76
CA ARG C 349 26.47 32.73 -4.82
C ARG C 349 26.95 32.98 -3.39
N ILE C 350 28.20 32.61 -3.12
CA ILE C 350 28.80 32.80 -1.81
C ILE C 350 28.82 34.26 -1.39
N GLU C 351 29.33 35.12 -2.27
CA GLU C 351 29.42 36.55 -1.97
C GLU C 351 28.06 37.11 -1.56
N HIS C 352 27.01 36.67 -2.23
CA HIS C 352 25.67 37.13 -1.92
C HIS C 352 25.23 36.67 -0.52
N LEU C 353 25.41 35.38 -0.24
CA LEU C 353 25.05 34.82 1.05
C LEU C 353 25.84 35.49 2.19
N VAL C 354 27.11 35.76 1.93
CA VAL C 354 27.97 36.42 2.92
C VAL C 354 27.46 37.81 3.24
N ASN C 355 27.28 38.62 2.21
CA ASN C 355 26.81 39.98 2.39
C ASN C 355 25.48 40.03 3.12
N ASP C 356 24.61 39.05 2.85
CA ASP C 356 23.32 38.96 3.52
C ASP C 356 23.53 38.64 4.99
N ALA C 357 24.51 37.79 5.26
CA ALA C 357 24.79 37.40 6.64
C ALA C 357 25.28 38.62 7.40
N ILE C 358 26.26 39.30 6.82
CA ILE C 358 26.84 40.49 7.42
C ILE C 358 25.82 41.61 7.62
N ARG C 359 24.94 41.85 6.64
CA ARG C 359 23.91 42.86 6.81
C ARG C 359 23.02 42.56 8.02
N ALA C 360 22.70 41.28 8.21
CA ALA C 360 21.86 40.91 9.34
C ALA C 360 22.62 41.23 10.64
N MET C 361 23.91 40.91 10.66
CA MET C 361 24.75 41.19 11.83
C MET C 361 24.85 42.70 12.13
N GLU C 362 25.09 43.50 11.10
CA GLU C 362 25.23 44.95 11.31
C GLU C 362 23.91 45.63 11.65
N SER C 363 22.80 44.98 11.31
CA SER C 363 21.48 45.55 11.59
C SER C 363 21.12 45.45 13.08
N HIS C 364 21.98 44.78 13.85
CA HIS C 364 21.75 44.61 15.30
C HIS C 364 22.88 45.24 16.10
N GLN C 365 23.78 45.92 15.40
CA GLN C 365 24.90 46.58 16.03
C GLN C 365 24.57 48.07 16.11
N ASP D 25 -0.99 -44.98 -3.57
CA ASP D 25 -2.36 -44.79 -3.11
C ASP D 25 -2.39 -43.70 -2.06
N GLU D 26 -3.49 -43.59 -1.32
CA GLU D 26 -3.66 -42.59 -0.27
C GLU D 26 -2.36 -41.84 -0.01
N ASP D 27 -1.38 -42.60 0.49
CA ASP D 27 -0.05 -42.10 0.83
C ASP D 27 0.61 -41.35 -0.32
N LEU D 28 1.09 -42.10 -1.31
CA LEU D 28 1.77 -41.53 -2.48
C LEU D 28 0.90 -40.58 -3.29
N ARG D 29 -0.38 -40.91 -3.44
CA ARG D 29 -1.29 -40.05 -4.20
C ARG D 29 -1.29 -38.65 -3.59
N PHE D 30 -1.01 -38.59 -2.30
CA PHE D 30 -0.96 -37.31 -1.58
C PHE D 30 0.28 -36.54 -1.97
N CYS D 31 1.40 -37.26 -2.13
CA CYS D 31 2.65 -36.63 -2.51
C CYS D 31 2.52 -35.84 -3.80
N TYR D 32 1.94 -36.48 -4.82
CA TYR D 32 1.78 -35.81 -6.11
C TYR D 32 0.89 -34.57 -6.00
N ASP D 33 -0.21 -34.68 -5.27
CA ASP D 33 -1.13 -33.56 -5.11
C ASP D 33 -0.45 -32.36 -4.46
N ILE D 34 0.36 -32.61 -3.43
CA ILE D 34 1.06 -31.51 -2.75
C ILE D 34 2.17 -31.01 -3.66
N LEU D 35 2.73 -31.89 -4.47
CA LEU D 35 3.80 -31.53 -5.38
C LEU D 35 3.25 -30.58 -6.43
N GLN D 36 2.14 -30.98 -7.07
CA GLN D 36 1.52 -30.15 -8.09
C GLN D 36 1.17 -28.78 -7.51
N ALA D 37 0.95 -28.74 -6.21
CA ALA D 37 0.60 -27.50 -5.53
C ALA D 37 1.83 -26.65 -5.15
N VAL D 38 2.85 -27.29 -4.61
CA VAL D 38 4.06 -26.58 -4.18
C VAL D 38 5.05 -26.27 -5.30
N SER D 39 5.01 -27.07 -6.36
CA SER D 39 5.92 -26.89 -7.49
C SER D 39 5.25 -27.07 -8.83
N ARG D 40 4.44 -26.11 -9.23
CA ARG D 40 3.73 -26.17 -10.51
C ARG D 40 4.57 -26.71 -11.67
N SER D 41 5.70 -26.06 -11.95
CA SER D 41 6.59 -26.45 -13.04
C SER D 41 7.16 -27.85 -12.92
N PHE D 42 8.06 -28.03 -11.96
CA PHE D 42 8.69 -29.32 -11.74
C PHE D 42 7.66 -30.46 -11.67
N ALA D 43 6.42 -30.12 -11.32
CA ALA D 43 5.37 -31.11 -11.22
C ALA D 43 5.03 -31.64 -12.62
N VAL D 44 5.29 -30.82 -13.63
CA VAL D 44 5.02 -31.18 -15.02
C VAL D 44 6.19 -31.97 -15.62
N VAL D 45 7.41 -31.49 -15.39
CA VAL D 45 8.62 -32.15 -15.90
C VAL D 45 8.73 -33.57 -15.37
N ILE D 46 8.46 -33.74 -14.08
CA ILE D 46 8.55 -35.04 -13.41
C ILE D 46 7.69 -36.11 -14.08
N MET D 47 6.64 -35.68 -14.77
CA MET D 47 5.75 -36.61 -15.45
C MET D 47 6.44 -37.25 -16.66
N GLU D 48 7.60 -36.72 -17.03
CA GLU D 48 8.37 -37.26 -18.15
C GLU D 48 8.94 -38.62 -17.75
N LEU D 49 9.05 -38.84 -16.44
CA LEU D 49 9.61 -40.08 -15.90
C LEU D 49 8.59 -41.20 -15.77
N ASP D 50 9.08 -42.42 -15.71
CA ASP D 50 8.23 -43.60 -15.59
C ASP D 50 7.85 -43.94 -14.15
N GLU D 51 6.78 -44.71 -14.02
CA GLU D 51 6.24 -45.16 -12.75
C GLU D 51 7.28 -45.18 -11.63
N GLU D 52 8.09 -46.24 -11.60
CA GLU D 52 9.15 -46.43 -10.62
C GLU D 52 9.90 -45.14 -10.30
N MET D 53 10.80 -44.78 -11.21
CA MET D 53 11.63 -43.58 -11.10
C MET D 53 10.88 -42.34 -10.63
N ARG D 54 9.75 -42.05 -11.27
CA ARG D 54 8.96 -40.87 -10.93
C ARG D 54 8.59 -40.79 -9.45
N ASP D 55 8.00 -41.85 -8.92
CA ASP D 55 7.60 -41.88 -7.51
C ASP D 55 8.77 -41.52 -6.62
N ALA D 56 9.95 -42.03 -6.96
CA ALA D 56 11.17 -41.77 -6.20
C ALA D 56 11.54 -40.30 -6.20
N VAL D 57 11.65 -39.71 -7.40
CA VAL D 57 12.02 -38.31 -7.54
C VAL D 57 10.99 -37.38 -6.88
N CYS D 58 9.73 -37.83 -6.83
CA CYS D 58 8.66 -37.06 -6.20
C CYS D 58 8.95 -36.91 -4.71
N ILE D 59 9.14 -38.04 -4.03
CA ILE D 59 9.43 -38.05 -2.60
C ILE D 59 10.72 -37.29 -2.35
N PHE D 60 11.72 -37.55 -3.18
CA PHE D 60 13.01 -36.89 -3.08
C PHE D 60 12.80 -35.37 -3.09
N TYR D 61 11.90 -34.91 -3.95
CA TYR D 61 11.62 -33.48 -4.06
C TYR D 61 10.90 -32.94 -2.83
N LEU D 62 9.88 -33.67 -2.38
CA LEU D 62 9.10 -33.25 -1.22
C LEU D 62 9.98 -33.16 0.03
N VAL D 63 10.72 -34.23 0.31
CA VAL D 63 11.62 -34.28 1.45
C VAL D 63 12.56 -33.08 1.46
N LEU D 64 13.07 -32.72 0.29
CA LEU D 64 13.98 -31.57 0.18
C LEU D 64 13.20 -30.28 0.27
N ARG D 65 11.90 -30.35 -0.06
CA ARG D 65 11.05 -29.17 -0.01
C ARG D 65 10.70 -28.91 1.44
N ALA D 66 10.46 -29.98 2.19
CA ALA D 66 10.14 -29.88 3.60
C ALA D 66 11.33 -29.25 4.34
N LEU D 67 12.53 -29.67 3.94
CA LEU D 67 13.76 -29.18 4.54
C LEU D 67 13.89 -27.66 4.41
N ASP D 68 13.65 -27.15 3.20
CA ASP D 68 13.73 -25.71 2.95
C ASP D 68 12.76 -24.95 3.83
N THR D 69 11.50 -25.40 3.86
CA THR D 69 10.46 -24.76 4.65
C THR D 69 10.95 -24.34 6.03
N VAL D 70 11.63 -25.26 6.71
CA VAL D 70 12.17 -25.00 8.04
C VAL D 70 13.28 -23.95 8.02
N GLU D 71 14.13 -24.00 6.99
CA GLU D 71 15.24 -23.06 6.87
C GLU D 71 14.78 -21.67 6.42
N ASP D 72 13.83 -21.65 5.50
CA ASP D 72 13.30 -20.40 4.96
C ASP D 72 12.31 -19.68 5.88
N ASP D 73 11.72 -20.42 6.81
CA ASP D 73 10.73 -19.86 7.74
C ASP D 73 11.35 -19.08 8.89
N MET D 74 11.05 -17.78 8.93
CA MET D 74 11.56 -16.90 9.99
C MET D 74 10.63 -16.91 11.20
N SER D 75 10.01 -18.06 11.45
CA SER D 75 9.09 -18.19 12.59
C SER D 75 9.75 -18.97 13.72
N ILE D 76 10.90 -19.57 13.43
CA ILE D 76 11.62 -20.35 14.43
C ILE D 76 13.06 -19.86 14.59
N PRO D 77 13.54 -19.81 15.84
CA PRO D 77 14.90 -19.36 16.18
C PRO D 77 16.00 -20.28 15.64
N VAL D 78 17.16 -19.69 15.36
CA VAL D 78 18.30 -20.41 14.82
C VAL D 78 18.96 -21.36 15.82
N GLU D 79 18.30 -21.57 16.96
CA GLU D 79 18.80 -22.46 17.99
C GLU D 79 18.11 -23.82 17.78
N PHE D 80 17.00 -23.75 17.04
CA PHE D 80 16.20 -24.91 16.72
C PHE D 80 16.56 -25.43 15.33
N LYS D 81 17.04 -24.51 14.48
CA LYS D 81 17.42 -24.86 13.11
C LYS D 81 18.75 -25.60 13.05
N LEU D 82 19.78 -25.03 13.66
CA LEU D 82 21.10 -25.66 13.65
C LEU D 82 21.05 -26.91 14.52
N ARG D 83 19.90 -27.15 15.14
CA ARG D 83 19.70 -28.30 16.01
C ARG D 83 19.03 -29.46 15.26
N GLU D 84 17.90 -29.17 14.61
CA GLU D 84 17.16 -30.18 13.88
C GLU D 84 17.68 -30.54 12.50
N LEU D 85 17.69 -29.57 11.59
CA LEU D 85 18.14 -29.78 10.21
C LEU D 85 19.20 -30.87 10.05
N PRO D 86 20.36 -30.73 10.72
CA PRO D 86 21.43 -31.72 10.62
C PRO D 86 21.02 -33.11 11.12
N LYS D 87 19.75 -33.27 11.45
CA LYS D 87 19.24 -34.56 11.94
C LYS D 87 17.85 -34.84 11.35
N PHE D 88 17.42 -34.00 10.42
CA PHE D 88 16.13 -34.16 9.79
C PHE D 88 16.10 -35.48 9.01
N HIS D 89 17.21 -35.78 8.33
CA HIS D 89 17.29 -37.02 7.55
C HIS D 89 16.88 -38.22 8.40
N GLU D 90 17.18 -38.16 9.69
CA GLU D 90 16.85 -39.23 10.62
C GLU D 90 15.34 -39.42 10.79
N HIS D 91 14.59 -38.33 10.63
CA HIS D 91 13.14 -38.39 10.77
C HIS D 91 12.49 -39.22 9.66
N LEU D 92 13.22 -39.42 8.56
CA LEU D 92 12.72 -40.19 7.43
C LEU D 92 12.18 -41.54 7.86
N HIS D 93 12.67 -42.04 9.00
CA HIS D 93 12.23 -43.32 9.52
C HIS D 93 11.32 -43.13 10.73
N ASP D 94 10.23 -42.39 10.53
CA ASP D 94 9.27 -42.12 11.59
C ASP D 94 7.86 -42.06 10.98
N THR D 95 7.23 -43.23 10.82
CA THR D 95 5.90 -43.34 10.23
C THR D 95 4.84 -42.54 10.99
N THR D 96 5.26 -41.76 11.97
CA THR D 96 4.33 -40.96 12.77
C THR D 96 4.86 -39.55 13.04
N TRP D 97 5.73 -39.06 12.16
CA TRP D 97 6.31 -37.73 12.34
C TRP D 97 5.53 -36.59 11.69
N CYS D 98 5.97 -35.36 12.00
CA CYS D 98 5.38 -34.13 11.48
C CYS D 98 5.73 -32.97 12.41
N MET D 99 5.26 -31.78 12.08
CA MET D 99 5.49 -30.59 12.90
C MET D 99 4.51 -29.49 12.48
N SER D 100 3.82 -28.93 13.48
CA SER D 100 2.81 -27.91 13.27
C SER D 100 3.27 -26.47 12.97
N GLY D 101 3.89 -25.85 13.96
CA GLY D 101 4.34 -24.47 13.85
C GLY D 101 4.95 -23.96 12.55
N VAL D 102 5.63 -24.82 11.81
CA VAL D 102 6.28 -24.40 10.57
C VAL D 102 5.38 -24.37 9.35
N GLY D 103 5.92 -23.80 8.28
CA GLY D 103 5.17 -23.72 7.03
C GLY D 103 4.30 -22.51 6.87
N VAL D 104 3.97 -22.24 5.60
CA VAL D 104 3.12 -21.13 5.20
C VAL D 104 2.57 -21.54 3.85
N GLY D 105 1.25 -21.67 3.75
CA GLY D 105 0.65 -22.08 2.50
C GLY D 105 0.53 -23.59 2.47
N ARG D 106 0.53 -24.18 1.27
CA ARG D 106 0.42 -25.62 1.14
C ARG D 106 1.62 -26.35 1.75
N GLU D 107 2.73 -25.62 1.91
CA GLU D 107 3.94 -26.20 2.50
C GLU D 107 3.63 -26.59 3.93
N ARG D 108 2.78 -25.80 4.58
CA ARG D 108 2.40 -26.04 5.96
C ARG D 108 1.84 -27.44 6.12
N GLU D 109 0.90 -27.80 5.24
CA GLU D 109 0.27 -29.11 5.28
C GLU D 109 1.27 -30.24 5.00
N LEU D 110 2.25 -29.97 4.15
CA LEU D 110 3.26 -30.97 3.81
C LEU D 110 3.94 -31.52 5.06
N LEU D 111 4.33 -30.62 5.96
CA LEU D 111 4.99 -31.02 7.20
C LEU D 111 3.98 -31.49 8.25
N GLU D 112 2.81 -30.88 8.28
CA GLU D 112 1.78 -31.25 9.25
C GLU D 112 1.09 -32.55 8.82
N ARG D 113 1.50 -33.07 7.67
CA ARG D 113 0.94 -34.31 7.14
C ARG D 113 2.12 -35.05 6.52
N TYR D 114 3.29 -34.77 7.07
CA TYR D 114 4.57 -35.34 6.64
C TYR D 114 4.65 -36.84 6.97
N THR D 115 3.50 -37.50 7.02
CA THR D 115 3.44 -38.92 7.31
C THR D 115 3.37 -39.72 6.02
N HIS D 116 2.58 -39.22 5.07
CA HIS D 116 2.42 -39.90 3.78
C HIS D 116 3.74 -39.87 3.02
N VAL D 117 4.61 -38.94 3.38
CA VAL D 117 5.90 -38.82 2.72
C VAL D 117 6.82 -39.93 3.24
N THR D 118 6.74 -40.18 4.54
CA THR D 118 7.56 -41.20 5.17
C THR D 118 7.08 -42.61 4.78
N ARG D 119 5.78 -42.80 4.82
CA ARG D 119 5.19 -44.10 4.47
C ARG D 119 5.64 -44.53 3.07
N ALA D 120 5.54 -43.59 2.12
CA ALA D 120 5.94 -43.87 0.74
C ALA D 120 7.44 -44.12 0.65
N TYR D 121 8.20 -43.29 1.35
CA TYR D 121 9.65 -43.40 1.39
C TYR D 121 10.08 -44.81 1.81
N SER D 122 9.14 -45.56 2.38
CA SER D 122 9.41 -46.92 2.83
C SER D 122 9.46 -47.90 1.68
N ARG D 123 8.52 -47.79 0.77
CA ARG D 123 8.46 -48.70 -0.38
C ARG D 123 9.59 -48.48 -1.39
N LEU D 124 10.16 -47.29 -1.41
CA LEU D 124 11.24 -46.98 -2.34
C LEU D 124 12.39 -47.96 -2.17
N GLY D 125 12.96 -48.38 -3.29
CA GLY D 125 14.08 -49.31 -3.25
C GLY D 125 15.14 -48.86 -2.25
N LYS D 126 15.70 -49.83 -1.53
CA LYS D 126 16.73 -49.55 -0.54
C LYS D 126 17.74 -48.57 -1.14
N ALA D 127 18.10 -48.81 -2.40
CA ALA D 127 19.07 -47.98 -3.10
C ALA D 127 18.69 -46.50 -3.15
N TYR D 128 17.42 -46.21 -3.37
CA TYR D 128 16.94 -44.83 -3.43
C TYR D 128 17.01 -44.12 -2.09
N GLN D 129 16.30 -44.69 -1.11
CA GLN D 129 16.23 -44.14 0.23
C GLN D 129 17.56 -43.55 0.70
N ASP D 130 18.64 -44.29 0.48
CA ASP D 130 19.97 -43.85 0.90
C ASP D 130 20.37 -42.53 0.24
N VAL D 131 20.23 -42.47 -1.08
CA VAL D 131 20.57 -41.27 -1.84
C VAL D 131 19.84 -40.08 -1.23
N ILE D 132 18.55 -40.24 -0.99
CA ILE D 132 17.74 -39.18 -0.41
C ILE D 132 18.36 -38.73 0.91
N SER D 133 18.50 -39.68 1.84
CA SER D 133 19.07 -39.41 3.16
C SER D 133 20.43 -38.72 3.01
N GLY D 134 21.31 -39.34 2.24
CA GLY D 134 22.63 -38.79 2.02
C GLY D 134 22.56 -37.33 1.63
N ILE D 135 21.78 -37.03 0.59
CA ILE D 135 21.64 -35.67 0.12
C ILE D 135 20.84 -34.82 1.10
N CYS D 136 19.75 -35.39 1.63
CA CYS D 136 18.93 -34.68 2.60
C CYS D 136 19.82 -34.17 3.73
N GLU D 137 20.59 -35.07 4.31
CA GLU D 137 21.50 -34.75 5.40
C GLU D 137 22.59 -33.77 4.96
N ARG D 138 23.14 -33.98 3.77
CA ARG D 138 24.20 -33.12 3.28
C ARG D 138 23.69 -31.72 2.95
N MET D 139 22.47 -31.62 2.43
CA MET D 139 21.89 -30.32 2.11
C MET D 139 21.61 -29.60 3.43
N ALA D 140 21.05 -30.34 4.39
CA ALA D 140 20.72 -29.81 5.71
C ALA D 140 21.90 -29.06 6.31
N ASN D 141 22.95 -29.80 6.65
CA ASN D 141 24.16 -29.20 7.24
C ASN D 141 24.65 -28.03 6.42
N GLY D 142 24.47 -28.10 5.11
CA GLY D 142 24.92 -27.03 4.25
C GLY D 142 24.14 -25.75 4.50
N MET D 143 22.88 -25.90 4.88
CA MET D 143 22.03 -24.74 5.14
C MET D 143 22.35 -24.09 6.48
N CYS D 144 23.01 -24.85 7.36
CA CYS D 144 23.38 -24.35 8.67
C CYS D 144 24.53 -23.35 8.61
N ASP D 145 25.54 -23.66 7.78
CA ASP D 145 26.69 -22.78 7.63
C ASP D 145 26.28 -21.38 7.21
N PHE D 146 25.42 -21.30 6.22
CA PHE D 146 24.94 -20.01 5.71
C PHE D 146 23.81 -19.44 6.55
N LEU D 147 23.27 -20.25 7.46
CA LEU D 147 22.19 -19.80 8.34
C LEU D 147 22.83 -18.99 9.47
N THR D 148 24.13 -19.15 9.63
CA THR D 148 24.88 -18.43 10.66
C THR D 148 25.57 -17.22 10.02
N ARG D 149 26.42 -17.48 9.02
CA ARG D 149 27.13 -16.43 8.30
C ARG D 149 26.31 -16.05 7.07
N LYS D 150 26.95 -15.42 6.09
CA LYS D 150 26.22 -15.03 4.89
C LYS D 150 27.07 -14.91 3.63
N VAL D 151 26.40 -14.98 2.48
CA VAL D 151 27.05 -14.91 1.17
C VAL D 151 27.58 -13.52 0.83
N GLU D 152 28.90 -13.44 0.67
CA GLU D 152 29.56 -12.17 0.35
C GLU D 152 30.37 -12.30 -0.94
N THR D 153 31.21 -13.33 -1.00
CA THR D 153 32.06 -13.58 -2.15
C THR D 153 31.41 -14.52 -3.15
N LYS D 154 31.94 -14.55 -4.37
CA LYS D 154 31.43 -15.43 -5.40
C LYS D 154 31.52 -16.85 -4.87
N ALA D 155 32.63 -17.16 -4.21
CA ALA D 155 32.86 -18.48 -3.64
C ALA D 155 31.70 -18.89 -2.74
N ASP D 156 31.25 -17.98 -1.89
CA ASP D 156 30.13 -18.25 -0.99
C ASP D 156 28.90 -18.60 -1.82
N TYR D 157 28.71 -17.83 -2.89
CA TYR D 157 27.60 -17.99 -3.82
C TYR D 157 27.57 -19.39 -4.40
N ASP D 158 28.67 -19.77 -5.06
CA ASP D 158 28.78 -21.09 -5.68
C ASP D 158 28.63 -22.21 -4.65
N LEU D 159 29.13 -21.98 -3.45
CA LEU D 159 29.04 -22.96 -2.38
C LEU D 159 27.60 -23.13 -1.92
N TYR D 160 26.90 -22.01 -1.79
CA TYR D 160 25.50 -22.02 -1.37
C TYR D 160 24.69 -22.79 -2.40
N CYS D 161 24.65 -22.27 -3.62
CA CYS D 161 23.91 -22.90 -4.71
C CYS D 161 24.16 -24.40 -4.71
N HIS D 162 25.37 -24.80 -4.35
CA HIS D 162 25.74 -26.20 -4.30
C HIS D 162 24.89 -27.00 -3.31
N TYR D 163 24.77 -26.48 -2.10
CA TYR D 163 23.99 -27.13 -1.04
C TYR D 163 22.49 -27.17 -1.33
N VAL D 164 21.97 -26.12 -1.96
CA VAL D 164 20.53 -26.04 -2.24
C VAL D 164 20.10 -26.57 -3.61
N ALA D 165 21.02 -26.58 -4.57
CA ALA D 165 20.72 -27.04 -5.92
C ALA D 165 21.71 -28.06 -6.48
N GLY D 166 23.01 -27.82 -6.24
CA GLY D 166 24.04 -28.73 -6.73
C GLY D 166 23.85 -30.15 -6.27
N LEU D 167 23.59 -30.32 -4.97
CA LEU D 167 23.40 -31.64 -4.40
C LEU D 167 22.17 -32.32 -4.98
N VAL D 168 21.24 -31.52 -5.49
CA VAL D 168 20.03 -32.08 -6.10
C VAL D 168 20.51 -32.85 -7.31
N GLY D 169 21.43 -32.24 -8.06
CA GLY D 169 21.98 -32.90 -9.24
C GLY D 169 22.62 -34.21 -8.83
N HIS D 170 23.43 -34.17 -7.77
CA HIS D 170 24.09 -35.37 -7.26
C HIS D 170 23.02 -36.43 -7.00
N GLY D 171 21.99 -36.04 -6.28
CA GLY D 171 20.91 -36.96 -5.97
C GLY D 171 20.26 -37.55 -7.20
N LEU D 172 19.78 -36.69 -8.09
CA LEU D 172 19.15 -37.15 -9.31
C LEU D 172 20.07 -38.11 -10.06
N THR D 173 21.31 -37.67 -10.28
CA THR D 173 22.29 -38.50 -10.99
C THR D 173 22.43 -39.88 -10.36
N LEU D 174 22.57 -39.90 -9.04
CA LEU D 174 22.72 -41.16 -8.29
C LEU D 174 21.46 -42.00 -8.43
N LEU D 175 20.31 -41.35 -8.53
CA LEU D 175 19.05 -42.05 -8.69
C LEU D 175 18.96 -42.67 -10.08
N TYR D 176 19.40 -41.94 -11.11
CA TYR D 176 19.37 -42.44 -12.48
C TYR D 176 20.25 -43.69 -12.58
N VAL D 177 21.40 -43.65 -11.91
CA VAL D 177 22.35 -44.77 -11.93
C VAL D 177 21.79 -46.03 -11.25
N SER D 178 21.19 -45.86 -10.08
CA SER D 178 20.63 -46.99 -9.35
C SER D 178 19.32 -47.48 -9.95
N SER D 179 18.75 -46.71 -10.86
CA SER D 179 17.50 -47.10 -11.51
C SER D 179 17.86 -48.16 -12.55
N GLY D 180 19.08 -48.05 -13.07
CA GLY D 180 19.53 -48.99 -14.08
C GLY D 180 19.30 -48.44 -15.47
N LEU D 181 18.65 -47.29 -15.55
CA LEU D 181 18.34 -46.64 -16.82
C LEU D 181 19.57 -46.00 -17.45
N GLU D 182 20.50 -45.54 -16.62
CA GLU D 182 21.74 -44.93 -17.11
C GLU D 182 22.91 -45.81 -16.72
N ASP D 183 24.05 -45.64 -17.39
CA ASP D 183 25.22 -46.44 -17.08
C ASP D 183 25.64 -46.21 -15.63
N VAL D 184 26.08 -47.27 -14.97
CA VAL D 184 26.50 -47.18 -13.58
C VAL D 184 27.73 -46.28 -13.37
N ARG D 185 28.39 -45.89 -14.46
CA ARG D 185 29.57 -45.04 -14.38
C ARG D 185 29.26 -43.55 -14.53
N LEU D 186 27.97 -43.21 -14.58
CA LEU D 186 27.58 -41.82 -14.76
C LEU D 186 27.80 -40.97 -13.50
N ALA D 187 27.71 -41.60 -12.33
CA ALA D 187 27.88 -40.90 -11.07
C ALA D 187 29.32 -40.83 -10.57
N ASP D 188 30.26 -41.40 -11.31
CA ASP D 188 31.66 -41.40 -10.88
C ASP D 188 32.19 -40.00 -10.59
N ASP D 189 31.83 -39.02 -11.42
CA ASP D 189 32.27 -37.65 -11.17
C ASP D 189 31.05 -36.74 -11.30
N LEU D 190 30.64 -36.16 -10.17
CA LEU D 190 29.46 -35.30 -10.13
C LEU D 190 29.70 -33.82 -10.36
N THR D 191 30.86 -33.47 -10.90
CA THR D 191 31.16 -32.07 -11.16
C THR D 191 30.13 -31.45 -12.10
N ASN D 192 29.82 -32.14 -13.20
CA ASN D 192 28.84 -31.62 -14.14
C ASN D 192 27.45 -31.68 -13.54
N ALA D 193 27.15 -32.76 -12.82
CA ALA D 193 25.86 -32.89 -12.17
C ALA D 193 25.64 -31.66 -11.28
N ASN D 194 26.73 -31.13 -10.73
CA ASN D 194 26.67 -29.95 -9.86
C ASN D 194 26.43 -28.71 -10.70
N HIS D 195 27.11 -28.63 -11.84
CA HIS D 195 26.97 -27.50 -12.75
C HIS D 195 25.52 -27.36 -13.22
N MET D 196 24.86 -28.50 -13.39
CA MET D 196 23.47 -28.50 -13.83
C MET D 196 22.64 -27.78 -12.77
N GLY D 197 22.77 -28.25 -11.53
CA GLY D 197 22.04 -27.68 -10.41
C GLY D 197 22.28 -26.20 -10.20
N LEU D 198 23.51 -25.73 -10.44
CA LEU D 198 23.82 -24.33 -10.25
C LEU D 198 23.35 -23.46 -11.41
N PHE D 199 23.24 -24.04 -12.60
CA PHE D 199 22.79 -23.23 -13.72
C PHE D 199 21.32 -22.89 -13.53
N LEU D 200 20.60 -23.80 -12.87
CA LEU D 200 19.19 -23.57 -12.63
C LEU D 200 19.00 -22.54 -11.53
N GLN D 201 19.63 -22.78 -10.38
CA GLN D 201 19.51 -21.89 -9.23
C GLN D 201 19.95 -20.48 -9.54
N LYS D 202 21.08 -20.34 -10.20
CA LYS D 202 21.57 -19.00 -10.52
C LYS D 202 20.61 -18.26 -11.45
N THR D 203 20.10 -18.94 -12.48
CA THR D 203 19.16 -18.32 -13.40
C THR D 203 17.91 -17.89 -12.62
N ASN D 204 17.54 -18.69 -11.62
CA ASN D 204 16.40 -18.41 -10.76
C ASN D 204 16.69 -17.19 -9.88
N ILE D 205 17.91 -17.13 -9.34
CA ILE D 205 18.32 -16.03 -8.48
C ILE D 205 18.21 -14.72 -9.25
N ILE D 206 18.83 -14.68 -10.43
CA ILE D 206 18.82 -13.48 -11.25
C ILE D 206 17.40 -12.98 -11.55
N ARG D 207 16.57 -13.87 -12.09
CA ARG D 207 15.20 -13.53 -12.45
C ARG D 207 14.29 -13.22 -11.25
N ASP D 208 14.41 -13.99 -10.17
CA ASP D 208 13.59 -13.79 -8.97
C ASP D 208 14.06 -12.65 -8.07
N PHE D 209 15.06 -11.91 -8.52
CA PHE D 209 15.61 -10.80 -7.72
C PHE D 209 14.53 -9.94 -7.08
N TYR D 210 13.76 -9.25 -7.91
CA TYR D 210 12.70 -8.38 -7.44
C TYR D 210 11.83 -9.03 -6.35
N GLU D 211 11.20 -10.16 -6.69
CA GLU D 211 10.34 -10.85 -5.73
C GLU D 211 10.99 -10.94 -4.34
N ASP D 212 12.20 -11.47 -4.30
CA ASP D 212 12.91 -11.65 -3.04
C ASP D 212 13.31 -10.32 -2.39
N ILE D 213 13.59 -9.31 -3.21
CA ILE D 213 14.00 -8.00 -2.71
C ILE D 213 12.83 -7.17 -2.19
N CYS D 214 11.62 -7.49 -2.67
CA CYS D 214 10.43 -6.77 -2.27
C CYS D 214 9.51 -7.54 -1.32
N GLU D 215 10.06 -8.05 -0.23
CA GLU D 215 9.25 -8.79 0.75
C GLU D 215 9.77 -8.62 2.17
N VAL D 216 8.93 -8.98 3.14
CA VAL D 216 9.30 -8.87 4.55
C VAL D 216 9.37 -10.23 5.25
N PRO D 217 10.58 -10.63 5.66
CA PRO D 217 11.83 -9.89 5.48
C PRO D 217 12.37 -10.04 4.06
N PRO D 218 13.13 -9.05 3.57
CA PRO D 218 13.68 -9.15 2.22
C PRO D 218 14.79 -10.19 2.16
N ARG D 219 14.78 -11.01 1.12
CA ARG D 219 15.80 -12.04 0.96
C ARG D 219 16.74 -11.78 -0.21
N VAL D 220 18.01 -11.56 0.11
CA VAL D 220 19.01 -11.30 -0.91
C VAL D 220 19.95 -12.49 -1.09
N PHE D 221 20.23 -12.82 -2.35
CA PHE D 221 21.11 -13.93 -2.68
C PHE D 221 22.30 -13.50 -3.51
N TRP D 222 22.16 -12.37 -4.21
CA TRP D 222 23.24 -11.85 -5.05
C TRP D 222 24.48 -11.56 -4.21
N PRO D 223 25.61 -12.21 -4.53
CA PRO D 223 26.89 -12.05 -3.84
C PRO D 223 27.46 -10.64 -3.85
N ARG D 224 27.68 -10.08 -2.66
CA ARG D 224 28.23 -8.73 -2.54
C ARG D 224 29.45 -8.54 -3.42
N GLU D 225 30.29 -9.57 -3.50
CA GLU D 225 31.50 -9.51 -4.32
C GLU D 225 31.20 -9.10 -5.75
N ILE D 226 30.02 -9.49 -6.24
CA ILE D 226 29.62 -9.15 -7.61
C ILE D 226 29.23 -7.69 -7.75
N TRP D 227 28.37 -7.20 -6.86
CA TRP D 227 27.92 -5.83 -6.91
C TRP D 227 28.74 -4.85 -6.06
N GLU D 228 29.86 -5.32 -5.52
CA GLU D 228 30.73 -4.46 -4.72
C GLU D 228 31.33 -3.38 -5.59
N LYS D 229 31.08 -3.48 -6.90
CA LYS D 229 31.59 -2.53 -7.87
C LYS D 229 30.46 -1.87 -8.67
N TYR D 230 29.24 -2.01 -8.19
CA TYR D 230 28.10 -1.42 -8.88
C TYR D 230 27.27 -0.55 -7.96
N THR D 231 27.43 -0.76 -6.65
CA THR D 231 26.69 0.02 -5.68
C THR D 231 27.04 -0.42 -4.26
N ASP D 232 26.80 0.49 -3.31
CA ASP D 232 27.07 0.22 -1.91
C ASP D 232 25.86 -0.45 -1.26
N ASP D 233 24.70 -0.26 -1.88
CA ASP D 233 23.48 -0.86 -1.37
C ASP D 233 22.73 -1.59 -2.48
N LEU D 234 22.23 -2.77 -2.16
CA LEU D 234 21.52 -3.60 -3.13
C LEU D 234 20.06 -3.16 -3.34
N HIS D 235 19.37 -2.80 -2.27
CA HIS D 235 17.99 -2.38 -2.37
C HIS D 235 17.85 -1.16 -3.28
N ALA D 236 18.99 -0.53 -3.58
CA ALA D 236 19.01 0.66 -4.44
C ALA D 236 18.66 0.32 -5.89
N PHE D 237 18.85 -0.94 -6.26
CA PHE D 237 18.56 -1.39 -7.62
C PHE D 237 17.10 -1.19 -8.01
N LYS D 238 16.25 -0.96 -7.02
CA LYS D 238 14.82 -0.76 -7.27
C LYS D 238 14.57 0.53 -8.05
N ASP D 239 15.22 1.61 -7.64
CA ASP D 239 15.06 2.92 -8.27
C ASP D 239 15.44 2.98 -9.74
N GLU D 240 14.56 3.59 -10.53
CA GLU D 240 14.76 3.75 -11.98
C GLU D 240 15.96 4.65 -12.21
N LEU D 241 16.31 5.42 -11.19
CA LEU D 241 17.43 6.34 -11.25
C LEU D 241 18.77 5.64 -11.45
N HIS D 242 18.80 4.33 -11.19
CA HIS D 242 20.04 3.57 -11.32
C HIS D 242 19.95 2.36 -12.26
N GLU D 243 19.24 2.52 -13.37
CA GLU D 243 19.11 1.44 -14.33
C GLU D 243 20.45 1.09 -14.95
N ALA D 244 21.30 2.10 -15.14
CA ALA D 244 22.62 1.90 -15.73
C ALA D 244 23.51 1.06 -14.82
N LYS D 245 23.51 1.40 -13.54
CA LYS D 245 24.33 0.69 -12.56
C LYS D 245 23.67 -0.64 -12.21
N ALA D 246 22.38 -0.73 -12.45
CA ALA D 246 21.62 -1.95 -12.17
C ALA D 246 21.85 -3.02 -13.23
N VAL D 247 21.69 -2.63 -14.49
CA VAL D 247 21.88 -3.55 -15.60
C VAL D 247 23.26 -4.18 -15.60
N GLU D 248 24.29 -3.38 -15.34
CA GLU D 248 25.65 -3.89 -15.33
C GLU D 248 25.83 -5.01 -14.31
N CYS D 249 25.25 -4.83 -13.13
CA CYS D 249 25.36 -5.86 -12.09
C CYS D 249 24.64 -7.11 -12.59
N LEU D 250 23.55 -6.91 -13.32
CA LEU D 250 22.78 -8.00 -13.89
C LEU D 250 23.63 -8.75 -14.91
N ASN D 251 24.18 -8.01 -15.88
CA ASN D 251 25.02 -8.60 -16.91
C ASN D 251 26.19 -9.35 -16.28
N ALA D 252 26.65 -8.87 -15.13
CA ALA D 252 27.76 -9.51 -14.42
C ALA D 252 27.26 -10.81 -13.84
N MET D 253 26.00 -10.83 -13.44
CA MET D 253 25.37 -12.02 -12.87
C MET D 253 25.22 -13.08 -13.96
N VAL D 254 24.66 -12.67 -15.09
CA VAL D 254 24.47 -13.57 -16.21
C VAL D 254 25.80 -14.20 -16.62
N ALA D 255 26.80 -13.35 -16.82
CA ALA D 255 28.12 -13.84 -17.20
C ALA D 255 28.51 -14.94 -16.23
N ASP D 256 28.34 -14.66 -14.93
CA ASP D 256 28.67 -15.63 -13.91
C ASP D 256 27.94 -16.96 -14.13
N ALA D 257 26.74 -16.89 -14.69
CA ALA D 257 25.93 -18.08 -14.93
C ALA D 257 26.36 -18.84 -16.17
N LEU D 258 26.67 -18.11 -17.24
CA LEU D 258 27.07 -18.72 -18.49
C LEU D 258 28.29 -19.64 -18.37
N VAL D 259 28.93 -19.59 -17.20
CA VAL D 259 30.09 -20.43 -16.94
C VAL D 259 29.74 -21.90 -16.80
N HIS D 260 28.50 -22.18 -16.39
CA HIS D 260 28.04 -23.55 -16.19
C HIS D 260 27.47 -24.25 -17.41
N VAL D 261 27.18 -23.48 -18.46
CA VAL D 261 26.60 -24.04 -19.68
C VAL D 261 27.40 -25.18 -20.31
N PRO D 262 28.69 -24.95 -20.62
CA PRO D 262 29.51 -25.99 -21.24
C PRO D 262 29.36 -27.35 -20.54
N HIS D 263 29.24 -27.32 -19.23
CA HIS D 263 29.10 -28.54 -18.46
C HIS D 263 27.67 -29.08 -18.49
N VAL D 264 26.71 -28.18 -18.67
CA VAL D 264 25.31 -28.59 -18.77
C VAL D 264 25.23 -29.43 -20.04
N VAL D 265 25.73 -28.87 -21.13
CA VAL D 265 25.74 -29.55 -22.42
C VAL D 265 26.40 -30.91 -22.28
N GLU D 266 27.59 -30.91 -21.70
CA GLU D 266 28.36 -32.13 -21.51
C GLU D 266 27.55 -33.20 -20.80
N TYR D 267 26.85 -32.79 -19.74
CA TYR D 267 26.05 -33.72 -18.95
C TYR D 267 24.88 -34.29 -19.74
N LEU D 268 24.12 -33.43 -20.41
CA LEU D 268 22.97 -33.90 -21.17
C LEU D 268 23.38 -34.84 -22.29
N ALA D 269 24.58 -34.61 -22.82
CA ALA D 269 25.10 -35.42 -23.91
C ALA D 269 25.44 -36.82 -23.43
N SER D 270 25.58 -36.99 -22.12
CA SER D 270 25.93 -38.30 -21.56
C SER D 270 24.74 -39.21 -21.29
N LEU D 271 23.54 -38.65 -21.25
CA LEU D 271 22.34 -39.43 -20.96
C LEU D 271 21.91 -40.34 -22.10
N ARG D 272 21.49 -41.55 -21.76
CA ARG D 272 21.07 -42.53 -22.76
C ARG D 272 19.60 -42.93 -22.73
N ASP D 273 18.91 -42.66 -21.61
CA ASP D 273 17.50 -43.00 -21.52
C ASP D 273 16.62 -41.81 -21.88
N PRO D 274 15.67 -42.01 -22.82
CA PRO D 274 14.76 -40.94 -23.25
C PRO D 274 14.05 -40.20 -22.12
N SER D 275 13.49 -40.95 -21.17
CA SER D 275 12.79 -40.34 -20.04
C SER D 275 13.71 -39.47 -19.20
N VAL D 276 14.85 -40.03 -18.80
CA VAL D 276 15.80 -39.29 -17.97
C VAL D 276 16.26 -38.05 -18.69
N PHE D 277 16.50 -38.19 -19.99
CA PHE D 277 16.97 -37.07 -20.77
C PHE D 277 15.96 -35.95 -20.84
N ALA D 278 14.70 -36.28 -21.11
CA ALA D 278 13.68 -35.25 -21.21
C ALA D 278 13.56 -34.51 -19.88
N PHE D 279 13.45 -35.28 -18.80
CA PHE D 279 13.31 -34.72 -17.47
C PHE D 279 14.51 -33.84 -17.11
N SER D 280 15.67 -34.18 -17.66
CA SER D 280 16.90 -33.44 -17.40
C SER D 280 17.15 -32.23 -18.29
N ALA D 281 16.79 -32.32 -19.56
CA ALA D 281 17.05 -31.22 -20.48
C ALA D 281 16.08 -30.04 -20.41
N ILE D 282 14.80 -30.33 -20.23
CA ILE D 282 13.79 -29.28 -20.21
C ILE D 282 14.04 -28.14 -19.22
N PRO D 283 14.32 -28.45 -17.94
CA PRO D 283 14.56 -27.33 -17.01
C PRO D 283 15.78 -26.53 -17.47
N GLN D 284 16.79 -27.24 -17.96
CA GLN D 284 18.01 -26.61 -18.43
C GLN D 284 17.77 -25.69 -19.61
N VAL D 285 16.93 -26.12 -20.56
CA VAL D 285 16.62 -25.31 -21.73
C VAL D 285 15.80 -24.09 -21.32
N MET D 286 14.89 -24.29 -20.38
CA MET D 286 14.04 -23.21 -19.86
C MET D 286 14.89 -22.12 -19.19
N ALA D 287 15.93 -22.56 -18.49
CA ALA D 287 16.84 -21.63 -17.81
C ALA D 287 17.54 -20.78 -18.86
N MET D 288 18.07 -21.42 -19.89
CA MET D 288 18.76 -20.67 -20.94
C MET D 288 17.81 -19.69 -21.61
N ALA D 289 16.54 -20.08 -21.77
CA ALA D 289 15.55 -19.22 -22.39
C ALA D 289 15.28 -18.01 -21.51
N THR D 290 15.15 -18.24 -20.21
CA THR D 290 14.89 -17.17 -19.26
C THR D 290 16.11 -16.25 -19.18
N LEU D 291 17.29 -16.84 -19.15
CA LEU D 291 18.53 -16.08 -19.08
C LEU D 291 18.62 -15.16 -20.29
N SER D 292 18.40 -15.71 -21.47
CA SER D 292 18.46 -14.93 -22.71
C SER D 292 17.45 -13.80 -22.70
N LEU D 293 16.56 -13.82 -21.72
CA LEU D 293 15.52 -12.81 -21.63
C LEU D 293 15.87 -11.67 -20.66
N VAL D 294 16.32 -12.04 -19.47
CA VAL D 294 16.68 -11.10 -18.41
C VAL D 294 17.99 -10.37 -18.64
N PHE D 295 18.85 -10.93 -19.49
CA PHE D 295 20.14 -10.33 -19.77
C PHE D 295 20.02 -8.96 -20.41
N ASN D 296 20.67 -7.97 -19.81
CA ASN D 296 20.65 -6.59 -20.29
C ASN D 296 19.23 -6.06 -20.37
N ASN D 297 18.42 -6.43 -19.39
CA ASN D 297 17.04 -5.99 -19.34
C ASN D 297 16.68 -5.47 -17.95
N LYS D 298 16.47 -4.16 -17.87
CA LYS D 298 16.15 -3.50 -16.61
C LYS D 298 14.79 -3.87 -16.01
N ASP D 299 13.95 -4.55 -16.79
CA ASP D 299 12.63 -4.93 -16.29
C ASP D 299 12.76 -5.97 -15.19
N VAL D 300 13.91 -6.62 -15.11
CA VAL D 300 14.15 -7.63 -14.09
C VAL D 300 14.09 -7.03 -12.70
N PHE D 301 14.27 -5.71 -12.63
CA PHE D 301 14.27 -4.99 -11.35
C PHE D 301 12.93 -4.45 -10.88
N HIS D 302 11.86 -4.71 -11.63
CA HIS D 302 10.55 -4.23 -11.20
C HIS D 302 9.40 -5.16 -11.54
N THR D 303 9.73 -6.39 -11.96
CA THR D 303 8.73 -7.39 -12.31
C THR D 303 9.37 -8.75 -12.53
N LYS D 304 8.54 -9.76 -12.77
CA LYS D 304 9.03 -11.11 -13.00
C LYS D 304 9.01 -11.38 -14.50
N VAL D 305 10.18 -11.36 -15.13
CA VAL D 305 10.30 -11.61 -16.57
C VAL D 305 10.10 -13.11 -16.83
N LYS D 306 9.32 -13.45 -17.86
CA LYS D 306 9.04 -14.84 -18.17
C LYS D 306 9.05 -15.18 -19.66
N THR D 307 9.30 -16.45 -19.96
CA THR D 307 9.26 -16.89 -21.33
C THR D 307 7.75 -17.04 -21.56
N THR D 308 7.29 -16.74 -22.78
CA THR D 308 5.87 -16.84 -23.10
C THR D 308 5.35 -18.28 -23.05
N ARG D 309 4.03 -18.43 -22.88
CA ARG D 309 3.42 -19.76 -22.81
C ARG D 309 3.79 -20.57 -24.06
N GLY D 310 3.77 -19.91 -25.21
CA GLY D 310 4.11 -20.58 -26.46
C GLY D 310 5.54 -21.07 -26.51
N ALA D 311 6.46 -20.24 -26.01
CA ALA D 311 7.87 -20.62 -26.00
C ALA D 311 8.06 -21.85 -25.10
N THR D 312 7.42 -21.85 -23.94
CA THR D 312 7.59 -23.00 -23.05
C THR D 312 6.92 -24.27 -23.59
N ALA D 313 5.83 -24.12 -24.32
CA ALA D 313 5.17 -25.30 -24.89
C ALA D 313 6.14 -25.95 -25.87
N ARG D 314 6.86 -25.12 -26.62
CA ARG D 314 7.84 -25.61 -27.59
C ARG D 314 9.03 -26.29 -26.93
N ILE D 315 9.55 -25.69 -25.86
CA ILE D 315 10.68 -26.26 -25.13
C ILE D 315 10.33 -27.67 -24.63
N PHE D 316 9.16 -27.80 -24.01
CA PHE D 316 8.70 -29.09 -23.49
C PHE D 316 8.51 -30.11 -24.62
N HIS D 317 7.97 -29.65 -25.73
CA HIS D 317 7.70 -30.50 -26.88
C HIS D 317 8.95 -31.02 -27.61
N TYR D 318 9.93 -30.15 -27.82
CA TYR D 318 11.14 -30.49 -28.57
C TYR D 318 12.37 -31.08 -27.84
N SER D 319 12.61 -30.67 -26.60
CA SER D 319 13.78 -31.14 -25.84
C SER D 319 13.72 -32.61 -25.40
N THR D 320 13.54 -33.52 -26.35
CA THR D 320 13.43 -34.95 -26.01
C THR D 320 14.64 -35.78 -26.43
N GLU D 321 15.52 -35.16 -27.20
CA GLU D 321 16.72 -35.85 -27.64
C GLU D 321 17.81 -34.80 -27.78
N LEU D 322 19.06 -35.23 -27.58
CA LEU D 322 20.20 -34.32 -27.62
C LEU D 322 20.22 -33.29 -28.75
N GLN D 323 20.16 -33.74 -30.00
CA GLN D 323 20.22 -32.81 -31.11
C GLN D 323 19.23 -31.67 -31.03
N ALA D 324 17.95 -31.98 -30.96
CA ALA D 324 16.92 -30.94 -30.90
C ALA D 324 17.16 -30.04 -29.68
N THR D 325 17.65 -30.63 -28.60
CA THR D 325 17.90 -29.86 -27.40
C THR D 325 19.04 -28.86 -27.62
N LEU D 326 20.10 -29.31 -28.31
CA LEU D 326 21.23 -28.43 -28.57
C LEU D 326 20.84 -27.28 -29.48
N GLN D 327 20.05 -27.57 -30.51
CA GLN D 327 19.63 -26.52 -31.43
C GLN D 327 18.88 -25.42 -30.68
N MET D 328 18.14 -25.78 -29.64
CA MET D 328 17.39 -24.79 -28.89
C MET D 328 18.28 -23.99 -27.96
N LEU D 329 19.17 -24.70 -27.27
CA LEU D 329 20.09 -24.05 -26.35
C LEU D 329 20.91 -23.04 -27.13
N LYS D 330 21.26 -23.40 -28.36
CA LYS D 330 22.05 -22.51 -29.20
C LYS D 330 21.23 -21.29 -29.58
N THR D 331 20.01 -21.53 -30.04
CA THR D 331 19.12 -20.45 -30.44
C THR D 331 19.02 -19.42 -29.33
N TYR D 332 18.88 -19.88 -28.10
CA TYR D 332 18.76 -18.98 -26.97
C TYR D 332 20.08 -18.31 -26.63
N THR D 333 21.16 -19.10 -26.62
CA THR D 333 22.48 -18.55 -26.32
C THR D 333 22.89 -17.44 -27.30
N LEU D 334 22.50 -17.60 -28.56
CA LEU D 334 22.82 -16.60 -29.59
C LEU D 334 21.93 -15.37 -29.37
N ARG D 335 20.66 -15.62 -29.13
CA ARG D 335 19.67 -14.58 -28.89
C ARG D 335 20.08 -13.75 -27.67
N LEU D 336 20.90 -14.34 -26.81
CA LEU D 336 21.37 -13.69 -25.60
C LEU D 336 22.51 -12.73 -25.93
N ALA D 337 23.35 -13.12 -26.89
CA ALA D 337 24.50 -12.31 -27.30
C ALA D 337 24.10 -11.10 -28.14
N ALA D 338 23.05 -11.26 -28.94
CA ALA D 338 22.57 -10.18 -29.79
C ALA D 338 21.91 -9.07 -28.97
N ARG D 339 21.83 -9.30 -27.66
CA ARG D 339 21.22 -8.33 -26.76
C ARG D 339 22.15 -7.17 -26.39
N MET D 340 23.32 -7.10 -27.03
CA MET D 340 24.25 -6.03 -26.70
C MET D 340 25.14 -5.56 -27.86
N ASN D 341 26.09 -4.69 -27.52
CA ASN D 341 27.05 -4.12 -28.47
C ASN D 341 28.38 -3.89 -27.77
N ALA D 342 29.30 -3.23 -28.47
CA ALA D 342 30.63 -2.96 -27.91
C ALA D 342 30.55 -2.02 -26.70
N GLN D 343 29.67 -1.04 -26.77
CA GLN D 343 29.49 -0.05 -25.71
C GLN D 343 29.34 -0.67 -24.31
N ASP D 344 28.71 -1.84 -24.23
CA ASP D 344 28.51 -2.50 -22.94
C ASP D 344 29.84 -2.98 -22.35
N ALA D 345 29.94 -2.93 -21.03
CA ALA D 345 31.14 -3.33 -20.32
C ALA D 345 31.49 -4.81 -20.44
N CYS D 346 30.52 -5.67 -20.17
CA CYS D 346 30.69 -7.12 -20.22
C CYS D 346 30.81 -7.69 -21.64
N TYR D 347 30.63 -6.85 -22.65
CA TYR D 347 30.69 -7.30 -24.04
C TYR D 347 31.84 -8.25 -24.34
N ASP D 348 33.00 -8.01 -23.75
CA ASP D 348 34.14 -8.87 -23.99
C ASP D 348 34.06 -10.19 -23.25
N ARG D 349 33.60 -10.15 -21.99
CA ARG D 349 33.48 -11.38 -21.22
C ARG D 349 32.28 -12.21 -21.67
N ILE D 350 31.25 -11.55 -22.17
CA ILE D 350 30.04 -12.23 -22.64
C ILE D 350 30.31 -12.88 -24.01
N GLU D 351 30.85 -12.11 -24.94
CA GLU D 351 31.14 -12.63 -26.27
C GLU D 351 32.09 -13.82 -26.13
N HIS D 352 32.76 -13.88 -24.99
CA HIS D 352 33.69 -14.97 -24.70
C HIS D 352 32.92 -16.18 -24.17
N LEU D 353 32.30 -16.03 -23.02
CA LEU D 353 31.52 -17.10 -22.41
C LEU D 353 30.50 -17.68 -23.39
N VAL D 354 29.84 -16.80 -24.14
CA VAL D 354 28.86 -17.23 -25.12
C VAL D 354 29.52 -18.19 -26.11
N ASN D 355 30.75 -17.87 -26.49
CA ASN D 355 31.48 -18.71 -27.42
C ASN D 355 31.85 -20.07 -26.84
N ASP D 356 32.21 -20.10 -25.56
CA ASP D 356 32.57 -21.36 -24.92
C ASP D 356 31.37 -22.31 -24.95
N ALA D 357 30.19 -21.77 -24.67
CA ALA D 357 28.96 -22.56 -24.64
C ALA D 357 28.58 -23.11 -26.01
N ILE D 358 28.69 -22.28 -27.04
CA ILE D 358 28.35 -22.69 -28.39
C ILE D 358 29.29 -23.76 -28.96
N ARG D 359 30.59 -23.63 -28.72
CA ARG D 359 31.49 -24.65 -29.25
C ARG D 359 31.33 -25.96 -28.49
N ALA D 360 30.83 -25.88 -27.26
CA ALA D 360 30.60 -27.08 -26.47
C ALA D 360 29.43 -27.78 -27.15
N MET D 361 28.44 -26.98 -27.54
CA MET D 361 27.26 -27.47 -28.22
C MET D 361 27.57 -28.09 -29.58
N GLU D 362 28.45 -27.43 -30.34
CA GLU D 362 28.84 -27.90 -31.67
C GLU D 362 29.66 -29.19 -31.67
N SER D 363 30.36 -29.48 -30.56
CA SER D 363 31.16 -30.68 -30.48
C SER D 363 30.33 -31.92 -30.22
N HIS D 364 29.02 -31.73 -30.06
CA HIS D 364 28.12 -32.84 -29.80
C HIS D 364 27.10 -32.97 -30.93
N GLN D 365 27.28 -32.14 -31.94
CA GLN D 365 26.41 -32.15 -33.11
C GLN D 365 27.12 -32.88 -34.26
#